data_1WEY
#
_entry.id   1WEY
#
_entity_poly.entity_id   1
_entity_poly.type   'polypeptide(L)'
_entity_poly.pdbx_seq_one_letter_code
;GSSGSSGLIACVANDDVFSESETRAKFESLFRTYDKDTTFQYFKSFKRVRINFSNPLSAADARLRLHKTEFLGKEMKLYF
AQTLHIGSSHLAPPNPDKSGPSSG
;
_entity_poly.pdbx_strand_id   A
#
# COMPACT_ATOMS: atom_id res chain seq x y z
N GLY A 1 -21.72 7.16 3.17
CA GLY A 1 -20.68 7.24 2.17
C GLY A 1 -20.67 6.03 1.23
N SER A 2 -21.65 6.00 0.33
CA SER A 2 -21.75 4.89 -0.62
C SER A 2 -20.39 4.52 -1.17
N SER A 3 -19.71 5.49 -1.77
CA SER A 3 -18.39 5.26 -2.35
C SER A 3 -17.31 5.89 -1.48
N GLY A 4 -16.73 5.07 -0.59
CA GLY A 4 -15.68 5.55 0.29
C GLY A 4 -14.33 4.96 -0.04
N SER A 5 -13.26 5.70 0.28
CA SER A 5 -11.91 5.24 0.01
C SER A 5 -11.30 4.58 1.24
N SER A 6 -10.81 3.36 1.07
CA SER A 6 -10.21 2.61 2.17
C SER A 6 -9.05 1.75 1.67
N GLY A 7 -8.06 2.39 1.06
CA GLY A 7 -6.92 1.66 0.54
C GLY A 7 -5.62 2.08 1.20
N LEU A 8 -4.54 1.37 0.90
CA LEU A 8 -3.24 1.68 1.47
C LEU A 8 -2.12 1.20 0.55
N ILE A 9 -1.15 2.07 0.29
CA ILE A 9 -0.03 1.74 -0.57
C ILE A 9 1.20 1.34 0.25
N ALA A 10 1.39 0.04 0.42
CA ALA A 10 2.54 -0.46 1.18
C ALA A 10 3.76 -0.60 0.31
N CYS A 11 4.86 0.03 0.72
CA CYS A 11 6.11 -0.02 -0.03
C CYS A 11 7.06 -1.03 0.58
N VAL A 12 7.29 -2.13 -0.14
CA VAL A 12 8.18 -3.18 0.33
C VAL A 12 9.51 -3.13 -0.41
N ALA A 13 10.59 -3.34 0.34
CA ALA A 13 11.94 -3.33 -0.25
C ALA A 13 12.39 -4.74 -0.61
N ASN A 14 11.74 -5.74 -0.01
CA ASN A 14 12.09 -7.12 -0.26
C ASN A 14 11.57 -7.58 -1.61
N ASP A 15 12.46 -7.63 -2.60
CA ASP A 15 12.10 -8.04 -3.95
C ASP A 15 11.49 -9.44 -3.93
N ASP A 16 11.77 -10.20 -2.88
CA ASP A 16 11.26 -11.56 -2.75
C ASP A 16 9.75 -11.54 -2.56
N VAL A 17 9.27 -10.66 -1.69
CA VAL A 17 7.84 -10.56 -1.42
C VAL A 17 7.03 -10.57 -2.71
N PHE A 18 7.68 -10.21 -3.81
CA PHE A 18 7.03 -10.19 -5.12
C PHE A 18 7.13 -11.56 -5.80
N SER A 19 6.93 -12.61 -5.02
CA SER A 19 7.00 -13.98 -5.55
C SER A 19 5.90 -14.85 -4.96
N GLU A 20 5.56 -15.92 -5.67
CA GLU A 20 4.52 -16.83 -5.21
C GLU A 20 5.09 -17.87 -4.25
N SER A 21 6.41 -17.83 -4.05
CA SER A 21 7.08 -18.75 -3.16
C SER A 21 6.34 -18.87 -1.83
N GLU A 22 6.44 -17.82 -1.01
CA GLU A 22 5.78 -17.80 0.29
C GLU A 22 5.96 -16.45 0.96
N THR A 23 7.17 -15.89 0.87
CA THR A 23 7.48 -14.60 1.47
C THR A 23 6.31 -13.64 1.33
N ARG A 24 5.57 -13.77 0.23
CA ARG A 24 4.42 -12.91 -0.02
C ARG A 24 3.38 -13.05 1.08
N ALA A 25 2.88 -14.28 1.26
CA ALA A 25 1.88 -14.55 2.27
C ALA A 25 2.12 -13.71 3.52
N LYS A 26 3.25 -13.95 4.18
CA LYS A 26 3.61 -13.22 5.39
C LYS A 26 3.14 -11.77 5.30
N PHE A 27 3.49 -11.11 4.20
CA PHE A 27 3.11 -9.71 4.00
C PHE A 27 1.59 -9.56 4.02
N GLU A 28 0.90 -10.44 3.30
CA GLU A 28 -0.55 -10.40 3.24
C GLU A 28 -1.17 -10.63 4.62
N SER A 29 -0.85 -11.76 5.23
CA SER A 29 -1.37 -12.09 6.54
C SER A 29 -1.44 -10.86 7.43
N LEU A 30 -0.39 -10.03 7.36
CA LEU A 30 -0.33 -8.81 8.17
C LEU A 30 -1.64 -8.03 8.07
N PHE A 31 -2.11 -7.84 6.84
CA PHE A 31 -3.36 -7.11 6.62
C PHE A 31 -4.56 -8.05 6.67
N ARG A 32 -4.52 -9.11 5.86
CA ARG A 32 -5.61 -10.07 5.82
C ARG A 32 -6.10 -10.40 7.23
N THR A 33 -5.17 -10.62 8.14
CA THR A 33 -5.51 -10.94 9.53
C THR A 33 -6.63 -10.04 10.04
N TYR A 34 -6.56 -8.76 9.69
CA TYR A 34 -7.57 -7.79 10.10
C TYR A 34 -8.88 -8.01 9.36
N ASP A 35 -8.87 -7.68 8.06
CA ASP A 35 -10.06 -7.83 7.23
C ASP A 35 -9.90 -9.02 6.28
N LYS A 36 -11.01 -9.68 5.98
CA LYS A 36 -11.01 -10.83 5.09
C LYS A 36 -11.34 -10.41 3.65
N ASP A 37 -12.07 -9.31 3.52
CA ASP A 37 -12.45 -8.79 2.21
C ASP A 37 -11.38 -7.87 1.65
N THR A 38 -10.23 -7.82 2.34
CA THR A 38 -9.13 -6.97 1.91
C THR A 38 -8.46 -7.52 0.65
N THR A 39 -8.32 -6.66 -0.35
CA THR A 39 -7.71 -7.06 -1.62
C THR A 39 -6.27 -6.56 -1.70
N PHE A 40 -5.40 -7.37 -2.30
CA PHE A 40 -3.99 -7.02 -2.45
C PHE A 40 -3.61 -6.93 -3.92
N GLN A 41 -2.91 -5.86 -4.28
CA GLN A 41 -2.48 -5.65 -5.66
C GLN A 41 -1.00 -5.34 -5.72
N TYR A 42 -0.20 -6.31 -6.17
CA TYR A 42 1.23 -6.14 -6.29
C TYR A 42 1.62 -5.55 -7.64
N PHE A 43 2.46 -4.53 -7.64
CA PHE A 43 2.91 -3.89 -8.87
C PHE A 43 4.40 -4.11 -9.09
N LYS A 44 4.73 -5.11 -9.90
CA LYS A 44 6.13 -5.42 -10.19
C LYS A 44 6.85 -4.20 -10.77
N SER A 45 8.12 -4.05 -10.42
CA SER A 45 8.91 -2.93 -10.92
C SER A 45 8.63 -1.67 -10.10
N PHE A 46 7.35 -1.41 -9.85
CA PHE A 46 6.94 -0.23 -9.08
C PHE A 46 7.14 -0.47 -7.59
N LYS A 47 7.56 -1.67 -7.22
CA LYS A 47 7.79 -2.02 -5.83
C LYS A 47 6.70 -1.44 -4.94
N ARG A 48 5.45 -1.57 -5.37
CA ARG A 48 4.32 -1.05 -4.61
C ARG A 48 3.26 -2.14 -4.41
N VAL A 49 2.48 -2.00 -3.35
CA VAL A 49 1.43 -2.96 -3.04
C VAL A 49 0.16 -2.26 -2.55
N ARG A 50 -0.84 -2.18 -3.41
CA ARG A 50 -2.10 -1.54 -3.06
C ARG A 50 -3.02 -2.51 -2.32
N ILE A 51 -3.29 -2.21 -1.05
CA ILE A 51 -4.15 -3.06 -0.23
C ILE A 51 -5.46 -2.36 0.08
N ASN A 52 -6.55 -2.82 -0.55
CA ASN A 52 -7.87 -2.24 -0.35
C ASN A 52 -8.61 -2.96 0.78
N PHE A 53 -9.29 -2.20 1.62
CA PHE A 53 -10.03 -2.77 2.74
C PHE A 53 -11.53 -2.57 2.54
N SER A 54 -12.32 -3.15 3.44
CA SER A 54 -13.78 -3.05 3.35
C SER A 54 -14.29 -1.89 4.20
N ASN A 55 -13.43 -1.40 5.10
CA ASN A 55 -13.80 -0.29 5.97
C ASN A 55 -12.59 0.61 6.24
N PRO A 56 -12.85 1.91 6.43
CA PRO A 56 -11.80 2.90 6.70
C PRO A 56 -11.18 2.72 8.08
N LEU A 57 -11.68 1.73 8.82
CA LEU A 57 -11.17 1.46 10.15
C LEU A 57 -9.89 0.64 10.10
N SER A 58 -10.00 -0.61 9.66
CA SER A 58 -8.85 -1.50 9.56
C SER A 58 -7.67 -0.78 8.90
N ALA A 59 -7.94 -0.19 7.73
CA ALA A 59 -6.89 0.52 6.99
C ALA A 59 -5.98 1.29 7.94
N ALA A 60 -6.56 1.85 9.00
CA ALA A 60 -5.79 2.60 9.98
C ALA A 60 -4.89 1.69 10.79
N ASP A 61 -5.49 0.75 11.51
CA ASP A 61 -4.73 -0.20 12.33
C ASP A 61 -3.63 -0.87 11.51
N ALA A 62 -3.92 -1.14 10.24
CA ALA A 62 -2.97 -1.78 9.35
C ALA A 62 -1.67 -0.97 9.27
N ARG A 63 -1.78 0.33 9.49
CA ARG A 63 -0.62 1.21 9.44
C ARG A 63 0.20 1.10 10.72
N LEU A 64 -0.46 1.29 11.85
CA LEU A 64 0.22 1.22 13.15
C LEU A 64 0.84 -0.16 13.36
N ARG A 65 0.12 -1.20 12.95
CA ARG A 65 0.59 -2.57 13.09
C ARG A 65 1.67 -2.88 12.04
N LEU A 66 1.89 -1.94 11.13
CA LEU A 66 2.88 -2.11 10.08
C LEU A 66 3.71 -0.84 9.90
N HIS A 67 4.14 -0.60 8.65
CA HIS A 67 4.94 0.58 8.35
C HIS A 67 6.41 0.34 8.66
N LYS A 68 7.09 1.38 9.10
CA LYS A 68 8.51 1.29 9.44
C LYS A 68 8.85 -0.08 10.02
N THR A 69 7.87 -0.66 10.73
CA THR A 69 8.07 -1.97 11.34
C THR A 69 8.98 -2.85 10.50
N GLU A 70 10.00 -3.41 11.13
CA GLU A 70 10.95 -4.28 10.43
C GLU A 70 10.27 -5.53 9.91
N PHE A 71 9.81 -5.48 8.66
CA PHE A 71 9.13 -6.61 8.04
C PHE A 71 10.14 -7.69 7.63
N LEU A 72 10.21 -8.75 8.44
CA LEU A 72 11.13 -9.86 8.16
C LEU A 72 12.58 -9.37 8.19
N GLY A 73 12.81 -8.23 8.82
CA GLY A 73 14.14 -7.68 8.92
C GLY A 73 14.32 -6.43 8.08
N LYS A 74 13.48 -6.27 7.07
CA LYS A 74 13.54 -5.11 6.20
C LYS A 74 12.43 -4.13 6.52
N GLU A 75 12.80 -2.89 6.84
CA GLU A 75 11.83 -1.86 7.17
C GLU A 75 10.94 -1.54 5.97
N MET A 76 9.63 -1.62 6.17
CA MET A 76 8.68 -1.34 5.11
C MET A 76 7.95 -0.02 5.36
N LYS A 77 7.37 0.55 4.31
CA LYS A 77 6.65 1.80 4.41
C LYS A 77 5.19 1.63 4.00
N LEU A 78 4.36 2.60 4.35
CA LEU A 78 2.94 2.55 4.02
C LEU A 78 2.37 3.95 3.86
N TYR A 79 1.74 4.21 2.72
CA TYR A 79 1.15 5.52 2.45
C TYR A 79 -0.35 5.41 2.24
N PHE A 80 -1.09 6.42 2.68
CA PHE A 80 -2.54 6.43 2.55
C PHE A 80 -2.95 6.80 1.12
N ALA A 81 -3.39 5.79 0.37
CA ALA A 81 -3.81 6.01 -1.01
C ALA A 81 -4.70 7.24 -1.13
N GLN A 82 -4.19 8.27 -1.79
CA GLN A 82 -4.95 9.51 -1.97
C GLN A 82 -6.16 9.28 -2.87
N THR A 83 -7.35 9.33 -2.26
CA THR A 83 -8.59 9.12 -3.01
C THR A 83 -8.50 7.88 -3.89
N LEU A 84 -9.51 7.69 -4.73
CA LEU A 84 -9.55 6.55 -5.63
C LEU A 84 -9.10 6.95 -7.03
N HIS A 85 -9.84 7.86 -7.65
CA HIS A 85 -9.53 8.33 -8.98
C HIS A 85 -9.75 9.84 -9.10
N ILE A 86 -9.23 10.43 -10.17
CA ILE A 86 -9.37 11.86 -10.40
C ILE A 86 -10.81 12.32 -10.14
N GLY A 87 -10.94 13.43 -9.42
CA GLY A 87 -12.26 13.96 -9.12
C GLY A 87 -12.56 15.25 -9.87
N SER A 88 -12.81 16.31 -9.12
CA SER A 88 -13.12 17.61 -9.71
C SER A 88 -14.44 17.55 -10.47
N SER A 89 -15.22 18.62 -10.37
CA SER A 89 -16.51 18.69 -11.04
C SER A 89 -16.32 18.86 -12.55
N HIS A 90 -16.99 18.01 -13.32
CA HIS A 90 -16.91 18.06 -14.77
C HIS A 90 -18.30 18.09 -15.40
N LEU A 91 -18.34 18.03 -16.73
CA LEU A 91 -19.61 18.05 -17.45
C LEU A 91 -20.62 17.12 -16.79
N ALA A 92 -21.68 17.71 -16.25
CA ALA A 92 -22.73 16.94 -15.60
C ALA A 92 -23.22 15.80 -16.48
N PRO A 93 -23.55 14.65 -15.87
CA PRO A 93 -24.04 13.48 -16.58
C PRO A 93 -25.44 13.68 -17.16
N PRO A 94 -25.79 12.86 -18.16
CA PRO A 94 -27.10 12.93 -18.81
C PRO A 94 -28.23 12.48 -17.89
N ASN A 95 -29.46 12.82 -18.26
CA ASN A 95 -30.62 12.45 -17.47
C ASN A 95 -30.45 11.06 -16.86
N PRO A 96 -30.96 10.88 -15.63
CA PRO A 96 -30.87 9.61 -14.91
C PRO A 96 -31.75 8.53 -15.54
N ASP A 97 -31.86 7.40 -14.86
CA ASP A 97 -32.66 6.28 -15.34
C ASP A 97 -33.39 5.59 -14.19
N LYS A 98 -34.47 4.90 -14.51
CA LYS A 98 -35.24 4.18 -13.51
C LYS A 98 -34.33 3.37 -12.59
N SER A 99 -34.65 3.36 -11.31
CA SER A 99 -33.86 2.62 -10.33
C SER A 99 -34.56 2.58 -8.97
N GLY A 100 -34.16 1.63 -8.13
CA GLY A 100 -34.76 1.49 -6.82
C GLY A 100 -33.74 1.27 -5.73
N PRO A 101 -33.24 2.37 -5.15
CA PRO A 101 -32.23 2.32 -4.08
C PRO A 101 -32.80 1.76 -2.77
N SER A 102 -32.00 0.98 -2.07
CA SER A 102 -32.43 0.38 -0.81
C SER A 102 -31.97 1.22 0.38
N SER A 103 -32.27 0.76 1.58
CA SER A 103 -31.89 1.47 2.79
C SER A 103 -30.45 1.19 3.16
N GLY A 104 -29.90 1.99 4.08
CA GLY A 104 -28.53 1.81 4.50
C GLY A 104 -28.30 2.22 5.94
N GLY A 1 -14.68 17.08 3.47
CA GLY A 1 -14.12 16.76 2.17
C GLY A 1 -14.90 15.68 1.45
N SER A 2 -14.30 14.50 1.34
CA SER A 2 -14.96 13.38 0.67
C SER A 2 -15.30 12.26 1.65
N SER A 3 -15.97 11.23 1.16
CA SER A 3 -16.36 10.11 2.01
C SER A 3 -16.02 8.78 1.33
N GLY A 4 -15.61 7.80 2.12
CA GLY A 4 -15.27 6.50 1.58
C GLY A 4 -13.77 6.33 1.39
N SER A 5 -13.39 5.50 0.43
CA SER A 5 -11.98 5.25 0.14
C SER A 5 -11.30 4.59 1.33
N SER A 6 -10.77 3.39 1.12
CA SER A 6 -10.09 2.64 2.17
C SER A 6 -8.95 1.82 1.60
N GLY A 7 -7.99 2.49 0.97
CA GLY A 7 -6.86 1.81 0.38
C GLY A 7 -5.53 2.27 0.97
N LEU A 8 -4.53 1.39 0.93
CA LEU A 8 -3.22 1.73 1.46
C LEU A 8 -2.11 1.26 0.51
N ILE A 9 -1.12 2.11 0.31
CA ILE A 9 0.00 1.79 -0.57
C ILE A 9 1.25 1.43 0.23
N ALA A 10 1.48 0.14 0.40
CA ALA A 10 2.64 -0.34 1.15
C ALA A 10 3.85 -0.50 0.23
N CYS A 11 4.97 0.11 0.62
CA CYS A 11 6.19 0.03 -0.18
C CYS A 11 7.20 -0.90 0.49
N VAL A 12 7.41 -2.07 -0.12
CA VAL A 12 8.35 -3.05 0.41
C VAL A 12 9.66 -3.03 -0.37
N ALA A 13 10.76 -3.28 0.34
CA ALA A 13 12.08 -3.29 -0.28
C ALA A 13 12.52 -4.71 -0.61
N ASN A 14 11.91 -5.69 0.05
CA ASN A 14 12.24 -7.09 -0.17
C ASN A 14 11.63 -7.60 -1.47
N ASP A 15 12.45 -7.66 -2.52
CA ASP A 15 12.00 -8.13 -3.82
C ASP A 15 11.41 -9.54 -3.72
N ASP A 16 11.64 -10.20 -2.59
CA ASP A 16 11.14 -11.55 -2.37
C ASP A 16 9.66 -11.52 -2.01
N VAL A 17 9.21 -10.41 -1.42
CA VAL A 17 7.82 -10.26 -1.02
C VAL A 17 6.90 -10.29 -2.25
N PHE A 18 7.48 -10.03 -3.42
CA PHE A 18 6.71 -10.03 -4.65
C PHE A 18 6.66 -11.43 -5.26
N SER A 19 6.53 -12.44 -4.41
CA SER A 19 6.47 -13.82 -4.86
C SER A 19 5.40 -14.60 -4.10
N GLU A 20 4.36 -15.02 -4.81
CA GLU A 20 3.27 -15.77 -4.20
C GLU A 20 3.79 -17.06 -3.56
N SER A 21 5.02 -17.41 -3.89
CA SER A 21 5.64 -18.62 -3.37
C SER A 21 5.26 -18.83 -1.90
N GLU A 22 5.72 -17.92 -1.04
CA GLU A 22 5.42 -18.00 0.38
C GLU A 22 5.68 -16.66 1.06
N THR A 23 6.93 -16.19 0.99
CA THR A 23 7.30 -14.92 1.61
C THR A 23 6.18 -13.89 1.47
N ARG A 24 5.52 -13.89 0.31
CA ARG A 24 4.43 -12.95 0.05
C ARG A 24 3.33 -13.09 1.11
N ALA A 25 2.91 -14.32 1.35
CA ALA A 25 1.87 -14.59 2.33
C ALA A 25 2.17 -13.90 3.65
N LYS A 26 3.41 -14.05 4.13
CA LYS A 26 3.83 -13.44 5.38
C LYS A 26 3.46 -11.95 5.42
N PHE A 27 3.43 -11.33 4.24
CA PHE A 27 3.10 -9.91 4.14
C PHE A 27 1.60 -9.72 3.95
N GLU A 28 0.95 -10.73 3.36
CA GLU A 28 -0.49 -10.67 3.11
C GLU A 28 -1.26 -10.83 4.41
N SER A 29 -0.85 -11.80 5.23
CA SER A 29 -1.52 -12.06 6.49
C SER A 29 -1.45 -10.84 7.41
N LEU A 30 -0.39 -10.06 7.25
CA LEU A 30 -0.20 -8.86 8.06
C LEU A 30 -1.44 -7.97 8.01
N PHE A 31 -2.06 -7.88 6.84
CA PHE A 31 -3.25 -7.06 6.66
C PHE A 31 -4.51 -7.93 6.72
N ARG A 32 -4.47 -9.07 6.06
CA ARG A 32 -5.61 -9.99 6.02
C ARG A 32 -6.08 -10.30 7.44
N THR A 33 -5.13 -10.54 8.34
CA THR A 33 -5.46 -10.85 9.73
C THR A 33 -6.56 -9.94 10.25
N TYR A 34 -6.60 -8.71 9.74
CA TYR A 34 -7.61 -7.74 10.17
C TYR A 34 -8.93 -7.97 9.42
N ASP A 35 -8.91 -7.68 8.13
CA ASP A 35 -10.11 -7.86 7.30
C ASP A 35 -9.98 -9.09 6.41
N LYS A 36 -11.08 -9.80 6.25
CA LYS A 36 -11.10 -11.01 5.42
C LYS A 36 -11.50 -10.69 4.00
N ASP A 37 -11.78 -9.41 3.73
CA ASP A 37 -12.19 -8.97 2.41
C ASP A 37 -11.20 -7.93 1.87
N THR A 38 -9.95 -8.01 2.33
CA THR A 38 -8.92 -7.08 1.90
C THR A 38 -8.23 -7.58 0.63
N THR A 39 -8.22 -6.75 -0.40
CA THR A 39 -7.60 -7.11 -1.67
C THR A 39 -6.18 -6.53 -1.77
N PHE A 40 -5.26 -7.33 -2.29
CA PHE A 40 -3.87 -6.90 -2.44
C PHE A 40 -3.50 -6.79 -3.91
N GLN A 41 -2.85 -5.68 -4.26
CA GLN A 41 -2.43 -5.44 -5.64
C GLN A 41 -0.93 -5.21 -5.72
N TYR A 42 -0.22 -6.18 -6.27
CA TYR A 42 1.24 -6.08 -6.41
C TYR A 42 1.62 -5.51 -7.77
N PHE A 43 2.49 -4.51 -7.77
CA PHE A 43 2.93 -3.88 -9.00
C PHE A 43 4.44 -4.07 -9.19
N LYS A 44 4.81 -5.07 -9.98
CA LYS A 44 6.21 -5.35 -10.25
C LYS A 44 6.86 -4.21 -11.02
N SER A 45 6.04 -3.29 -11.52
CA SER A 45 6.53 -2.15 -12.28
C SER A 45 7.03 -1.05 -11.35
N PHE A 46 6.28 -0.80 -10.27
CA PHE A 46 6.64 0.22 -9.31
C PHE A 46 6.95 -0.40 -7.95
N LYS A 47 7.18 -1.70 -7.94
CA LYS A 47 7.49 -2.42 -6.70
C LYS A 47 6.65 -1.88 -5.55
N ARG A 48 5.37 -1.71 -5.79
CA ARG A 48 4.45 -1.21 -4.77
C ARG A 48 3.35 -2.23 -4.46
N VAL A 49 2.64 -2.02 -3.36
CA VAL A 49 1.57 -2.91 -2.96
C VAL A 49 0.36 -2.13 -2.48
N ARG A 50 -0.76 -2.28 -3.19
CA ARG A 50 -1.99 -1.58 -2.84
C ARG A 50 -2.97 -2.53 -2.14
N ILE A 51 -3.17 -2.30 -0.85
CA ILE A 51 -4.08 -3.12 -0.06
C ILE A 51 -5.38 -2.39 0.23
N ASN A 52 -6.45 -2.77 -0.47
CA ASN A 52 -7.75 -2.16 -0.29
C ASN A 52 -8.58 -2.92 0.74
N PHE A 53 -9.19 -2.18 1.65
CA PHE A 53 -10.02 -2.79 2.69
C PHE A 53 -11.50 -2.55 2.42
N SER A 54 -12.34 -2.97 3.36
CA SER A 54 -13.79 -2.81 3.22
C SER A 54 -14.30 -1.71 4.14
N ASN A 55 -13.41 -1.20 4.99
CA ASN A 55 -13.77 -0.14 5.92
C ASN A 55 -12.57 0.75 6.23
N PRO A 56 -12.83 2.06 6.39
CA PRO A 56 -11.79 3.05 6.69
C PRO A 56 -11.21 2.88 8.09
N LEU A 57 -11.69 1.87 8.81
CA LEU A 57 -11.22 1.61 10.16
C LEU A 57 -9.96 0.75 10.15
N SER A 58 -10.11 -0.50 9.71
CA SER A 58 -8.97 -1.42 9.63
C SER A 58 -7.76 -0.74 9.00
N ALA A 59 -7.97 -0.14 7.84
CA ALA A 59 -6.90 0.54 7.13
C ALA A 59 -5.97 1.27 8.10
N ALA A 60 -6.54 1.83 9.16
CA ALA A 60 -5.77 2.54 10.16
C ALA A 60 -4.97 1.57 11.03
N ASP A 61 -5.67 0.71 11.75
CA ASP A 61 -5.04 -0.26 12.62
C ASP A 61 -3.90 -0.98 11.89
N ALA A 62 -4.10 -1.23 10.60
CA ALA A 62 -3.10 -1.90 9.79
C ALA A 62 -1.78 -1.13 9.77
N ARG A 63 -1.87 0.15 9.42
CA ARG A 63 -0.69 1.00 9.36
C ARG A 63 0.12 0.90 10.64
N LEU A 64 -0.53 1.19 11.77
CA LEU A 64 0.13 1.12 13.07
C LEU A 64 0.79 -0.23 13.29
N ARG A 65 0.09 -1.29 12.91
CA ARG A 65 0.61 -2.64 13.06
C ARG A 65 1.68 -2.93 12.02
N LEU A 66 1.92 -1.97 11.14
CA LEU A 66 2.93 -2.12 10.09
C LEU A 66 3.73 -0.83 9.92
N HIS A 67 4.17 -0.58 8.69
CA HIS A 67 4.95 0.62 8.39
C HIS A 67 6.42 0.41 8.72
N LYS A 68 7.08 1.49 9.16
CA LYS A 68 8.49 1.42 9.51
C LYS A 68 8.84 0.08 10.15
N THR A 69 7.86 -0.52 10.83
CA THR A 69 8.07 -1.80 11.49
C THR A 69 9.03 -2.68 10.70
N GLU A 70 10.00 -3.26 11.40
CA GLU A 70 10.98 -4.12 10.77
C GLU A 70 10.36 -5.44 10.33
N PHE A 71 9.87 -5.48 9.09
CA PHE A 71 9.23 -6.68 8.55
C PHE A 71 10.29 -7.69 8.11
N LEU A 72 10.49 -8.72 8.93
CA LEU A 72 11.47 -9.76 8.61
C LEU A 72 12.88 -9.18 8.57
N GLY A 73 13.06 -8.02 9.21
CA GLY A 73 14.36 -7.39 9.23
C GLY A 73 14.42 -6.14 8.38
N LYS A 74 13.57 -6.08 7.36
CA LYS A 74 13.51 -4.93 6.46
C LYS A 74 12.43 -3.95 6.91
N GLU A 75 12.53 -2.72 6.41
CA GLU A 75 11.55 -1.68 6.76
C GLU A 75 10.57 -1.45 5.60
N MET A 76 9.29 -1.55 5.91
CA MET A 76 8.25 -1.35 4.90
C MET A 76 7.50 -0.05 5.14
N LYS A 77 7.32 0.74 4.08
CA LYS A 77 6.62 2.01 4.18
C LYS A 77 5.15 1.86 3.80
N LEU A 78 4.35 2.86 4.14
CA LEU A 78 2.93 2.83 3.83
C LEU A 78 2.39 4.24 3.58
N TYR A 79 1.66 4.40 2.49
CA TYR A 79 1.10 5.71 2.13
C TYR A 79 -0.41 5.59 1.88
N PHE A 80 -1.17 6.47 2.51
CA PHE A 80 -2.62 6.48 2.36
C PHE A 80 -3.01 6.70 0.91
N ALA A 81 -3.35 5.61 0.21
CA ALA A 81 -3.75 5.70 -1.19
C ALA A 81 -4.60 6.92 -1.44
N GLN A 82 -4.40 7.56 -2.60
CA GLN A 82 -5.16 8.75 -2.96
C GLN A 82 -4.84 9.91 -2.03
N THR A 83 -5.01 11.13 -2.52
CA THR A 83 -4.74 12.32 -1.73
C THR A 83 -3.47 12.16 -0.90
N LEU A 84 -2.33 12.47 -1.51
CA LEU A 84 -1.05 12.35 -0.82
C LEU A 84 -1.11 12.98 0.56
N HIS A 85 -0.07 12.76 1.36
CA HIS A 85 0.00 13.32 2.71
C HIS A 85 1.45 13.59 3.10
N ILE A 86 2.22 14.13 2.17
CA ILE A 86 3.63 14.43 2.43
C ILE A 86 3.76 15.58 3.43
N GLY A 87 4.03 15.24 4.68
CA GLY A 87 4.18 16.26 5.71
C GLY A 87 5.14 17.36 5.30
N SER A 88 6.32 16.98 4.83
CA SER A 88 7.32 17.94 4.41
C SER A 88 8.43 17.26 3.61
N SER A 89 8.98 16.20 4.17
CA SER A 89 10.06 15.45 3.51
C SER A 89 11.19 16.40 3.11
N HIS A 90 12.28 15.81 2.61
CA HIS A 90 13.43 16.59 2.18
C HIS A 90 14.06 17.33 3.37
N LEU A 91 15.30 17.77 3.19
CA LEU A 91 16.01 18.49 4.24
C LEU A 91 16.23 17.60 5.46
N ALA A 92 17.28 17.87 6.21
CA ALA A 92 17.60 17.09 7.41
C ALA A 92 17.76 15.62 7.07
N PRO A 93 18.94 15.24 6.56
CA PRO A 93 19.23 13.86 6.20
C PRO A 93 19.36 12.95 7.41
N PRO A 94 19.24 11.63 7.19
CA PRO A 94 19.34 10.63 8.24
C PRO A 94 20.76 10.50 8.80
N ASN A 95 20.93 9.61 9.77
CA ASN A 95 22.24 9.40 10.38
C ASN A 95 23.14 8.57 9.46
N PRO A 96 24.44 8.89 9.46
CA PRO A 96 25.43 8.20 8.64
C PRO A 96 25.68 6.78 9.12
N ASP A 97 26.65 6.11 8.50
CA ASP A 97 26.99 4.74 8.86
C ASP A 97 28.41 4.39 8.41
N LYS A 98 29.39 4.79 9.21
CA LYS A 98 30.78 4.52 8.90
C LYS A 98 31.40 3.55 9.91
N SER A 99 32.23 2.64 9.43
CA SER A 99 32.88 1.66 10.30
C SER A 99 34.39 1.86 10.30
N GLY A 100 35.02 1.51 11.41
CA GLY A 100 36.46 1.66 11.53
C GLY A 100 37.13 0.40 12.04
N PRO A 101 37.26 -0.60 11.15
CA PRO A 101 37.89 -1.88 11.50
C PRO A 101 39.39 -1.75 11.72
N SER A 102 40.02 -2.86 12.09
CA SER A 102 41.47 -2.87 12.33
C SER A 102 42.02 -4.28 12.25
N SER A 103 43.35 -4.39 12.23
CA SER A 103 44.01 -5.69 12.15
C SER A 103 45.01 -5.86 13.28
N GLY A 104 45.57 -7.06 13.39
CA GLY A 104 46.54 -7.33 14.44
C GLY A 104 47.01 -8.77 14.44
N GLY A 1 -23.84 2.53 -3.89
CA GLY A 1 -22.91 3.05 -2.91
C GLY A 1 -21.63 3.55 -3.54
N SER A 2 -20.67 2.66 -3.74
CA SER A 2 -19.39 3.02 -4.34
C SER A 2 -18.97 4.43 -3.92
N SER A 3 -18.40 4.54 -2.73
CA SER A 3 -17.97 5.84 -2.21
C SER A 3 -17.38 5.69 -0.81
N GLY A 4 -16.07 5.50 -0.74
CA GLY A 4 -15.41 5.34 0.54
C GLY A 4 -13.95 4.96 0.40
N SER A 5 -13.06 5.88 0.78
CA SER A 5 -11.62 5.63 0.68
C SER A 5 -11.15 4.74 1.83
N SER A 6 -10.04 4.04 1.60
CA SER A 6 -9.48 3.14 2.60
C SER A 6 -8.20 2.49 2.09
N GLY A 7 -8.14 2.25 0.79
CA GLY A 7 -6.96 1.64 0.21
C GLY A 7 -5.68 2.16 0.80
N LEU A 8 -4.62 1.35 0.73
CA LEU A 8 -3.32 1.74 1.28
C LEU A 8 -2.19 1.30 0.36
N ILE A 9 -1.20 2.16 0.21
CA ILE A 9 -0.05 1.87 -0.64
C ILE A 9 1.19 1.54 0.18
N ALA A 10 1.51 0.26 0.26
CA ALA A 10 2.67 -0.18 1.02
C ALA A 10 3.90 -0.33 0.13
N CYS A 11 5.07 0.00 0.67
CA CYS A 11 6.31 -0.10 -0.08
C CYS A 11 7.29 -1.04 0.61
N VAL A 12 7.48 -2.22 0.02
CA VAL A 12 8.38 -3.22 0.58
C VAL A 12 9.75 -3.15 -0.09
N ALA A 13 10.79 -3.46 0.66
CA ALA A 13 12.15 -3.44 0.13
C ALA A 13 12.60 -4.83 -0.30
N ASN A 14 11.97 -5.86 0.28
CA ASN A 14 12.31 -7.23 -0.05
C ASN A 14 11.68 -7.65 -1.38
N ASP A 15 12.49 -7.66 -2.43
CA ASP A 15 12.01 -8.04 -3.76
C ASP A 15 11.44 -9.45 -3.74
N ASP A 16 11.75 -10.21 -2.69
CA ASP A 16 11.27 -11.57 -2.56
C ASP A 16 9.78 -11.61 -2.26
N VAL A 17 9.26 -10.49 -1.75
CA VAL A 17 7.85 -10.39 -1.42
C VAL A 17 6.98 -10.49 -2.67
N PHE A 18 7.58 -10.24 -3.83
CA PHE A 18 6.86 -10.30 -5.09
C PHE A 18 6.92 -11.71 -5.68
N SER A 19 7.16 -12.69 -4.82
CA SER A 19 7.25 -14.09 -5.26
C SER A 19 6.09 -14.90 -4.70
N GLU A 20 5.75 -15.98 -5.40
CA GLU A 20 4.64 -16.84 -4.98
C GLU A 20 5.13 -17.88 -3.96
N SER A 21 6.44 -18.04 -3.87
CA SER A 21 7.02 -19.00 -2.94
C SER A 21 6.23 -19.05 -1.64
N GLU A 22 6.27 -17.96 -0.88
CA GLU A 22 5.56 -17.90 0.39
C GLU A 22 5.73 -16.53 1.04
N THR A 23 6.91 -15.94 0.84
CA THR A 23 7.21 -14.63 1.42
C THR A 23 6.02 -13.69 1.28
N ARG A 24 5.37 -13.72 0.12
CA ARG A 24 4.21 -12.87 -0.13
C ARG A 24 3.17 -13.03 0.96
N ALA A 25 2.89 -14.28 1.31
CA ALA A 25 1.90 -14.58 2.36
C ALA A 25 2.24 -13.87 3.65
N LYS A 26 3.52 -13.86 4.01
CA LYS A 26 3.98 -13.21 5.22
C LYS A 26 3.58 -11.74 5.24
N PHE A 27 3.48 -11.15 4.06
CA PHE A 27 3.11 -9.74 3.94
C PHE A 27 1.59 -9.58 3.90
N GLU A 28 0.91 -10.60 3.39
CA GLU A 28 -0.54 -10.57 3.31
C GLU A 28 -1.18 -10.83 4.66
N SER A 29 -0.91 -12.00 5.23
CA SER A 29 -1.46 -12.36 6.54
C SER A 29 -1.56 -11.14 7.44
N LEU A 30 -0.57 -10.26 7.35
CA LEU A 30 -0.55 -9.05 8.17
C LEU A 30 -1.85 -8.27 8.03
N PHE A 31 -2.12 -7.81 6.81
CA PHE A 31 -3.35 -7.05 6.54
C PHE A 31 -4.58 -7.95 6.63
N ARG A 32 -4.52 -9.07 5.93
CA ARG A 32 -5.63 -10.02 5.92
C ARG A 32 -6.13 -10.30 7.34
N THR A 33 -5.19 -10.53 8.25
CA THR A 33 -5.53 -10.81 9.64
C THR A 33 -6.64 -9.89 10.13
N TYR A 34 -6.65 -8.65 9.64
CA TYR A 34 -7.66 -7.68 10.02
C TYR A 34 -8.98 -7.94 9.28
N ASP A 35 -8.99 -7.64 7.99
CA ASP A 35 -10.18 -7.84 7.17
C ASP A 35 -10.00 -9.02 6.23
N LYS A 36 -11.09 -9.74 5.96
CA LYS A 36 -11.05 -10.89 5.07
C LYS A 36 -11.39 -10.49 3.64
N ASP A 37 -12.02 -9.32 3.48
CA ASP A 37 -12.39 -8.82 2.17
C ASP A 37 -11.36 -7.82 1.65
N THR A 38 -10.11 -8.00 2.07
CA THR A 38 -9.03 -7.11 1.66
C THR A 38 -8.37 -7.61 0.38
N THR A 39 -8.24 -6.73 -0.60
CA THR A 39 -7.63 -7.08 -1.88
C THR A 39 -6.21 -6.54 -1.97
N PHE A 40 -5.29 -7.37 -2.44
CA PHE A 40 -3.89 -6.97 -2.58
C PHE A 40 -3.49 -6.89 -4.05
N GLN A 41 -2.73 -5.86 -4.39
CA GLN A 41 -2.29 -5.66 -5.76
C GLN A 41 -0.78 -5.45 -5.82
N TYR A 42 -0.06 -6.48 -6.26
CA TYR A 42 1.40 -6.39 -6.36
C TYR A 42 1.82 -5.88 -7.73
N PHE A 43 2.46 -4.72 -7.74
CA PHE A 43 2.93 -4.12 -8.99
C PHE A 43 4.41 -4.40 -9.22
N LYS A 44 4.70 -5.39 -10.05
CA LYS A 44 6.07 -5.76 -10.36
C LYS A 44 6.74 -4.70 -11.22
N SER A 45 5.98 -3.68 -11.60
CA SER A 45 6.50 -2.61 -12.44
C SER A 45 6.91 -1.41 -11.59
N PHE A 46 6.22 -1.23 -10.46
CA PHE A 46 6.50 -0.12 -9.56
C PHE A 46 6.88 -0.63 -8.17
N LYS A 47 7.24 -1.91 -8.11
CA LYS A 47 7.63 -2.53 -6.84
C LYS A 47 6.76 -2.03 -5.69
N ARG A 48 5.51 -1.69 -6.01
CA ARG A 48 4.58 -1.19 -5.00
C ARG A 48 3.48 -2.22 -4.74
N VAL A 49 2.75 -2.03 -3.63
CA VAL A 49 1.68 -2.94 -3.27
C VAL A 49 0.47 -2.17 -2.75
N ARG A 50 -0.67 -2.35 -3.43
CA ARG A 50 -1.90 -1.68 -3.03
C ARG A 50 -2.83 -2.62 -2.28
N ILE A 51 -3.16 -2.26 -1.05
CA ILE A 51 -4.04 -3.08 -0.23
C ILE A 51 -5.38 -2.39 0.01
N ASN A 52 -6.42 -2.87 -0.67
CA ASN A 52 -7.75 -2.29 -0.53
C ASN A 52 -8.53 -2.99 0.57
N PHE A 53 -9.04 -2.21 1.52
CA PHE A 53 -9.80 -2.74 2.64
C PHE A 53 -11.30 -2.50 2.44
N SER A 54 -12.10 -2.94 3.41
CA SER A 54 -13.55 -2.77 3.34
C SER A 54 -14.00 -1.58 4.18
N ASN A 55 -13.04 -0.87 4.75
CA ASN A 55 -13.34 0.28 5.59
C ASN A 55 -12.06 0.99 6.02
N PRO A 56 -12.16 2.31 6.24
CA PRO A 56 -11.01 3.13 6.66
C PRO A 56 -10.59 2.83 8.10
N LEU A 57 -11.45 2.17 8.84
CA LEU A 57 -11.16 1.81 10.22
C LEU A 57 -9.98 0.85 10.30
N SER A 58 -10.11 -0.31 9.65
CA SER A 58 -9.06 -1.31 9.65
C SER A 58 -7.77 -0.73 9.08
N ALA A 59 -7.87 -0.14 7.89
CA ALA A 59 -6.71 0.45 7.24
C ALA A 59 -5.83 1.21 8.22
N ALA A 60 -6.47 1.78 9.25
CA ALA A 60 -5.74 2.52 10.27
C ALA A 60 -4.94 1.59 11.16
N ASP A 61 -5.64 0.74 11.91
CA ASP A 61 -4.99 -0.21 12.81
C ASP A 61 -3.83 -0.92 12.12
N ALA A 62 -3.96 -1.09 10.80
CA ALA A 62 -2.92 -1.75 10.02
C ALA A 62 -1.65 -0.91 9.98
N ARG A 63 -1.79 0.38 9.65
CA ARG A 63 -0.66 1.28 9.58
C ARG A 63 0.18 1.22 10.86
N LEU A 64 -0.49 1.37 11.99
CA LEU A 64 0.18 1.34 13.29
C LEU A 64 0.87 0.00 13.50
N ARG A 65 0.23 -1.08 13.05
CA ARG A 65 0.77 -2.42 13.19
C ARG A 65 1.88 -2.67 12.16
N LEU A 66 1.82 -1.93 11.06
CA LEU A 66 2.81 -2.08 10.00
C LEU A 66 3.61 -0.79 9.82
N HIS A 67 4.05 -0.53 8.59
CA HIS A 67 4.82 0.67 8.28
C HIS A 67 6.30 0.46 8.60
N LYS A 68 6.96 1.53 9.02
CA LYS A 68 8.38 1.47 9.36
C LYS A 68 8.73 0.13 10.02
N THR A 69 7.76 -0.44 10.72
CA THR A 69 7.95 -1.72 11.40
C THR A 69 8.90 -2.62 10.61
N GLU A 70 9.91 -3.14 11.29
CA GLU A 70 10.89 -4.03 10.65
C GLU A 70 10.22 -5.31 10.18
N PHE A 71 9.80 -5.33 8.92
CA PHE A 71 9.15 -6.50 8.35
C PHE A 71 10.18 -7.53 7.91
N LEU A 72 10.27 -8.63 8.65
CA LEU A 72 11.22 -9.69 8.34
C LEU A 72 12.65 -9.17 8.38
N GLY A 73 12.87 -8.11 9.14
CA GLY A 73 14.20 -7.53 9.25
C GLY A 73 14.35 -6.25 8.44
N LYS A 74 13.53 -6.12 7.40
CA LYS A 74 13.58 -4.94 6.55
C LYS A 74 12.46 -3.96 6.90
N GLU A 75 12.77 -2.67 6.83
CA GLU A 75 11.78 -1.64 7.16
C GLU A 75 10.90 -1.34 5.94
N MET A 76 9.59 -1.46 6.14
CA MET A 76 8.64 -1.20 5.06
C MET A 76 7.93 0.14 5.26
N LYS A 77 7.38 0.68 4.19
CA LYS A 77 6.69 1.96 4.25
C LYS A 77 5.20 1.79 3.93
N LEU A 78 4.41 2.82 4.21
CA LEU A 78 2.98 2.78 3.95
C LEU A 78 2.43 4.18 3.69
N TYR A 79 1.56 4.29 2.69
CA TYR A 79 0.97 5.58 2.35
C TYR A 79 -0.55 5.47 2.25
N PHE A 80 -1.24 6.49 2.75
CA PHE A 80 -2.70 6.50 2.71
C PHE A 80 -3.21 6.66 1.29
N ALA A 81 -3.38 5.54 0.59
CA ALA A 81 -3.86 5.56 -0.79
C ALA A 81 -5.01 6.54 -0.95
N GLN A 82 -5.16 7.09 -2.16
CA GLN A 82 -6.22 8.05 -2.44
C GLN A 82 -6.51 8.10 -3.93
N THR A 83 -7.55 8.85 -4.30
CA THR A 83 -7.94 8.98 -5.70
C THR A 83 -7.02 9.96 -6.43
N LEU A 84 -7.14 9.99 -7.75
CA LEU A 84 -6.32 10.89 -8.57
C LEU A 84 -6.22 12.27 -7.93
N HIS A 85 -5.07 12.91 -8.08
CA HIS A 85 -4.84 14.24 -7.53
C HIS A 85 -3.88 15.04 -8.40
N ILE A 86 -4.03 14.90 -9.72
CA ILE A 86 -3.17 15.61 -10.66
C ILE A 86 -3.73 16.99 -10.97
N GLY A 87 -4.98 17.22 -10.58
CA GLY A 87 -5.60 18.51 -10.82
C GLY A 87 -6.30 18.57 -12.16
N SER A 88 -5.56 18.29 -13.23
CA SER A 88 -6.12 18.32 -14.57
C SER A 88 -6.18 16.92 -15.16
N SER A 89 -7.11 16.71 -16.10
CA SER A 89 -7.27 15.41 -16.74
C SER A 89 -6.35 15.28 -17.95
N HIS A 90 -6.53 16.18 -18.92
CA HIS A 90 -5.72 16.16 -20.13
C HIS A 90 -5.85 14.84 -20.86
N LEU A 91 -6.59 14.84 -21.96
CA LEU A 91 -6.81 13.64 -22.76
C LEU A 91 -5.75 13.52 -23.86
N ALA A 92 -4.84 12.56 -23.70
CA ALA A 92 -3.79 12.35 -24.69
C ALA A 92 -4.36 11.72 -25.96
N PRO A 93 -3.82 12.15 -27.11
CA PRO A 93 -4.24 11.65 -28.42
C PRO A 93 -3.84 10.20 -28.66
N PRO A 94 -4.61 9.49 -29.49
CA PRO A 94 -4.35 8.08 -29.82
C PRO A 94 -3.10 7.91 -30.67
N ASN A 95 -2.53 6.71 -30.63
CA ASN A 95 -1.32 6.41 -31.40
C ASN A 95 -1.12 4.91 -31.53
N PRO A 96 -1.84 4.30 -32.50
CA PRO A 96 -1.76 2.86 -32.75
C PRO A 96 -0.42 2.45 -33.37
N ASP A 97 0.10 1.31 -32.95
CA ASP A 97 1.36 0.81 -33.46
C ASP A 97 1.13 -0.18 -34.60
N LYS A 98 1.88 0.00 -35.68
CA LYS A 98 1.77 -0.86 -36.84
C LYS A 98 2.80 -1.98 -36.79
N SER A 99 2.86 -2.78 -37.85
CA SER A 99 3.80 -3.89 -37.93
C SER A 99 3.61 -4.85 -36.76
N GLY A 100 3.20 -6.08 -37.08
CA GLY A 100 2.97 -7.08 -36.04
C GLY A 100 3.10 -8.49 -36.57
N PRO A 101 2.10 -8.91 -37.36
CA PRO A 101 2.07 -10.26 -37.94
C PRO A 101 3.14 -10.45 -39.02
N SER A 102 3.20 -11.65 -39.58
CA SER A 102 4.17 -11.95 -40.63
C SER A 102 4.04 -13.40 -41.09
N SER A 103 4.60 -13.71 -42.25
CA SER A 103 4.55 -15.05 -42.81
C SER A 103 5.25 -16.05 -41.89
N GLY A 104 5.02 -17.33 -42.13
CA GLY A 104 5.64 -18.37 -41.33
C GLY A 104 7.16 -18.32 -41.40
N GLY A 1 -14.97 6.93 -5.23
CA GLY A 1 -14.06 5.81 -5.26
C GLY A 1 -14.59 4.65 -6.09
N SER A 2 -13.88 4.33 -7.16
CA SER A 2 -14.30 3.23 -8.04
C SER A 2 -13.54 1.95 -7.70
N SER A 3 -14.22 1.04 -7.00
CA SER A 3 -13.61 -0.23 -6.61
C SER A 3 -12.32 0.01 -5.83
N GLY A 4 -12.39 -0.17 -4.52
CA GLY A 4 -11.23 0.03 -3.68
C GLY A 4 -11.58 0.59 -2.31
N SER A 5 -11.57 1.92 -2.19
CA SER A 5 -11.88 2.58 -0.94
C SER A 5 -10.93 2.13 0.17
N SER A 6 -10.79 2.98 1.19
CA SER A 6 -9.90 2.67 2.30
C SER A 6 -8.68 1.89 1.83
N GLY A 7 -8.07 2.35 0.74
CA GLY A 7 -6.90 1.69 0.21
C GLY A 7 -5.63 2.11 0.92
N LEU A 8 -4.56 1.34 0.70
CA LEU A 8 -3.27 1.64 1.33
C LEU A 8 -2.12 1.19 0.44
N ILE A 9 -1.17 2.10 0.21
CA ILE A 9 -0.02 1.81 -0.63
C ILE A 9 1.17 1.37 0.22
N ALA A 10 1.42 0.06 0.26
CA ALA A 10 2.53 -0.48 1.03
C ALA A 10 3.79 -0.63 0.16
N CYS A 11 4.87 0.02 0.58
CA CYS A 11 6.12 -0.04 -0.15
C CYS A 11 7.11 -0.99 0.52
N VAL A 12 7.31 -2.15 -0.10
CA VAL A 12 8.23 -3.15 0.44
C VAL A 12 9.59 -3.09 -0.26
N ALA A 13 10.64 -3.42 0.47
CA ALA A 13 11.99 -3.41 -0.07
C ALA A 13 12.43 -4.81 -0.49
N ASN A 14 11.88 -5.81 0.18
CA ASN A 14 12.21 -7.20 -0.11
C ASN A 14 11.60 -7.64 -1.44
N ASP A 15 12.44 -7.76 -2.47
CA ASP A 15 11.98 -8.18 -3.79
C ASP A 15 11.39 -9.58 -3.75
N ASP A 16 11.72 -10.32 -2.68
CA ASP A 16 11.22 -11.68 -2.53
C ASP A 16 9.73 -11.68 -2.19
N VAL A 17 9.24 -10.53 -1.73
CA VAL A 17 7.82 -10.40 -1.37
C VAL A 17 6.93 -10.47 -2.61
N PHE A 18 7.54 -10.26 -3.78
CA PHE A 18 6.80 -10.29 -5.04
C PHE A 18 6.92 -11.66 -5.70
N SER A 19 6.75 -12.71 -4.91
CA SER A 19 6.85 -14.08 -5.42
C SER A 19 5.76 -14.96 -4.82
N GLU A 20 5.50 -16.09 -5.46
CA GLU A 20 4.49 -17.02 -4.99
C GLU A 20 5.07 -18.01 -3.97
N SER A 21 6.40 -18.04 -3.89
CA SER A 21 7.08 -18.92 -2.96
C SER A 21 6.36 -18.98 -1.62
N GLU A 22 6.48 -17.90 -0.85
CA GLU A 22 5.83 -17.84 0.46
C GLU A 22 6.03 -16.46 1.08
N THR A 23 7.23 -15.91 0.94
CA THR A 23 7.56 -14.61 1.49
C THR A 23 6.39 -13.64 1.34
N ARG A 24 5.62 -13.80 0.27
CA ARG A 24 4.46 -12.95 0.02
C ARG A 24 3.43 -13.09 1.13
N ALA A 25 2.94 -14.31 1.33
CA ALA A 25 1.94 -14.58 2.36
C ALA A 25 2.19 -13.71 3.59
N LYS A 26 3.35 -13.88 4.21
CA LYS A 26 3.71 -13.11 5.39
C LYS A 26 3.22 -11.67 5.28
N PHE A 27 3.48 -11.06 4.13
CA PHE A 27 3.07 -9.68 3.88
C PHE A 27 1.56 -9.55 3.91
N GLU A 28 0.87 -10.52 3.32
CA GLU A 28 -0.59 -10.52 3.28
C GLU A 28 -1.18 -10.78 4.66
N SER A 29 -0.87 -11.94 5.22
CA SER A 29 -1.36 -12.32 6.54
C SER A 29 -1.43 -11.09 7.46
N LEU A 30 -0.46 -10.21 7.32
CA LEU A 30 -0.41 -8.99 8.14
C LEU A 30 -1.70 -8.20 8.02
N PHE A 31 -2.07 -7.86 6.78
CA PHE A 31 -3.29 -7.10 6.54
C PHE A 31 -4.51 -7.99 6.62
N ARG A 32 -4.54 -9.05 5.82
CA ARG A 32 -5.65 -9.99 5.80
C ARG A 32 -6.15 -10.26 7.21
N THR A 33 -5.21 -10.55 8.11
CA THR A 33 -5.56 -10.84 9.51
C THR A 33 -6.67 -9.92 10.00
N TYR A 34 -6.58 -8.64 9.65
CA TYR A 34 -7.57 -7.66 10.06
C TYR A 34 -8.90 -7.90 9.34
N ASP A 35 -8.93 -7.63 8.05
CA ASP A 35 -10.13 -7.81 7.26
C ASP A 35 -9.98 -9.02 6.32
N LYS A 36 -11.09 -9.71 6.07
CA LYS A 36 -11.08 -10.87 5.20
C LYS A 36 -11.42 -10.48 3.76
N ASP A 37 -12.14 -9.38 3.60
CA ASP A 37 -12.52 -8.88 2.29
C ASP A 37 -11.51 -7.87 1.78
N THR A 38 -10.25 -8.02 2.19
CA THR A 38 -9.20 -7.12 1.77
C THR A 38 -8.51 -7.62 0.51
N THR A 39 -8.47 -6.76 -0.52
CA THR A 39 -7.84 -7.12 -1.79
C THR A 39 -6.44 -6.54 -1.89
N PHE A 40 -5.48 -7.37 -2.31
CA PHE A 40 -4.10 -6.93 -2.46
C PHE A 40 -3.71 -6.82 -3.92
N GLN A 41 -2.93 -5.80 -4.25
CA GLN A 41 -2.49 -5.58 -5.63
C GLN A 41 -1.00 -5.26 -5.67
N TYR A 42 -0.21 -6.23 -6.12
CA TYR A 42 1.23 -6.05 -6.22
C TYR A 42 1.62 -5.44 -7.56
N PHE A 43 2.67 -4.62 -7.56
CA PHE A 43 3.14 -3.98 -8.77
C PHE A 43 4.56 -4.42 -9.10
N LYS A 44 4.70 -5.25 -10.13
CA LYS A 44 6.01 -5.75 -10.53
C LYS A 44 6.73 -4.72 -11.39
N SER A 45 6.73 -3.47 -10.93
CA SER A 45 7.39 -2.39 -11.65
C SER A 45 7.78 -1.27 -10.70
N PHE A 46 6.91 -0.98 -9.74
CA PHE A 46 7.16 0.08 -8.77
C PHE A 46 7.25 -0.49 -7.35
N LYS A 47 7.55 -1.78 -7.26
CA LYS A 47 7.66 -2.45 -5.97
C LYS A 47 6.61 -1.94 -5.00
N ARG A 48 5.42 -1.63 -5.52
CA ARG A 48 4.33 -1.14 -4.70
C ARG A 48 3.28 -2.23 -4.47
N VAL A 49 2.44 -2.02 -3.46
CA VAL A 49 1.39 -2.98 -3.14
C VAL A 49 0.16 -2.28 -2.57
N ARG A 50 -0.86 -2.11 -3.42
CA ARG A 50 -2.09 -1.46 -3.00
C ARG A 50 -3.04 -2.45 -2.35
N ILE A 51 -3.42 -2.18 -1.11
CA ILE A 51 -4.32 -3.06 -0.38
C ILE A 51 -5.64 -2.35 -0.07
N ASN A 52 -6.69 -2.72 -0.79
CA ASN A 52 -8.01 -2.12 -0.59
C ASN A 52 -8.80 -2.88 0.47
N PHE A 53 -9.25 -2.16 1.50
CA PHE A 53 -10.02 -2.77 2.58
C PHE A 53 -11.51 -2.56 2.37
N SER A 54 -12.31 -2.98 3.34
CA SER A 54 -13.75 -2.83 3.27
C SER A 54 -14.23 -1.64 4.11
N ASN A 55 -13.34 -1.12 4.94
CA ASN A 55 -13.66 0.02 5.78
C ASN A 55 -12.41 0.83 6.11
N PRO A 56 -12.58 2.15 6.23
CA PRO A 56 -11.47 3.06 6.55
C PRO A 56 -10.97 2.90 7.98
N LEU A 57 -11.67 2.09 8.75
CA LEU A 57 -11.30 1.84 10.14
C LEU A 57 -10.04 0.98 10.22
N SER A 58 -10.13 -0.24 9.69
CA SER A 58 -9.00 -1.16 9.71
C SER A 58 -7.79 -0.54 9.02
N ALA A 59 -8.01 0.03 7.84
CA ALA A 59 -6.94 0.66 7.09
C ALA A 59 -5.94 1.35 8.01
N ALA A 60 -6.44 1.87 9.13
CA ALA A 60 -5.58 2.54 10.10
C ALA A 60 -4.82 1.54 10.95
N ASP A 61 -5.54 0.74 11.73
CA ASP A 61 -4.93 -0.27 12.59
C ASP A 61 -3.77 -0.96 11.87
N ALA A 62 -3.95 -1.23 10.58
CA ALA A 62 -2.93 -1.89 9.79
C ALA A 62 -1.63 -1.08 9.80
N ARG A 63 -1.74 0.20 9.47
CA ARG A 63 -0.57 1.08 9.43
C ARG A 63 0.23 0.98 10.72
N LEU A 64 -0.43 1.23 11.84
CA LEU A 64 0.22 1.16 13.15
C LEU A 64 0.89 -0.20 13.35
N ARG A 65 0.21 -1.26 12.94
CA ARG A 65 0.74 -2.61 13.07
C ARG A 65 1.86 -2.85 12.07
N LEU A 66 1.88 -2.07 11.00
CA LEU A 66 2.90 -2.20 9.97
C LEU A 66 3.69 -0.90 9.82
N HIS A 67 4.17 -0.64 8.61
CA HIS A 67 4.94 0.56 8.33
C HIS A 67 6.40 0.37 8.70
N LYS A 68 7.05 1.43 9.16
CA LYS A 68 8.45 1.39 9.55
C LYS A 68 8.80 0.02 10.15
N THR A 69 7.83 -0.58 10.84
CA THR A 69 8.04 -1.87 11.46
C THR A 69 8.97 -2.74 10.64
N GLU A 70 9.99 -3.30 11.30
CA GLU A 70 10.96 -4.15 10.62
C GLU A 70 10.29 -5.42 10.09
N PHE A 71 9.83 -5.36 8.85
CA PHE A 71 9.17 -6.51 8.22
C PHE A 71 10.19 -7.55 7.78
N LEU A 72 10.25 -8.65 8.53
CA LEU A 72 11.18 -9.73 8.22
C LEU A 72 12.62 -9.22 8.22
N GLY A 73 12.88 -8.20 9.04
CA GLY A 73 14.21 -7.64 9.12
C GLY A 73 14.36 -6.37 8.31
N LYS A 74 13.53 -6.22 7.29
CA LYS A 74 13.57 -5.03 6.43
C LYS A 74 12.37 -4.13 6.70
N GLU A 75 12.65 -2.86 6.99
CA GLU A 75 11.59 -1.90 7.27
C GLU A 75 10.76 -1.64 6.02
N MET A 76 9.44 -1.56 6.18
CA MET A 76 8.54 -1.31 5.07
C MET A 76 7.78 0.00 5.27
N LYS A 77 7.46 0.66 4.16
CA LYS A 77 6.73 1.93 4.21
C LYS A 77 5.25 1.71 3.90
N LEU A 78 4.45 2.73 4.20
CA LEU A 78 3.01 2.65 3.96
C LEU A 78 2.41 4.05 3.77
N TYR A 79 1.54 4.19 2.78
CA TYR A 79 0.91 5.47 2.50
C TYR A 79 -0.59 5.31 2.33
N PHE A 80 -1.34 6.34 2.70
CA PHE A 80 -2.80 6.31 2.58
C PHE A 80 -3.24 6.45 1.13
N ALA A 81 -3.87 5.42 0.60
CA ALA A 81 -4.34 5.43 -0.78
C ALA A 81 -5.66 6.18 -0.90
N GLN A 82 -5.58 7.41 -1.39
CA GLN A 82 -6.78 8.24 -1.55
C GLN A 82 -6.51 9.40 -2.52
N THR A 83 -5.54 10.23 -2.17
CA THR A 83 -5.19 11.37 -3.00
C THR A 83 -3.70 11.70 -2.89
N LEU A 84 -3.22 12.60 -3.75
CA LEU A 84 -1.82 12.99 -3.74
C LEU A 84 -1.53 13.95 -2.59
N HIS A 85 -1.31 13.38 -1.40
CA HIS A 85 -1.01 14.19 -0.22
C HIS A 85 0.17 13.61 0.55
N ILE A 86 1.36 14.11 0.25
CA ILE A 86 2.57 13.64 0.91
C ILE A 86 3.30 14.78 1.62
N GLY A 87 3.56 15.85 0.87
CA GLY A 87 4.24 17.00 1.44
C GLY A 87 5.69 17.08 1.02
N SER A 88 5.95 16.84 -0.26
CA SER A 88 7.31 16.88 -0.79
C SER A 88 7.35 17.59 -2.14
N SER A 89 8.55 17.88 -2.62
CA SER A 89 8.72 18.56 -3.89
C SER A 89 9.06 17.57 -5.01
N HIS A 90 8.42 17.74 -6.16
CA HIS A 90 8.64 16.85 -7.29
C HIS A 90 10.13 16.76 -7.62
N LEU A 91 10.58 15.57 -8.01
CA LEU A 91 11.98 15.35 -8.36
C LEU A 91 12.87 15.54 -7.13
N ALA A 92 13.95 14.77 -7.08
CA ALA A 92 14.88 14.85 -5.96
C ALA A 92 16.24 14.23 -6.33
N PRO A 93 17.26 14.52 -5.52
CA PRO A 93 18.61 14.01 -5.74
C PRO A 93 18.71 12.50 -5.48
N PRO A 94 19.84 11.90 -5.89
CA PRO A 94 20.08 10.46 -5.71
C PRO A 94 20.29 10.09 -4.25
N ASN A 95 19.98 8.84 -3.92
CA ASN A 95 20.14 8.36 -2.55
C ASN A 95 21.31 7.38 -2.45
N PRO A 96 22.53 7.93 -2.31
CA PRO A 96 23.75 7.14 -2.20
C PRO A 96 23.83 6.38 -0.88
N ASP A 97 23.83 5.06 -0.96
CA ASP A 97 23.91 4.22 0.24
C ASP A 97 25.24 3.47 0.29
N LYS A 98 25.70 3.19 1.51
CA LYS A 98 26.96 2.48 1.70
C LYS A 98 26.88 1.07 1.13
N SER A 99 28.02 0.37 1.09
CA SER A 99 28.07 -0.99 0.57
C SER A 99 28.10 -2.00 1.70
N GLY A 100 27.93 -3.27 1.36
CA GLY A 100 27.94 -4.32 2.36
C GLY A 100 28.67 -5.57 1.89
N PRO A 101 28.72 -6.59 2.76
CA PRO A 101 29.39 -7.85 2.44
C PRO A 101 28.65 -8.66 1.37
N SER A 102 29.20 -9.82 1.03
CA SER A 102 28.60 -10.67 0.01
C SER A 102 28.15 -12.00 0.62
N SER A 103 29.05 -12.97 0.62
CA SER A 103 28.76 -14.29 1.17
C SER A 103 30.03 -14.95 1.72
N GLY A 104 29.85 -16.08 2.40
CA GLY A 104 30.99 -16.79 2.96
C GLY A 104 31.63 -17.73 1.96
N GLY A 1 -16.39 1.92 -12.74
CA GLY A 1 -15.46 0.81 -12.63
C GLY A 1 -15.04 0.55 -11.19
N SER A 2 -13.85 1.03 -10.83
CA SER A 2 -13.33 0.84 -9.48
C SER A 2 -13.54 2.10 -8.64
N SER A 3 -13.43 1.94 -7.31
CA SER A 3 -13.61 3.06 -6.40
C SER A 3 -12.66 2.94 -5.21
N GLY A 4 -12.00 4.05 -4.89
CA GLY A 4 -11.06 4.06 -3.78
C GLY A 4 -11.60 4.79 -2.57
N SER A 5 -11.60 4.14 -1.42
CA SER A 5 -12.10 4.74 -0.19
C SER A 5 -11.20 4.39 0.99
N SER A 6 -10.91 3.10 1.14
CA SER A 6 -10.07 2.62 2.23
C SER A 6 -8.91 1.79 1.70
N GLY A 7 -8.00 2.44 0.99
CA GLY A 7 -6.85 1.74 0.43
C GLY A 7 -5.56 2.11 1.12
N LEU A 8 -4.50 1.35 0.83
CA LEU A 8 -3.19 1.61 1.43
C LEU A 8 -2.07 1.17 0.49
N ILE A 9 -1.16 2.10 0.19
CA ILE A 9 -0.04 1.80 -0.69
C ILE A 9 1.22 1.47 0.12
N ALA A 10 1.47 0.18 0.30
CA ALA A 10 2.64 -0.27 1.04
C ALA A 10 3.83 -0.48 0.12
N CYS A 11 4.98 0.08 0.50
CA CYS A 11 6.19 -0.04 -0.29
C CYS A 11 7.16 -1.02 0.35
N VAL A 12 7.25 -2.22 -0.24
CA VAL A 12 8.14 -3.25 0.28
C VAL A 12 9.50 -3.19 -0.40
N ALA A 13 10.56 -3.40 0.38
CA ALA A 13 11.92 -3.37 -0.15
C ALA A 13 12.43 -4.78 -0.44
N ASN A 14 11.70 -5.78 0.07
CA ASN A 14 12.08 -7.17 -0.14
C ASN A 14 11.51 -7.71 -1.45
N ASP A 15 12.35 -7.84 -2.45
CA ASP A 15 11.93 -8.34 -3.75
C ASP A 15 11.43 -9.79 -3.65
N ASP A 16 11.68 -10.40 -2.49
CA ASP A 16 11.25 -11.78 -2.26
C ASP A 16 9.75 -11.85 -1.97
N VAL A 17 9.17 -10.70 -1.63
CA VAL A 17 7.74 -10.64 -1.33
C VAL A 17 6.91 -10.73 -2.61
N PHE A 18 7.56 -10.51 -3.75
CA PHE A 18 6.87 -10.56 -5.04
C PHE A 18 6.95 -11.96 -5.64
N SER A 19 6.75 -12.96 -4.80
CA SER A 19 6.80 -14.36 -5.24
C SER A 19 5.70 -15.18 -4.59
N GLU A 20 5.38 -16.32 -5.19
CA GLU A 20 4.33 -17.20 -4.67
C GLU A 20 4.91 -18.19 -3.67
N SER A 21 6.24 -18.20 -3.55
CA SER A 21 6.92 -19.11 -2.64
C SER A 21 6.19 -19.17 -1.29
N GLU A 22 6.31 -18.10 -0.52
CA GLU A 22 5.66 -18.02 0.79
C GLU A 22 5.81 -16.64 1.40
N THR A 23 6.96 -16.01 1.17
CA THR A 23 7.24 -14.69 1.70
C THR A 23 6.02 -13.77 1.53
N ARG A 24 5.38 -13.85 0.36
CA ARG A 24 4.21 -13.04 0.08
C ARG A 24 3.16 -13.21 1.16
N ALA A 25 2.89 -14.46 1.54
CA ALA A 25 1.89 -14.77 2.55
C ALA A 25 2.19 -14.01 3.84
N LYS A 26 3.47 -13.88 4.17
CA LYS A 26 3.90 -13.18 5.37
C LYS A 26 3.50 -11.71 5.31
N PHE A 27 3.45 -11.16 4.11
CA PHE A 27 3.08 -9.76 3.92
C PHE A 27 1.57 -9.59 3.92
N GLU A 28 0.87 -10.51 3.28
CA GLU A 28 -0.59 -10.46 3.23
C GLU A 28 -1.20 -10.72 4.60
N SER A 29 -0.92 -11.90 5.15
CA SER A 29 -1.44 -12.27 6.46
C SER A 29 -1.48 -11.06 7.39
N LEU A 30 -0.43 -10.24 7.33
CA LEU A 30 -0.34 -9.05 8.17
C LEU A 30 -1.62 -8.22 8.09
N PHE A 31 -2.09 -7.99 6.86
CA PHE A 31 -3.30 -7.21 6.65
C PHE A 31 -4.55 -8.09 6.79
N ARG A 32 -4.55 -9.20 6.05
CA ARG A 32 -5.68 -10.13 6.09
C ARG A 32 -6.13 -10.38 7.53
N THR A 33 -5.16 -10.64 8.40
CA THR A 33 -5.45 -10.90 9.81
C THR A 33 -6.58 -10.00 10.32
N TYR A 34 -6.64 -8.79 9.78
CA TYR A 34 -7.66 -7.82 10.18
C TYR A 34 -8.94 -8.02 9.36
N ASP A 35 -8.88 -7.68 8.09
CA ASP A 35 -10.03 -7.83 7.20
C ASP A 35 -9.85 -9.03 6.27
N LYS A 36 -10.95 -9.71 5.98
CA LYS A 36 -10.92 -10.87 5.10
C LYS A 36 -11.23 -10.47 3.66
N ASP A 37 -11.95 -9.37 3.49
CA ASP A 37 -12.31 -8.88 2.17
C ASP A 37 -11.29 -7.87 1.67
N THR A 38 -10.05 -8.00 2.14
CA THR A 38 -8.98 -7.09 1.75
C THR A 38 -8.31 -7.55 0.46
N THR A 39 -8.27 -6.67 -0.54
CA THR A 39 -7.65 -7.00 -1.82
C THR A 39 -6.25 -6.42 -1.92
N PHE A 40 -5.31 -7.24 -2.37
CA PHE A 40 -3.92 -6.80 -2.52
C PHE A 40 -3.54 -6.70 -3.99
N GLN A 41 -2.79 -5.65 -4.32
CA GLN A 41 -2.36 -5.43 -5.70
C GLN A 41 -0.85 -5.16 -5.76
N TYR A 42 -0.09 -6.14 -6.22
CA TYR A 42 1.36 -6.01 -6.31
C TYR A 42 1.76 -5.41 -7.66
N PHE A 43 2.71 -4.48 -7.62
CA PHE A 43 3.19 -3.83 -8.84
C PHE A 43 4.60 -4.28 -9.18
N LYS A 44 4.71 -5.22 -10.11
CA LYS A 44 6.00 -5.74 -10.53
C LYS A 44 6.72 -4.74 -11.45
N SER A 45 6.81 -3.50 -11.00
CA SER A 45 7.46 -2.46 -11.78
C SER A 45 7.81 -1.25 -10.90
N PHE A 46 6.93 -0.94 -9.96
CA PHE A 46 7.14 0.18 -9.04
C PHE A 46 7.28 -0.31 -7.60
N LYS A 47 7.54 -1.60 -7.45
CA LYS A 47 7.68 -2.19 -6.13
C LYS A 47 6.64 -1.64 -5.16
N ARG A 48 5.41 -1.51 -5.63
CA ARG A 48 4.32 -0.99 -4.81
C ARG A 48 3.30 -2.08 -4.50
N VAL A 49 2.53 -1.87 -3.45
CA VAL A 49 1.51 -2.84 -3.06
C VAL A 49 0.26 -2.13 -2.52
N ARG A 50 -0.80 -2.11 -3.33
CA ARG A 50 -2.04 -1.47 -2.95
C ARG A 50 -2.98 -2.46 -2.26
N ILE A 51 -3.28 -2.21 -0.99
CA ILE A 51 -4.17 -3.10 -0.24
C ILE A 51 -5.48 -2.39 0.08
N ASN A 52 -6.53 -2.75 -0.65
CA ASN A 52 -7.85 -2.16 -0.44
C ASN A 52 -8.60 -2.90 0.67
N PHE A 53 -9.23 -2.14 1.56
CA PHE A 53 -9.98 -2.72 2.66
C PHE A 53 -11.49 -2.51 2.46
N SER A 54 -12.27 -2.98 3.42
CA SER A 54 -13.72 -2.86 3.35
C SER A 54 -14.20 -1.61 4.11
N ASN A 55 -13.30 -1.03 4.90
CA ASN A 55 -13.63 0.16 5.68
C ASN A 55 -12.36 0.93 6.04
N PRO A 56 -12.51 2.24 6.25
CA PRO A 56 -11.40 3.13 6.61
C PRO A 56 -10.88 2.86 8.02
N LEU A 57 -11.52 1.92 8.71
CA LEU A 57 -11.12 1.58 10.08
C LEU A 57 -9.85 0.73 10.07
N SER A 58 -9.96 -0.50 9.58
CA SER A 58 -8.82 -1.41 9.53
C SER A 58 -7.62 -0.73 8.86
N ALA A 59 -7.89 0.03 7.81
CA ALA A 59 -6.84 0.73 7.08
C ALA A 59 -5.90 1.46 8.05
N ALA A 60 -6.43 1.81 9.22
CA ALA A 60 -5.63 2.51 10.22
C ALA A 60 -4.81 1.53 11.05
N ASP A 61 -5.51 0.66 11.78
CA ASP A 61 -4.84 -0.33 12.63
C ASP A 61 -3.74 -1.05 11.85
N ALA A 62 -3.93 -1.17 10.54
CA ALA A 62 -2.96 -1.84 9.69
C ALA A 62 -1.65 -1.05 9.64
N ARG A 63 -1.76 0.26 9.47
CA ARG A 63 -0.58 1.13 9.41
C ARG A 63 0.21 1.07 10.72
N LEU A 64 -0.51 1.20 11.83
CA LEU A 64 0.12 1.17 13.15
C LEU A 64 0.81 -0.18 13.40
N ARG A 65 0.17 -1.24 12.92
CA ARG A 65 0.71 -2.59 13.09
C ARG A 65 1.81 -2.87 12.07
N LEU A 66 1.87 -2.04 11.04
CA LEU A 66 2.87 -2.19 9.99
C LEU A 66 3.64 -0.90 9.77
N HIS A 67 4.05 -0.65 8.53
CA HIS A 67 4.79 0.55 8.19
C HIS A 67 6.28 0.38 8.47
N LYS A 68 6.93 1.46 8.88
CA LYS A 68 8.36 1.42 9.19
C LYS A 68 8.74 0.08 9.81
N THR A 69 7.81 -0.52 10.55
CA THR A 69 8.06 -1.80 11.20
C THR A 69 8.98 -2.67 10.36
N GLU A 70 10.11 -3.07 10.94
CA GLU A 70 11.08 -3.90 10.23
C GLU A 70 10.44 -5.22 9.79
N PHE A 71 9.95 -5.25 8.56
CA PHE A 71 9.32 -6.44 8.02
C PHE A 71 10.36 -7.44 7.52
N LEU A 72 10.52 -8.53 8.27
CA LEU A 72 11.48 -9.56 7.90
C LEU A 72 12.87 -8.97 7.73
N GLY A 73 13.24 -8.04 8.61
CA GLY A 73 14.54 -7.41 8.53
C GLY A 73 14.59 -6.30 7.50
N LYS A 74 13.44 -5.97 6.94
CA LYS A 74 13.35 -4.92 5.93
C LYS A 74 12.23 -3.94 6.27
N GLU A 75 12.60 -2.67 6.45
CA GLU A 75 11.63 -1.64 6.78
C GLU A 75 10.72 -1.35 5.58
N MET A 76 9.41 -1.49 5.79
CA MET A 76 8.43 -1.25 4.73
C MET A 76 7.70 0.07 4.97
N LYS A 77 7.23 0.68 3.89
CA LYS A 77 6.50 1.95 3.97
C LYS A 77 5.02 1.73 3.71
N LEU A 78 4.21 2.73 4.06
CA LEU A 78 2.77 2.65 3.86
C LEU A 78 2.17 4.05 3.72
N TYR A 79 1.39 4.25 2.66
CA TYR A 79 0.76 5.53 2.41
C TYR A 79 -0.75 5.38 2.22
N PHE A 80 -1.50 6.42 2.56
CA PHE A 80 -2.95 6.39 2.44
C PHE A 80 -3.37 6.58 0.98
N ALA A 81 -4.02 5.56 0.42
CA ALA A 81 -4.46 5.61 -0.96
C ALA A 81 -5.63 6.59 -1.12
N GLN A 82 -5.33 7.87 -1.00
CA GLN A 82 -6.35 8.92 -1.13
C GLN A 82 -5.71 10.28 -1.30
N THR A 83 -4.73 10.37 -2.21
CA THR A 83 -4.04 11.63 -2.46
C THR A 83 -3.83 11.84 -3.95
N LEU A 84 -3.70 13.11 -4.35
CA LEU A 84 -3.49 13.46 -5.76
C LEU A 84 -2.18 14.21 -5.94
N HIS A 85 -1.15 13.80 -5.21
CA HIS A 85 0.15 14.45 -5.29
C HIS A 85 1.20 13.68 -4.50
N ILE A 86 2.47 13.98 -4.74
CA ILE A 86 3.56 13.31 -4.05
C ILE A 86 3.85 13.98 -2.72
N GLY A 87 3.66 15.29 -2.66
CA GLY A 87 3.91 16.03 -1.44
C GLY A 87 3.47 17.47 -1.53
N SER A 88 3.92 18.30 -0.59
CA SER A 88 3.56 19.71 -0.57
C SER A 88 4.21 20.42 0.62
N SER A 89 4.11 21.75 0.62
CA SER A 89 4.68 22.55 1.71
C SER A 89 3.82 23.77 2.00
N HIS A 90 3.84 24.21 3.25
CA HIS A 90 3.06 25.37 3.66
C HIS A 90 3.98 26.55 3.98
N LEU A 91 3.38 27.74 4.10
CA LEU A 91 4.15 28.95 4.39
C LEU A 91 3.22 30.16 4.46
N ALA A 92 3.69 31.21 5.15
CA ALA A 92 2.91 32.43 5.29
C ALA A 92 3.72 33.53 5.96
N PRO A 93 3.52 34.77 5.52
CA PRO A 93 4.23 35.94 6.06
C PRO A 93 3.79 36.27 7.48
N PRO A 94 4.67 36.96 8.24
CA PRO A 94 4.39 37.36 9.61
C PRO A 94 3.31 38.43 9.70
N ASN A 95 2.96 38.81 10.93
CA ASN A 95 1.95 39.84 11.15
C ASN A 95 2.43 41.20 10.63
N PRO A 96 1.49 41.97 10.09
CA PRO A 96 1.79 43.30 9.54
C PRO A 96 2.13 44.32 10.64
N ASP A 97 1.34 44.30 11.72
CA ASP A 97 1.55 45.21 12.83
C ASP A 97 1.50 46.66 12.36
N LYS A 98 0.47 47.38 12.82
CA LYS A 98 0.29 48.78 12.45
C LYS A 98 -0.57 49.51 13.48
N SER A 99 -0.53 50.84 13.43
CA SER A 99 -1.30 51.66 14.36
C SER A 99 -2.29 52.55 13.62
N GLY A 100 -3.07 53.32 14.37
CA GLY A 100 -4.04 54.20 13.76
C GLY A 100 -3.90 55.64 14.24
N PRO A 101 -4.47 56.58 13.48
CA PRO A 101 -4.42 58.01 13.81
C PRO A 101 -5.27 58.35 15.03
N SER A 102 -5.37 59.63 15.35
CA SER A 102 -6.15 60.09 16.49
C SER A 102 -7.20 61.10 16.06
N SER A 103 -6.75 62.21 15.48
CA SER A 103 -7.66 63.26 15.02
C SER A 103 -8.97 62.66 14.50
N GLY A 104 -10.08 63.13 15.04
CA GLY A 104 -11.38 62.63 14.63
C GLY A 104 -11.55 61.15 14.92
N GLY A 1 -23.94 8.87 -3.32
CA GLY A 1 -24.33 7.89 -2.32
C GLY A 1 -23.55 6.60 -2.43
N SER A 2 -23.29 5.97 -1.30
CA SER A 2 -22.55 4.71 -1.28
C SER A 2 -21.14 4.90 -1.83
N SER A 3 -20.49 5.99 -1.42
CA SER A 3 -19.14 6.30 -1.87
C SER A 3 -18.15 6.24 -0.71
N GLY A 4 -16.92 5.84 -1.01
CA GLY A 4 -15.90 5.75 0.01
C GLY A 4 -14.75 4.83 -0.39
N SER A 5 -13.62 4.98 0.27
CA SER A 5 -12.44 4.17 -0.02
C SER A 5 -11.58 3.99 1.22
N SER A 6 -10.77 2.94 1.22
CA SER A 6 -9.89 2.65 2.35
C SER A 6 -8.62 1.93 1.88
N GLY A 7 -8.17 2.26 0.68
CA GLY A 7 -6.98 1.65 0.14
C GLY A 7 -5.71 2.14 0.81
N LEU A 8 -4.63 1.37 0.70
CA LEU A 8 -3.37 1.74 1.31
C LEU A 8 -2.20 1.39 0.39
N ILE A 9 -1.22 2.28 0.30
CA ILE A 9 -0.05 2.05 -0.55
C ILE A 9 1.16 1.63 0.29
N ALA A 10 1.41 0.32 0.33
CA ALA A 10 2.54 -0.21 1.08
C ALA A 10 3.74 -0.42 0.18
N CYS A 11 4.91 0.02 0.64
CA CYS A 11 6.15 -0.13 -0.12
C CYS A 11 7.09 -1.11 0.56
N VAL A 12 7.34 -2.24 -0.10
CA VAL A 12 8.23 -3.25 0.45
C VAL A 12 9.56 -3.26 -0.28
N ALA A 13 10.63 -3.55 0.46
CA ALA A 13 11.97 -3.59 -0.12
C ALA A 13 12.36 -5.01 -0.50
N ASN A 14 11.80 -5.98 0.22
CA ASN A 14 12.09 -7.39 -0.05
C ASN A 14 11.44 -7.85 -1.34
N ASP A 15 12.24 -7.91 -2.41
CA ASP A 15 11.74 -8.33 -3.72
C ASP A 15 11.12 -9.73 -3.64
N ASP A 16 11.45 -10.45 -2.57
CA ASP A 16 10.93 -11.81 -2.37
C ASP A 16 9.44 -11.77 -2.04
N VAL A 17 8.98 -10.63 -1.54
CA VAL A 17 7.58 -10.46 -1.18
C VAL A 17 6.69 -10.46 -2.42
N PHE A 18 7.30 -10.22 -3.57
CA PHE A 18 6.56 -10.19 -4.83
C PHE A 18 6.47 -11.59 -5.44
N SER A 19 6.63 -12.60 -4.60
CA SER A 19 6.57 -13.99 -5.05
C SER A 19 5.60 -14.78 -4.21
N GLU A 20 4.61 -15.38 -4.86
CA GLU A 20 3.60 -16.18 -4.17
C GLU A 20 4.23 -17.41 -3.53
N SER A 21 5.51 -17.64 -3.82
CA SER A 21 6.23 -18.79 -3.27
C SER A 21 5.79 -19.06 -1.83
N GLU A 22 5.97 -18.06 -0.98
CA GLU A 22 5.60 -18.18 0.43
C GLU A 22 5.78 -16.86 1.16
N THR A 23 6.94 -16.24 0.97
CA THR A 23 7.24 -14.96 1.61
C THR A 23 6.03 -14.04 1.59
N ARG A 24 5.41 -13.91 0.42
CA ARG A 24 4.24 -13.06 0.25
C ARG A 24 3.25 -13.27 1.38
N ALA A 25 2.88 -14.53 1.60
CA ALA A 25 1.93 -14.88 2.65
C ALA A 25 2.24 -14.12 3.94
N LYS A 26 3.52 -13.98 4.25
CA LYS A 26 3.95 -13.26 5.45
C LYS A 26 3.49 -11.81 5.41
N PHE A 27 3.59 -11.19 4.24
CA PHE A 27 3.18 -9.80 4.08
C PHE A 27 1.66 -9.68 4.09
N GLU A 28 0.98 -10.56 3.37
CA GLU A 28 -0.47 -10.55 3.30
C GLU A 28 -1.09 -10.82 4.66
N SER A 29 -0.77 -11.98 5.23
CA SER A 29 -1.30 -12.36 6.54
C SER A 29 -1.44 -11.14 7.44
N LEU A 30 -0.44 -10.27 7.41
CA LEU A 30 -0.44 -9.07 8.23
C LEU A 30 -1.76 -8.31 8.07
N PHE A 31 -2.06 -7.89 6.85
CA PHE A 31 -3.29 -7.17 6.57
C PHE A 31 -4.50 -8.09 6.62
N ARG A 32 -4.43 -9.17 5.83
CA ARG A 32 -5.52 -10.14 5.78
C ARG A 32 -6.05 -10.44 7.18
N THR A 33 -5.14 -10.77 8.09
CA THR A 33 -5.50 -11.10 9.47
C THR A 33 -6.63 -10.18 9.96
N TYR A 34 -6.52 -8.90 9.62
CA TYR A 34 -7.52 -7.92 10.04
C TYR A 34 -8.84 -8.14 9.29
N ASP A 35 -8.83 -7.82 8.00
CA ASP A 35 -10.02 -7.98 7.17
C ASP A 35 -9.86 -9.16 6.21
N LYS A 36 -10.96 -9.82 5.91
CA LYS A 36 -10.95 -10.97 5.02
C LYS A 36 -11.29 -10.54 3.59
N ASP A 37 -11.99 -9.43 3.46
CA ASP A 37 -12.38 -8.91 2.16
C ASP A 37 -11.35 -7.90 1.64
N THR A 38 -10.11 -8.03 2.11
CA THR A 38 -9.05 -7.13 1.70
C THR A 38 -8.35 -7.65 0.44
N THR A 39 -8.26 -6.79 -0.58
CA THR A 39 -7.63 -7.15 -1.83
C THR A 39 -6.23 -6.54 -1.93
N PHE A 40 -5.27 -7.35 -2.36
CA PHE A 40 -3.89 -6.88 -2.50
C PHE A 40 -3.50 -6.77 -3.97
N GLN A 41 -2.94 -5.62 -4.35
CA GLN A 41 -2.53 -5.40 -5.72
C GLN A 41 -1.03 -5.11 -5.80
N TYR A 42 -0.27 -6.07 -6.30
CA TYR A 42 1.18 -5.93 -6.42
C TYR A 42 1.55 -5.38 -7.80
N PHE A 43 2.37 -4.33 -7.81
CA PHE A 43 2.80 -3.72 -9.06
C PHE A 43 4.30 -3.93 -9.28
N LYS A 44 4.64 -4.98 -10.03
CA LYS A 44 6.04 -5.29 -10.31
C LYS A 44 6.71 -4.15 -11.08
N SER A 45 5.91 -3.18 -11.51
CA SER A 45 6.42 -2.04 -12.25
C SER A 45 6.89 -0.94 -11.30
N PHE A 46 6.10 -0.68 -10.26
CA PHE A 46 6.43 0.34 -9.28
C PHE A 46 6.75 -0.28 -7.94
N LYS A 47 7.04 -1.58 -7.94
CA LYS A 47 7.38 -2.30 -6.72
C LYS A 47 6.50 -1.83 -5.56
N ARG A 48 5.27 -1.42 -5.87
CA ARG A 48 4.35 -0.94 -4.86
C ARG A 48 3.26 -1.98 -4.58
N VAL A 49 2.50 -1.77 -3.52
CA VAL A 49 1.43 -2.69 -3.15
C VAL A 49 0.19 -1.93 -2.69
N ARG A 50 -0.91 -2.12 -3.42
CA ARG A 50 -2.16 -1.45 -3.08
C ARG A 50 -3.10 -2.38 -2.32
N ILE A 51 -3.26 -2.12 -1.02
CA ILE A 51 -4.12 -2.93 -0.18
C ILE A 51 -5.48 -2.27 0.02
N ASN A 52 -6.51 -2.84 -0.60
CA ASN A 52 -7.86 -2.32 -0.48
C ASN A 52 -8.63 -3.02 0.62
N PHE A 53 -9.15 -2.23 1.56
CA PHE A 53 -9.92 -2.78 2.68
C PHE A 53 -11.41 -2.62 2.45
N SER A 54 -12.20 -3.01 3.44
CA SER A 54 -13.66 -2.92 3.35
C SER A 54 -14.18 -1.74 4.15
N ASN A 55 -13.31 -1.16 4.97
CA ASN A 55 -13.67 -0.02 5.80
C ASN A 55 -12.45 0.84 6.12
N PRO A 56 -12.69 2.15 6.31
CA PRO A 56 -11.62 3.10 6.63
C PRO A 56 -11.05 2.90 8.03
N LEU A 57 -11.63 1.94 8.76
CA LEU A 57 -11.17 1.64 10.11
C LEU A 57 -9.90 0.80 10.09
N SER A 58 -10.02 -0.44 9.62
CA SER A 58 -8.87 -1.34 9.54
C SER A 58 -7.67 -0.64 8.93
N ALA A 59 -7.86 -0.04 7.77
CA ALA A 59 -6.78 0.68 7.08
C ALA A 59 -5.86 1.35 8.08
N ALA A 60 -6.43 1.90 9.15
CA ALA A 60 -5.66 2.58 10.18
C ALA A 60 -4.82 1.59 10.98
N ASP A 61 -5.50 0.70 11.70
CA ASP A 61 -4.82 -0.30 12.51
C ASP A 61 -3.76 -1.04 11.69
N ALA A 62 -3.98 -1.10 10.38
CA ALA A 62 -3.05 -1.78 9.48
C ALA A 62 -1.73 -1.02 9.39
N ARG A 63 -1.80 0.31 9.50
CA ARG A 63 -0.61 1.14 9.43
C ARG A 63 0.20 1.04 10.72
N LEU A 64 -0.46 1.26 11.85
CA LEU A 64 0.20 1.20 13.14
C LEU A 64 0.86 -0.16 13.36
N ARG A 65 0.18 -1.22 12.91
CA ARG A 65 0.70 -2.56 13.06
C ARG A 65 1.78 -2.85 12.02
N LEU A 66 1.95 -1.92 11.08
CA LEU A 66 2.95 -2.06 10.02
C LEU A 66 3.72 -0.77 9.83
N HIS A 67 4.14 -0.52 8.59
CA HIS A 67 4.90 0.69 8.27
C HIS A 67 6.38 0.50 8.57
N LYS A 68 7.02 1.58 9.01
CA LYS A 68 8.44 1.54 9.33
C LYS A 68 8.82 0.21 9.96
N THR A 69 7.86 -0.40 10.66
CA THR A 69 8.09 -1.69 11.30
C THR A 69 9.07 -2.54 10.52
N GLU A 70 10.04 -3.13 11.21
CA GLU A 70 11.04 -3.98 10.57
C GLU A 70 10.41 -5.28 10.08
N PHE A 71 9.92 -5.28 8.85
CA PHE A 71 9.29 -6.46 8.27
C PHE A 71 10.34 -7.50 7.91
N LEU A 72 10.47 -8.52 8.76
CA LEU A 72 11.44 -9.58 8.53
C LEU A 72 12.87 -9.04 8.54
N GLY A 73 13.03 -7.84 9.09
CA GLY A 73 14.35 -7.22 9.15
C GLY A 73 14.44 -5.97 8.31
N LYS A 74 13.65 -5.91 7.25
CA LYS A 74 13.65 -4.75 6.35
C LYS A 74 12.53 -3.79 6.71
N GLU A 75 12.86 -2.51 6.82
CA GLU A 75 11.87 -1.49 7.16
C GLU A 75 10.95 -1.22 5.97
N MET A 76 9.65 -1.43 6.17
CA MET A 76 8.66 -1.21 5.12
C MET A 76 7.97 0.14 5.30
N LYS A 77 7.40 0.66 4.22
CA LYS A 77 6.72 1.95 4.26
C LYS A 77 5.24 1.77 3.91
N LEU A 78 4.44 2.79 4.19
CA LEU A 78 3.00 2.76 3.91
C LEU A 78 2.45 4.17 3.76
N TYR A 79 1.53 4.33 2.82
CA TYR A 79 0.91 5.64 2.58
C TYR A 79 -0.60 5.50 2.42
N PHE A 80 -1.32 6.56 2.77
CA PHE A 80 -2.78 6.56 2.67
C PHE A 80 -3.22 6.72 1.22
N ALA A 81 -3.68 5.63 0.63
CA ALA A 81 -4.14 5.65 -0.76
C ALA A 81 -5.32 6.59 -0.93
N GLN A 82 -5.44 7.16 -2.13
CA GLN A 82 -6.53 8.09 -2.43
C GLN A 82 -6.49 8.52 -3.89
N THR A 83 -5.47 9.28 -4.25
CA THR A 83 -5.32 9.76 -5.62
C THR A 83 -3.85 9.99 -5.97
N LEU A 84 -3.16 8.91 -6.34
CA LEU A 84 -1.76 9.00 -6.71
C LEU A 84 -0.98 9.84 -5.70
N HIS A 85 -0.47 9.18 -4.67
CA HIS A 85 0.29 9.88 -3.63
C HIS A 85 1.78 9.51 -3.71
N ILE A 86 2.62 10.40 -3.19
CA ILE A 86 4.06 10.17 -3.21
C ILE A 86 4.73 10.76 -1.97
N GLY A 87 5.86 10.18 -1.57
CA GLY A 87 6.57 10.67 -0.41
C GLY A 87 7.77 11.52 -0.78
N SER A 88 8.80 11.49 0.06
CA SER A 88 10.01 12.27 -0.18
C SER A 88 11.25 11.42 0.03
N SER A 89 11.66 10.72 -1.03
CA SER A 89 12.84 9.86 -0.95
C SER A 89 14.10 10.63 -1.37
N HIS A 90 14.65 11.40 -0.43
CA HIS A 90 15.85 12.19 -0.69
C HIS A 90 17.09 11.43 -0.22
N LEU A 91 18.14 11.49 -1.04
CA LEU A 91 19.40 10.82 -0.71
C LEU A 91 19.67 10.87 0.78
N ALA A 92 19.92 9.71 1.39
CA ALA A 92 20.20 9.64 2.81
C ALA A 92 21.69 9.43 3.07
N PRO A 93 22.20 10.04 4.14
CA PRO A 93 23.61 9.94 4.53
C PRO A 93 23.97 8.55 5.03
N PRO A 94 25.28 8.23 4.98
CA PRO A 94 25.78 6.92 5.44
C PRO A 94 25.69 6.77 6.96
N ASN A 95 25.53 5.52 7.40
CA ASN A 95 25.43 5.23 8.82
C ASN A 95 26.39 4.13 9.23
N PRO A 96 26.97 4.25 10.43
CA PRO A 96 27.92 3.27 10.96
C PRO A 96 27.26 1.95 11.30
N ASP A 97 27.96 0.85 11.00
CA ASP A 97 27.44 -0.48 11.28
C ASP A 97 28.44 -1.56 10.87
N LYS A 98 28.12 -2.81 11.18
CA LYS A 98 29.00 -3.92 10.84
C LYS A 98 30.29 -3.86 11.65
N SER A 99 30.93 -5.01 11.82
CA SER A 99 32.18 -5.07 12.57
C SER A 99 33.16 -6.04 11.91
N GLY A 100 32.68 -7.24 11.60
CA GLY A 100 33.53 -8.23 10.95
C GLY A 100 33.38 -9.61 11.58
N PRO A 101 32.39 -10.38 11.11
CA PRO A 101 32.12 -11.73 11.62
C PRO A 101 33.21 -12.72 11.22
N SER A 102 33.02 -13.97 11.61
CA SER A 102 33.99 -15.02 11.31
C SER A 102 33.29 -16.29 10.86
N SER A 103 34.07 -17.31 10.50
CA SER A 103 33.53 -18.59 10.06
C SER A 103 34.28 -19.75 10.69
N GLY A 104 33.79 -20.96 10.46
CA GLY A 104 34.42 -22.14 11.01
C GLY A 104 33.52 -22.91 11.94
N GLY A 1 -25.75 4.24 -2.04
CA GLY A 1 -24.62 3.39 -2.31
C GLY A 1 -23.33 3.94 -1.74
N SER A 2 -23.12 3.73 -0.45
CA SER A 2 -21.91 4.21 0.22
C SER A 2 -20.70 4.15 -0.71
N SER A 3 -19.93 5.22 -0.75
CA SER A 3 -18.75 5.29 -1.60
C SER A 3 -17.47 5.33 -0.76
N GLY A 4 -16.95 4.17 -0.41
CA GLY A 4 -15.73 4.10 0.39
C GLY A 4 -14.66 3.26 -0.26
N SER A 5 -13.46 3.81 -0.37
CA SER A 5 -12.34 3.09 -0.98
C SER A 5 -11.49 2.41 0.08
N SER A 6 -11.09 3.17 1.10
CA SER A 6 -10.27 2.65 2.18
C SER A 6 -9.08 1.87 1.63
N GLY A 7 -8.28 2.53 0.81
CA GLY A 7 -7.11 1.89 0.22
C GLY A 7 -5.82 2.26 0.94
N LEU A 8 -4.76 1.51 0.65
CA LEU A 8 -3.47 1.77 1.28
C LEU A 8 -2.33 1.39 0.33
N ILE A 9 -1.36 2.29 0.18
CA ILE A 9 -0.22 2.03 -0.69
C ILE A 9 1.03 1.68 0.12
N ALA A 10 1.27 0.39 0.28
CA ALA A 10 2.43 -0.08 1.04
C ALA A 10 3.62 -0.34 0.11
N CYS A 11 4.79 0.12 0.53
CA CYS A 11 6.00 -0.06 -0.26
C CYS A 11 7.00 -0.97 0.46
N VAL A 12 7.23 -2.14 -0.09
CA VAL A 12 8.16 -3.11 0.50
C VAL A 12 9.50 -3.09 -0.22
N ALA A 13 10.57 -3.28 0.54
CA ALA A 13 11.92 -3.29 -0.03
C ALA A 13 12.32 -4.70 -0.48
N ASN A 14 11.80 -5.70 0.22
CA ASN A 14 12.10 -7.08 -0.09
C ASN A 14 11.43 -7.50 -1.41
N ASP A 15 12.22 -7.51 -2.48
CA ASP A 15 11.71 -7.89 -3.79
C ASP A 15 11.10 -9.29 -3.76
N ASP A 16 11.47 -10.06 -2.72
CA ASP A 16 10.97 -11.42 -2.58
C ASP A 16 9.47 -11.42 -2.27
N VAL A 17 9.02 -10.39 -1.56
CA VAL A 17 7.61 -10.27 -1.18
C VAL A 17 6.72 -10.28 -2.42
N PHE A 18 7.31 -9.98 -3.57
CA PHE A 18 6.57 -9.95 -4.83
C PHE A 18 6.52 -11.34 -5.45
N SER A 19 6.43 -12.37 -4.60
CA SER A 19 6.39 -13.74 -5.07
C SER A 19 5.43 -14.57 -4.22
N GLU A 20 4.38 -15.10 -4.86
CA GLU A 20 3.39 -15.90 -4.16
C GLU A 20 4.02 -17.16 -3.58
N SER A 21 5.27 -17.40 -3.93
CA SER A 21 5.99 -18.57 -3.45
C SER A 21 5.71 -18.82 -1.97
N GLU A 22 6.02 -17.83 -1.15
CA GLU A 22 5.81 -17.92 0.29
C GLU A 22 5.96 -16.56 0.96
N THR A 23 7.14 -15.97 0.82
CA THR A 23 7.43 -14.67 1.41
C THR A 23 6.20 -13.77 1.39
N ARG A 24 5.46 -13.82 0.28
CA ARG A 24 4.26 -13.01 0.14
C ARG A 24 3.26 -13.32 1.24
N ALA A 25 2.86 -14.59 1.34
CA ALA A 25 1.91 -15.01 2.36
C ALA A 25 2.09 -14.22 3.65
N LYS A 26 3.32 -14.23 4.17
CA LYS A 26 3.63 -13.52 5.40
C LYS A 26 3.09 -12.09 5.35
N PHE A 27 3.48 -11.34 4.33
CA PHE A 27 3.05 -9.97 4.16
C PHE A 27 1.52 -9.87 4.23
N GLU A 28 0.86 -10.58 3.33
CA GLU A 28 -0.60 -10.58 3.28
C GLU A 28 -1.19 -10.72 4.68
N SER A 29 -0.91 -11.85 5.32
CA SER A 29 -1.42 -12.12 6.66
C SER A 29 -1.44 -10.85 7.50
N LEU A 30 -0.38 -10.05 7.37
CA LEU A 30 -0.28 -8.80 8.12
C LEU A 30 -1.57 -8.00 8.00
N PHE A 31 -2.07 -7.86 6.78
CA PHE A 31 -3.30 -7.11 6.54
C PHE A 31 -4.51 -8.02 6.59
N ARG A 32 -4.44 -9.13 5.86
CA ARG A 32 -5.54 -10.10 5.83
C ARG A 32 -6.04 -10.41 7.24
N THR A 33 -5.10 -10.67 8.15
CA THR A 33 -5.44 -10.98 9.53
C THR A 33 -6.53 -10.04 10.05
N TYR A 34 -6.60 -8.85 9.48
CA TYR A 34 -7.60 -7.86 9.89
C TYR A 34 -8.92 -8.08 9.14
N ASP A 35 -8.91 -7.79 7.85
CA ASP A 35 -10.10 -7.94 7.01
C ASP A 35 -9.95 -9.14 6.09
N LYS A 36 -11.07 -9.79 5.79
CA LYS A 36 -11.07 -10.96 4.90
C LYS A 36 -11.35 -10.55 3.46
N ASP A 37 -12.00 -9.40 3.30
CA ASP A 37 -12.32 -8.89 1.97
C ASP A 37 -11.28 -7.87 1.50
N THR A 38 -10.06 -8.03 1.99
CA THR A 38 -8.98 -7.12 1.63
C THR A 38 -8.30 -7.55 0.33
N THR A 39 -8.29 -6.66 -0.66
CA THR A 39 -7.68 -6.95 -1.94
C THR A 39 -6.22 -6.52 -1.97
N PHE A 40 -5.35 -7.38 -2.48
CA PHE A 40 -3.92 -7.09 -2.57
C PHE A 40 -3.47 -6.98 -4.02
N GLN A 41 -2.83 -5.86 -4.35
CA GLN A 41 -2.34 -5.62 -5.70
C GLN A 41 -0.85 -5.33 -5.70
N TYR A 42 -0.06 -6.29 -6.15
CA TYR A 42 1.39 -6.13 -6.20
C TYR A 42 1.83 -5.57 -7.55
N PHE A 43 2.67 -4.54 -7.51
CA PHE A 43 3.16 -3.91 -8.74
C PHE A 43 4.66 -4.15 -8.90
N LYS A 44 5.02 -5.15 -9.67
CA LYS A 44 6.42 -5.48 -9.91
C LYS A 44 7.10 -4.40 -10.73
N SER A 45 6.32 -3.44 -11.22
CA SER A 45 6.85 -2.34 -12.02
C SER A 45 7.26 -1.17 -11.12
N PHE A 46 6.44 -0.89 -10.11
CA PHE A 46 6.73 0.20 -9.18
C PHE A 46 7.03 -0.33 -7.79
N LYS A 47 7.41 -1.60 -7.73
CA LYS A 47 7.74 -2.24 -6.45
C LYS A 47 6.84 -1.72 -5.34
N ARG A 48 5.59 -1.44 -5.68
CA ARG A 48 4.63 -0.95 -4.71
C ARG A 48 3.57 -2.00 -4.41
N VAL A 49 2.79 -1.77 -3.35
CA VAL A 49 1.74 -2.70 -2.95
C VAL A 49 0.44 -1.95 -2.63
N ARG A 50 -0.57 -2.14 -3.47
CA ARG A 50 -1.85 -1.48 -3.27
C ARG A 50 -2.84 -2.43 -2.58
N ILE A 51 -3.21 -2.10 -1.35
CA ILE A 51 -4.14 -2.92 -0.59
C ILE A 51 -5.46 -2.18 -0.35
N ASN A 52 -6.56 -2.80 -0.75
CA ASN A 52 -7.87 -2.19 -0.58
C ASN A 52 -8.65 -2.90 0.51
N PHE A 53 -9.27 -2.11 1.39
CA PHE A 53 -10.06 -2.66 2.49
C PHE A 53 -11.54 -2.40 2.28
N SER A 54 -12.36 -2.87 3.22
CA SER A 54 -13.80 -2.70 3.15
C SER A 54 -14.26 -1.57 4.05
N ASN A 55 -13.43 -1.20 5.01
CA ASN A 55 -13.74 -0.13 5.96
C ASN A 55 -12.52 0.73 6.22
N PRO A 56 -12.75 2.05 6.40
CA PRO A 56 -11.68 3.01 6.66
C PRO A 56 -11.09 2.84 8.06
N LEU A 57 -11.58 1.85 8.79
CA LEU A 57 -11.11 1.58 10.15
C LEU A 57 -9.84 0.73 10.11
N SER A 58 -9.97 -0.51 9.67
CA SER A 58 -8.82 -1.42 9.59
C SER A 58 -7.62 -0.73 8.95
N ALA A 59 -7.87 -0.05 7.83
CA ALA A 59 -6.82 0.66 7.12
C ALA A 59 -5.85 1.32 8.09
N ALA A 60 -6.37 1.72 9.25
CA ALA A 60 -5.54 2.38 10.26
C ALA A 60 -4.81 1.36 11.11
N ASP A 61 -5.55 0.55 11.85
CA ASP A 61 -4.96 -0.49 12.70
C ASP A 61 -3.84 -1.22 11.97
N ALA A 62 -3.88 -1.19 10.65
CA ALA A 62 -2.88 -1.85 9.83
C ALA A 62 -1.59 -1.03 9.78
N ARG A 63 -1.73 0.26 9.47
CA ARG A 63 -0.58 1.15 9.39
C ARG A 63 0.23 1.12 10.69
N LEU A 64 -0.45 1.37 11.81
CA LEU A 64 0.21 1.37 13.10
C LEU A 64 0.89 0.03 13.37
N ARG A 65 0.23 -1.05 12.97
CA ARG A 65 0.77 -2.39 13.18
C ARG A 65 1.87 -2.69 12.16
N LEU A 66 1.93 -1.88 11.10
CA LEU A 66 2.94 -2.07 10.06
C LEU A 66 3.74 -0.79 9.86
N HIS A 67 4.18 -0.56 8.62
CA HIS A 67 4.95 0.63 8.29
C HIS A 67 6.43 0.41 8.59
N LYS A 68 7.10 1.47 9.04
CA LYS A 68 8.52 1.39 9.37
C LYS A 68 8.87 0.04 9.96
N THR A 69 7.91 -0.55 10.67
CA THR A 69 8.12 -1.85 11.30
C THR A 69 9.03 -2.73 10.46
N GLU A 70 10.07 -3.26 11.09
CA GLU A 70 11.03 -4.12 10.40
C GLU A 70 10.37 -5.43 9.96
N PHE A 71 9.89 -5.46 8.73
CA PHE A 71 9.23 -6.65 8.19
C PHE A 71 10.26 -7.61 7.61
N LEU A 72 10.41 -8.76 8.27
CA LEU A 72 11.37 -9.77 7.83
C LEU A 72 12.78 -9.21 7.76
N GLY A 73 13.04 -8.18 8.56
CA GLY A 73 14.35 -7.57 8.59
C GLY A 73 14.48 -6.45 7.58
N LYS A 74 13.37 -6.10 6.92
CA LYS A 74 13.36 -5.04 5.93
C LYS A 74 12.29 -4.01 6.25
N GLU A 75 12.71 -2.79 6.57
CA GLU A 75 11.78 -1.72 6.89
C GLU A 75 10.84 -1.43 5.71
N MET A 76 9.55 -1.52 5.98
CA MET A 76 8.55 -1.27 4.94
C MET A 76 7.83 0.06 5.18
N LYS A 77 7.44 0.73 4.09
CA LYS A 77 6.75 2.00 4.19
C LYS A 77 5.27 1.83 3.88
N LEU A 78 4.48 2.86 4.18
CA LEU A 78 3.05 2.84 3.93
C LEU A 78 2.50 4.25 3.72
N TYR A 79 1.63 4.39 2.73
CA TYR A 79 1.04 5.69 2.41
C TYR A 79 -0.46 5.56 2.20
N PHE A 80 -1.22 6.50 2.74
CA PHE A 80 -2.67 6.49 2.61
C PHE A 80 -3.09 6.75 1.16
N ALA A 81 -3.62 5.72 0.51
CA ALA A 81 -4.05 5.83 -0.87
C ALA A 81 -4.96 7.04 -1.07
N GLN A 82 -6.05 7.09 -0.30
CA GLN A 82 -6.99 8.19 -0.39
C GLN A 82 -7.17 8.64 -1.84
N THR A 83 -7.18 7.68 -2.76
CA THR A 83 -7.35 7.97 -4.17
C THR A 83 -8.35 7.02 -4.82
N LEU A 84 -9.61 7.39 -4.81
CA LEU A 84 -10.67 6.57 -5.39
C LEU A 84 -12.05 7.11 -5.02
N HIS A 85 -12.65 7.86 -5.94
CA HIS A 85 -13.97 8.44 -5.71
C HIS A 85 -13.88 9.68 -4.82
N ILE A 86 -13.12 9.56 -3.75
CA ILE A 86 -12.95 10.66 -2.81
C ILE A 86 -14.30 11.25 -2.39
N GLY A 87 -14.79 10.83 -1.23
CA GLY A 87 -16.07 11.32 -0.74
C GLY A 87 -16.05 12.82 -0.51
N SER A 88 -15.16 13.28 0.36
CA SER A 88 -15.06 14.70 0.68
C SER A 88 -14.45 15.47 -0.48
N SER A 89 -15.15 16.51 -0.93
CA SER A 89 -14.68 17.33 -2.04
C SER A 89 -15.58 18.55 -2.24
N HIS A 90 -14.96 19.70 -2.48
CA HIS A 90 -15.71 20.94 -2.70
C HIS A 90 -16.56 20.86 -3.95
N LEU A 91 -17.62 21.65 -4.00
CA LEU A 91 -18.52 21.67 -5.15
C LEU A 91 -19.13 23.06 -5.35
N ALA A 92 -19.83 23.54 -4.33
CA ALA A 92 -20.46 24.85 -4.39
C ALA A 92 -19.91 25.77 -3.31
N PRO A 93 -19.99 27.09 -3.56
CA PRO A 93 -19.50 28.10 -2.61
C PRO A 93 -20.36 28.19 -1.35
N PRO A 94 -19.80 28.80 -0.29
CA PRO A 94 -20.50 28.95 0.99
C PRO A 94 -21.64 29.95 0.89
N ASN A 95 -22.32 30.17 2.01
CA ASN A 95 -23.44 31.11 2.07
C ASN A 95 -23.30 32.06 3.25
N PRO A 96 -24.11 33.13 3.24
CA PRO A 96 -24.10 34.14 4.30
C PRO A 96 -24.66 33.61 5.61
N ASP A 97 -24.48 34.37 6.68
CA ASP A 97 -24.97 33.98 7.99
C ASP A 97 -26.08 34.92 8.47
N LYS A 98 -26.68 34.60 9.62
CA LYS A 98 -27.73 35.41 10.18
C LYS A 98 -27.32 36.01 11.51
N SER A 99 -27.85 37.19 11.82
CA SER A 99 -27.53 37.87 13.07
C SER A 99 -28.78 38.04 13.94
N GLY A 100 -28.57 38.30 15.22
CA GLY A 100 -29.68 38.48 16.13
C GLY A 100 -29.42 39.57 17.15
N PRO A 101 -30.49 40.29 17.54
CA PRO A 101 -30.40 41.38 18.52
C PRO A 101 -30.11 40.87 19.93
N SER A 102 -30.27 41.75 20.91
CA SER A 102 -30.02 41.38 22.30
C SER A 102 -30.83 42.28 23.24
N SER A 103 -30.80 41.95 24.53
CA SER A 103 -31.53 42.71 25.53
C SER A 103 -30.56 43.50 26.42
N GLY A 104 -31.12 44.30 27.32
CA GLY A 104 -30.31 45.09 28.22
C GLY A 104 -30.92 45.24 29.60
N GLY A 1 -13.62 12.18 9.23
CA GLY A 1 -13.64 10.75 9.01
C GLY A 1 -13.79 10.39 7.54
N SER A 2 -14.70 11.07 6.86
CA SER A 2 -14.94 10.83 5.44
C SER A 2 -15.37 9.38 5.21
N SER A 3 -16.03 9.13 4.09
CA SER A 3 -16.50 7.80 3.76
C SER A 3 -15.87 7.31 2.45
N GLY A 4 -14.58 7.60 2.29
CA GLY A 4 -13.88 7.19 1.09
C GLY A 4 -12.37 7.26 1.25
N SER A 5 -11.84 6.47 2.17
CA SER A 5 -10.40 6.46 2.42
C SER A 5 -10.00 5.20 3.20
N SER A 6 -9.81 4.10 2.48
CA SER A 6 -9.43 2.84 3.09
C SER A 6 -8.17 2.27 2.45
N GLY A 7 -8.09 2.38 1.12
CA GLY A 7 -6.94 1.87 0.41
C GLY A 7 -5.63 2.31 1.03
N LEU A 8 -4.59 1.51 0.83
CA LEU A 8 -3.27 1.82 1.39
C LEU A 8 -2.17 1.39 0.44
N ILE A 9 -1.17 2.26 0.27
CA ILE A 9 -0.05 1.97 -0.62
C ILE A 9 1.19 1.57 0.18
N ALA A 10 1.39 0.26 0.33
CA ALA A 10 2.54 -0.25 1.07
C ALA A 10 3.74 -0.46 0.16
N CYS A 11 4.90 -0.03 0.59
CA CYS A 11 6.12 -0.17 -0.20
C CYS A 11 7.11 -1.11 0.49
N VAL A 12 7.34 -2.27 -0.12
CA VAL A 12 8.26 -3.25 0.42
C VAL A 12 9.60 -3.22 -0.29
N ALA A 13 10.67 -3.52 0.43
CA ALA A 13 12.01 -3.53 -0.14
C ALA A 13 12.44 -4.95 -0.51
N ASN A 14 11.96 -5.92 0.25
CA ASN A 14 12.30 -7.32 0.01
C ASN A 14 11.74 -7.78 -1.34
N ASP A 15 12.61 -7.91 -2.33
CA ASP A 15 12.21 -8.34 -3.66
C ASP A 15 11.62 -9.76 -3.62
N ASP A 16 11.84 -10.44 -2.50
CA ASP A 16 11.33 -11.80 -2.34
C ASP A 16 9.83 -11.79 -2.08
N VAL A 17 9.33 -10.67 -1.57
CA VAL A 17 7.90 -10.53 -1.28
C VAL A 17 7.08 -10.57 -2.56
N PHE A 18 7.73 -10.26 -3.68
CA PHE A 18 7.04 -10.26 -4.98
C PHE A 18 7.22 -11.59 -5.69
N SER A 19 7.08 -12.68 -4.94
CA SER A 19 7.22 -14.02 -5.49
C SER A 19 6.10 -14.93 -4.99
N GLU A 20 5.92 -16.07 -5.67
CA GLU A 20 4.89 -17.02 -5.32
C GLU A 20 5.41 -18.02 -4.29
N SER A 21 6.72 -18.04 -4.10
CA SER A 21 7.35 -18.95 -3.15
C SER A 21 6.48 -19.12 -1.90
N GLU A 22 6.42 -18.08 -1.08
CA GLU A 22 5.62 -18.11 0.14
C GLU A 22 5.76 -16.80 0.91
N THR A 23 6.93 -16.18 0.81
CA THR A 23 7.18 -14.92 1.50
C THR A 23 5.99 -13.97 1.38
N ARG A 24 5.42 -13.91 0.19
CA ARG A 24 4.27 -13.05 -0.07
C ARG A 24 3.19 -13.25 1.00
N ALA A 25 2.98 -14.51 1.38
CA ALA A 25 1.98 -14.84 2.38
C ALA A 25 2.25 -14.11 3.69
N LYS A 26 3.50 -14.14 4.15
CA LYS A 26 3.88 -13.48 5.38
C LYS A 26 3.47 -12.01 5.36
N PHE A 27 3.55 -11.39 4.19
CA PHE A 27 3.19 -9.99 4.04
C PHE A 27 1.67 -9.83 4.01
N GLU A 28 0.98 -10.82 3.46
CA GLU A 28 -0.47 -10.78 3.36
C GLU A 28 -1.11 -11.01 4.72
N SER A 29 -0.87 -12.19 5.31
CA SER A 29 -1.43 -12.52 6.62
C SER A 29 -1.45 -11.30 7.53
N LEU A 30 -0.43 -10.45 7.40
CA LEU A 30 -0.34 -9.24 8.21
C LEU A 30 -1.60 -8.40 8.10
N PHE A 31 -2.01 -8.13 6.87
CA PHE A 31 -3.22 -7.34 6.62
C PHE A 31 -4.47 -8.21 6.74
N ARG A 32 -4.49 -9.31 6.01
CA ARG A 32 -5.62 -10.22 6.03
C ARG A 32 -6.16 -10.40 7.45
N THR A 33 -5.25 -10.64 8.39
CA THR A 33 -5.63 -10.82 9.78
C THR A 33 -6.74 -9.87 10.19
N TYR A 34 -6.62 -8.62 9.75
CA TYR A 34 -7.61 -7.60 10.07
C TYR A 34 -8.92 -7.86 9.32
N ASP A 35 -8.89 -7.66 8.01
CA ASP A 35 -10.08 -7.88 7.18
C ASP A 35 -9.93 -9.12 6.33
N LYS A 36 -11.04 -9.79 6.05
CA LYS A 36 -11.03 -11.00 5.24
C LYS A 36 -11.27 -10.68 3.78
N ASP A 37 -11.81 -9.50 3.51
CA ASP A 37 -12.09 -9.07 2.15
C ASP A 37 -11.07 -8.04 1.68
N THR A 38 -9.87 -8.10 2.25
CA THR A 38 -8.80 -7.17 1.90
C THR A 38 -8.14 -7.56 0.59
N THR A 39 -8.13 -6.64 -0.37
CA THR A 39 -7.53 -6.89 -1.67
C THR A 39 -6.08 -6.44 -1.71
N PHE A 40 -5.24 -7.20 -2.39
CA PHE A 40 -3.82 -6.87 -2.50
C PHE A 40 -3.41 -6.70 -3.95
N GLN A 41 -2.71 -5.61 -4.25
CA GLN A 41 -2.27 -5.33 -5.61
C GLN A 41 -0.75 -5.13 -5.66
N TYR A 42 -0.05 -6.12 -6.20
CA TYR A 42 1.41 -6.06 -6.29
C TYR A 42 1.84 -5.53 -7.65
N PHE A 43 2.59 -4.43 -7.63
CA PHE A 43 3.07 -3.81 -8.86
C PHE A 43 4.57 -4.01 -9.02
N LYS A 44 4.96 -4.97 -9.85
CA LYS A 44 6.37 -5.26 -10.08
C LYS A 44 7.04 -4.10 -10.80
N SER A 45 6.25 -3.28 -11.49
CA SER A 45 6.78 -2.14 -12.22
C SER A 45 7.09 -0.99 -11.27
N PHE A 46 6.58 -1.07 -10.04
CA PHE A 46 6.80 -0.04 -9.04
C PHE A 46 7.05 -0.66 -7.67
N LYS A 47 7.34 -1.97 -7.66
CA LYS A 47 7.60 -2.67 -6.41
C LYS A 47 6.69 -2.17 -5.30
N ARG A 48 5.49 -1.74 -5.66
CA ARG A 48 4.53 -1.23 -4.70
C ARG A 48 3.45 -2.27 -4.40
N VAL A 49 2.76 -2.10 -3.27
CA VAL A 49 1.71 -3.02 -2.87
C VAL A 49 0.51 -2.27 -2.31
N ARG A 50 -0.56 -2.20 -3.10
CA ARG A 50 -1.78 -1.52 -2.68
C ARG A 50 -2.74 -2.48 -2.00
N ILE A 51 -2.98 -2.26 -0.71
CA ILE A 51 -3.88 -3.11 0.05
C ILE A 51 -5.19 -2.39 0.35
N ASN A 52 -6.25 -2.77 -0.36
CA ASN A 52 -7.56 -2.15 -0.17
C ASN A 52 -8.38 -2.93 0.87
N PHE A 53 -9.00 -2.19 1.78
CA PHE A 53 -9.81 -2.81 2.83
C PHE A 53 -11.29 -2.63 2.56
N SER A 54 -12.12 -3.13 3.45
CA SER A 54 -13.57 -3.04 3.30
C SER A 54 -14.13 -1.91 4.17
N ASN A 55 -13.25 -1.23 4.89
CA ASN A 55 -13.66 -0.13 5.76
C ASN A 55 -12.48 0.79 6.07
N PRO A 56 -12.76 2.09 6.18
CA PRO A 56 -11.74 3.09 6.47
C PRO A 56 -11.20 2.99 7.89
N LEU A 57 -11.68 1.99 8.63
CA LEU A 57 -11.25 1.77 10.00
C LEU A 57 -9.99 0.92 10.05
N SER A 58 -10.11 -0.33 9.62
CA SER A 58 -8.98 -1.25 9.61
C SER A 58 -7.76 -0.61 8.94
N ALA A 59 -8.00 0.06 7.82
CA ALA A 59 -6.93 0.71 7.08
C ALA A 59 -5.98 1.44 8.03
N ALA A 60 -6.52 1.94 9.13
CA ALA A 60 -5.71 2.65 10.12
C ALA A 60 -4.87 1.69 10.94
N ASP A 61 -5.53 0.78 11.65
CA ASP A 61 -4.84 -0.21 12.47
C ASP A 61 -3.76 -0.93 11.67
N ALA A 62 -4.01 -1.10 10.38
CA ALA A 62 -3.06 -1.78 9.50
C ALA A 62 -1.75 -1.00 9.41
N ARG A 63 -1.83 0.30 9.63
CA ARG A 63 -0.65 1.17 9.56
C ARG A 63 0.19 1.02 10.84
N LEU A 64 -0.40 1.41 11.97
CA LEU A 64 0.29 1.33 13.25
C LEU A 64 0.91 -0.05 13.45
N ARG A 65 0.20 -1.08 13.01
CA ARG A 65 0.68 -2.45 13.14
C ARG A 65 1.79 -2.74 12.14
N LEU A 66 1.83 -1.95 11.08
CA LEU A 66 2.86 -2.12 10.04
C LEU A 66 3.64 -0.83 9.83
N HIS A 67 4.06 -0.60 8.59
CA HIS A 67 4.82 0.61 8.26
C HIS A 67 6.31 0.42 8.56
N LYS A 68 6.96 1.50 8.96
CA LYS A 68 8.39 1.45 9.27
C LYS A 68 8.76 0.12 9.93
N THR A 69 7.81 -0.45 10.68
CA THR A 69 8.04 -1.72 11.35
C THR A 69 8.95 -2.62 10.53
N GLU A 70 10.01 -3.12 11.17
CA GLU A 70 10.96 -3.99 10.49
C GLU A 70 10.31 -5.33 10.14
N PHE A 71 9.72 -5.40 8.96
CA PHE A 71 9.06 -6.61 8.49
C PHE A 71 10.08 -7.62 8.00
N LEU A 72 10.32 -8.65 8.80
CA LEU A 72 11.28 -9.69 8.45
C LEU A 72 12.70 -9.13 8.35
N GLY A 73 12.88 -7.92 8.87
CA GLY A 73 14.18 -7.29 8.84
C GLY A 73 14.20 -6.03 7.99
N LYS A 74 13.33 -6.00 6.98
CA LYS A 74 13.24 -4.83 6.09
C LYS A 74 12.12 -3.90 6.53
N GLU A 75 12.31 -2.60 6.30
CA GLU A 75 11.30 -1.61 6.66
C GLU A 75 10.37 -1.33 5.50
N MET A 76 9.07 -1.50 5.73
CA MET A 76 8.07 -1.26 4.71
C MET A 76 7.31 0.03 4.96
N LYS A 77 7.12 0.83 3.91
CA LYS A 77 6.42 2.10 4.01
C LYS A 77 4.93 1.92 3.70
N LEU A 78 4.14 2.92 4.07
CA LEU A 78 2.70 2.88 3.82
C LEU A 78 2.14 4.29 3.64
N TYR A 79 1.45 4.50 2.53
CA TYR A 79 0.86 5.81 2.24
C TYR A 79 -0.62 5.67 1.90
N PHE A 80 -1.45 6.46 2.58
CA PHE A 80 -2.89 6.43 2.36
C PHE A 80 -3.21 6.66 0.89
N ALA A 81 -3.66 5.61 0.21
CA ALA A 81 -4.01 5.70 -1.20
C ALA A 81 -5.00 6.83 -1.45
N GLN A 82 -4.76 7.60 -2.50
CA GLN A 82 -5.63 8.72 -2.85
C GLN A 82 -5.23 9.33 -4.19
N THR A 83 -5.75 8.77 -5.27
CA THR A 83 -5.44 9.27 -6.61
C THR A 83 -6.64 9.13 -7.54
N LEU A 84 -7.68 9.91 -7.26
CA LEU A 84 -8.90 9.87 -8.07
C LEU A 84 -9.62 11.22 -8.04
N HIS A 85 -9.25 12.10 -8.97
CA HIS A 85 -9.86 13.43 -9.05
C HIS A 85 -9.68 14.18 -7.74
N ILE A 86 -9.89 15.49 -7.79
CA ILE A 86 -9.76 16.33 -6.60
C ILE A 86 -10.64 17.57 -6.70
N GLY A 87 -11.42 17.82 -5.65
CA GLY A 87 -12.30 18.97 -5.63
C GLY A 87 -13.22 19.02 -6.83
N SER A 88 -14.12 18.03 -6.93
CA SER A 88 -15.05 17.95 -8.04
C SER A 88 -16.33 18.73 -7.73
N SER A 89 -17.14 18.96 -8.76
CA SER A 89 -18.39 19.70 -8.59
C SER A 89 -19.56 18.93 -9.21
N HIS A 90 -19.32 18.37 -10.39
CA HIS A 90 -20.35 17.60 -11.08
C HIS A 90 -21.53 18.49 -11.46
N LEU A 91 -22.21 18.14 -12.55
CA LEU A 91 -23.35 18.91 -13.02
C LEU A 91 -24.40 18.00 -13.66
N ALA A 92 -25.49 17.78 -12.95
CA ALA A 92 -26.56 16.92 -13.45
C ALA A 92 -27.80 17.02 -12.56
N PRO A 93 -28.97 16.68 -13.12
CA PRO A 93 -30.25 16.71 -12.40
C PRO A 93 -30.33 15.62 -11.34
N PRO A 94 -31.21 15.82 -10.35
CA PRO A 94 -31.42 14.86 -9.27
C PRO A 94 -32.10 13.58 -9.73
N ASN A 95 -31.29 12.56 -10.02
CA ASN A 95 -31.81 11.28 -10.48
C ASN A 95 -32.98 10.83 -9.61
N PRO A 96 -34.00 10.24 -10.26
CA PRO A 96 -35.19 9.74 -9.57
C PRO A 96 -34.91 8.52 -8.70
N ASP A 97 -35.69 8.35 -7.64
CA ASP A 97 -35.51 7.22 -6.74
C ASP A 97 -36.82 6.86 -6.06
N LYS A 98 -36.84 5.71 -5.39
CA LYS A 98 -38.05 5.25 -4.70
C LYS A 98 -37.71 4.15 -3.71
N SER A 99 -37.44 4.54 -2.47
CA SER A 99 -37.09 3.59 -1.41
C SER A 99 -37.87 3.89 -0.14
N GLY A 100 -38.51 2.87 0.42
CA GLY A 100 -39.27 3.06 1.64
C GLY A 100 -38.39 3.15 2.87
N PRO A 101 -38.82 3.96 3.84
CA PRO A 101 -38.08 4.17 5.09
C PRO A 101 -38.08 2.93 5.98
N SER A 102 -37.03 2.76 6.76
CA SER A 102 -36.90 1.62 7.65
C SER A 102 -36.93 2.05 9.12
N SER A 103 -36.13 3.07 9.43
CA SER A 103 -36.07 3.59 10.80
C SER A 103 -35.76 5.09 10.79
N GLY A 104 -36.66 5.87 11.38
CA GLY A 104 -36.47 7.31 11.43
C GLY A 104 -36.94 7.91 12.74
N GLY A 1 -25.72 -0.72 -1.93
CA GLY A 1 -24.56 -0.21 -2.61
C GLY A 1 -23.65 0.60 -1.70
N SER A 2 -22.89 -0.10 -0.87
CA SER A 2 -21.99 0.56 0.07
C SER A 2 -20.83 1.24 -0.67
N SER A 3 -20.45 2.42 -0.20
CA SER A 3 -19.37 3.17 -0.83
C SER A 3 -18.21 3.35 0.14
N GLY A 4 -17.00 3.17 -0.36
CA GLY A 4 -15.82 3.31 0.48
C GLY A 4 -14.60 2.63 -0.11
N SER A 5 -13.47 3.33 -0.10
CA SER A 5 -12.23 2.78 -0.64
C SER A 5 -11.35 2.22 0.47
N SER A 6 -10.85 3.11 1.33
CA SER A 6 -9.99 2.70 2.43
C SER A 6 -8.79 1.91 1.92
N GLY A 7 -8.12 2.44 0.90
CA GLY A 7 -6.96 1.78 0.34
C GLY A 7 -5.67 2.19 1.03
N LEU A 8 -4.61 1.41 0.79
CA LEU A 8 -3.31 1.69 1.40
C LEU A 8 -2.18 1.29 0.46
N ILE A 9 -1.26 2.22 0.22
CA ILE A 9 -0.13 1.95 -0.65
C ILE A 9 1.10 1.53 0.15
N ALA A 10 1.32 0.22 0.24
CA ALA A 10 2.46 -0.31 0.98
C ALA A 10 3.69 -0.45 0.07
N CYS A 11 4.83 -0.02 0.58
CA CYS A 11 6.07 -0.09 -0.20
C CYS A 11 7.07 -1.03 0.47
N VAL A 12 7.27 -2.19 -0.14
CA VAL A 12 8.20 -3.19 0.39
C VAL A 12 9.55 -3.12 -0.32
N ALA A 13 10.62 -3.41 0.41
CA ALA A 13 11.96 -3.38 -0.15
C ALA A 13 12.45 -4.79 -0.47
N ASN A 14 11.83 -5.78 0.16
CA ASN A 14 12.19 -7.18 -0.06
C ASN A 14 11.63 -7.69 -1.39
N ASP A 15 12.50 -7.79 -2.38
CA ASP A 15 12.09 -8.26 -3.70
C ASP A 15 11.51 -9.68 -3.62
N ASP A 16 11.74 -10.34 -2.49
CA ASP A 16 11.24 -11.69 -2.29
C ASP A 16 9.73 -11.68 -2.05
N VAL A 17 9.22 -10.56 -1.54
CA VAL A 17 7.80 -10.43 -1.27
C VAL A 17 6.98 -10.51 -2.56
N PHE A 18 7.65 -10.30 -3.69
CA PHE A 18 6.99 -10.35 -4.99
C PHE A 18 7.02 -11.77 -5.56
N SER A 19 7.20 -12.75 -4.68
CA SER A 19 7.24 -14.14 -5.09
C SER A 19 6.11 -14.94 -4.47
N GLU A 20 5.71 -16.02 -5.13
CA GLU A 20 4.62 -16.87 -4.65
C GLU A 20 5.15 -17.91 -3.67
N SER A 21 6.47 -18.00 -3.56
CA SER A 21 7.11 -18.97 -2.67
C SER A 21 6.40 -19.00 -1.32
N GLU A 22 6.60 -17.95 -0.53
CA GLU A 22 5.99 -17.86 0.79
C GLU A 22 6.14 -16.45 1.37
N THR A 23 7.34 -15.89 1.25
CA THR A 23 7.61 -14.56 1.76
C THR A 23 6.43 -13.63 1.56
N ARG A 24 5.69 -13.85 0.47
CA ARG A 24 4.51 -13.04 0.18
C ARG A 24 3.46 -13.18 1.26
N ALA A 25 2.94 -14.40 1.43
CA ALA A 25 1.93 -14.66 2.43
C ALA A 25 2.15 -13.80 3.68
N LYS A 26 3.32 -13.95 4.29
CA LYS A 26 3.65 -13.18 5.49
C LYS A 26 3.19 -11.74 5.36
N PHE A 27 3.48 -11.13 4.22
CA PHE A 27 3.09 -9.74 3.97
C PHE A 27 1.57 -9.60 3.94
N GLU A 28 0.91 -10.62 3.41
CA GLU A 28 -0.55 -10.61 3.30
C GLU A 28 -1.19 -10.83 4.68
N SER A 29 -0.90 -11.98 5.28
CA SER A 29 -1.46 -12.33 6.58
C SER A 29 -1.52 -11.09 7.48
N LEU A 30 -0.58 -10.16 7.28
CA LEU A 30 -0.52 -8.94 8.06
C LEU A 30 -1.81 -8.14 7.91
N PHE A 31 -2.18 -7.86 6.67
CA PHE A 31 -3.39 -7.10 6.38
C PHE A 31 -4.61 -8.00 6.38
N ARG A 32 -4.52 -9.12 5.66
CA ARG A 32 -5.63 -10.07 5.57
C ARG A 32 -6.18 -10.38 6.97
N THR A 33 -5.29 -10.72 7.90
CA THR A 33 -5.70 -11.04 9.25
C THR A 33 -6.81 -10.11 9.74
N TYR A 34 -6.69 -8.83 9.39
CA TYR A 34 -7.68 -7.84 9.79
C TYR A 34 -8.99 -8.05 9.04
N ASP A 35 -8.98 -7.76 7.74
CA ASP A 35 -10.18 -7.90 6.91
C ASP A 35 -10.02 -9.10 5.96
N LYS A 36 -11.14 -9.74 5.65
CA LYS A 36 -11.13 -10.88 4.75
C LYS A 36 -11.41 -10.46 3.31
N ASP A 37 -12.13 -9.36 3.16
CA ASP A 37 -12.46 -8.84 1.84
C ASP A 37 -11.40 -7.85 1.36
N THR A 38 -10.26 -7.83 2.05
CA THR A 38 -9.17 -6.94 1.69
C THR A 38 -8.46 -7.41 0.43
N THR A 39 -8.45 -6.56 -0.59
CA THR A 39 -7.81 -6.89 -1.86
C THR A 39 -6.34 -6.47 -1.85
N PHE A 40 -5.51 -7.26 -2.53
CA PHE A 40 -4.08 -6.99 -2.60
C PHE A 40 -3.63 -6.80 -4.06
N GLN A 41 -2.88 -5.74 -4.31
CA GLN A 41 -2.40 -5.45 -5.66
C GLN A 41 -0.88 -5.27 -5.65
N TYR A 42 -0.18 -6.24 -6.23
CA TYR A 42 1.28 -6.19 -6.29
C TYR A 42 1.74 -5.63 -7.64
N PHE A 43 2.62 -4.64 -7.58
CA PHE A 43 3.15 -4.02 -8.80
C PHE A 43 4.63 -4.33 -8.97
N LYS A 44 4.93 -5.32 -9.80
CA LYS A 44 6.31 -5.72 -10.05
C LYS A 44 7.12 -4.57 -10.63
N SER A 45 6.47 -3.75 -11.47
CA SER A 45 7.12 -2.61 -12.10
C SER A 45 7.31 -1.48 -11.09
N PHE A 46 6.22 -1.09 -10.45
CA PHE A 46 6.25 -0.02 -9.46
C PHE A 46 6.75 -0.53 -8.11
N LYS A 47 7.06 -1.82 -8.06
CA LYS A 47 7.54 -2.44 -6.82
C LYS A 47 6.74 -1.96 -5.62
N ARG A 48 5.44 -1.82 -5.79
CA ARG A 48 4.57 -1.37 -4.72
C ARG A 48 3.48 -2.40 -4.42
N VAL A 49 2.68 -2.13 -3.40
CA VAL A 49 1.60 -3.03 -3.01
C VAL A 49 0.38 -2.26 -2.51
N ARG A 50 -0.65 -2.20 -3.35
CA ARG A 50 -1.88 -1.49 -2.99
C ARG A 50 -2.89 -2.44 -2.34
N ILE A 51 -3.21 -2.18 -1.08
CA ILE A 51 -4.15 -3.00 -0.35
C ILE A 51 -5.46 -2.25 -0.09
N ASN A 52 -6.56 -2.79 -0.60
CA ASN A 52 -7.86 -2.17 -0.44
C ASN A 52 -8.65 -2.87 0.67
N PHE A 53 -9.21 -2.07 1.58
CA PHE A 53 -9.99 -2.59 2.68
C PHE A 53 -11.48 -2.32 2.49
N SER A 54 -12.30 -2.90 3.36
CA SER A 54 -13.75 -2.72 3.29
C SER A 54 -14.20 -1.54 4.14
N ASN A 55 -13.34 -1.11 5.06
CA ASN A 55 -13.65 0.01 5.93
C ASN A 55 -12.39 0.83 6.22
N PRO A 56 -12.58 2.16 6.33
CA PRO A 56 -11.48 3.08 6.60
C PRO A 56 -10.93 2.95 8.03
N LEU A 57 -11.51 2.02 8.78
CA LEU A 57 -11.09 1.78 10.16
C LEU A 57 -9.85 0.89 10.20
N SER A 58 -9.99 -0.34 9.72
CA SER A 58 -8.89 -1.29 9.70
C SER A 58 -7.64 -0.67 9.07
N ALA A 59 -7.83 -0.03 7.91
CA ALA A 59 -6.73 0.61 7.21
C ALA A 59 -5.78 1.30 8.17
N ALA A 60 -6.34 1.84 9.26
CA ALA A 60 -5.54 2.53 10.27
C ALA A 60 -4.71 1.54 11.08
N ASP A 61 -5.39 0.59 11.74
CA ASP A 61 -4.71 -0.41 12.55
C ASP A 61 -3.63 -1.11 11.75
N ALA A 62 -3.83 -1.20 10.44
CA ALA A 62 -2.86 -1.86 9.56
C ALA A 62 -1.59 -1.03 9.45
N ARG A 63 -1.72 0.28 9.62
CA ARG A 63 -0.57 1.19 9.53
C ARG A 63 0.27 1.12 10.80
N LEU A 64 -0.38 1.22 11.95
CA LEU A 64 0.31 1.17 13.24
C LEU A 64 0.99 -0.18 13.43
N ARG A 65 0.31 -1.25 13.02
CA ARG A 65 0.86 -2.59 13.15
C ARG A 65 1.94 -2.84 12.11
N LEU A 66 1.91 -2.07 11.03
CA LEU A 66 2.91 -2.20 9.97
C LEU A 66 3.68 -0.91 9.77
N HIS A 67 4.10 -0.65 8.54
CA HIS A 67 4.84 0.56 8.22
C HIS A 67 6.33 0.39 8.53
N LYS A 68 6.98 1.46 8.94
CA LYS A 68 8.40 1.42 9.26
C LYS A 68 8.78 0.08 9.91
N THR A 69 7.83 -0.50 10.63
CA THR A 69 8.07 -1.77 11.30
C THR A 69 9.00 -2.65 10.48
N GLU A 70 10.05 -3.16 11.13
CA GLU A 70 11.02 -4.02 10.46
C GLU A 70 10.36 -5.31 9.97
N PHE A 71 9.77 -5.25 8.78
CA PHE A 71 9.10 -6.41 8.20
C PHE A 71 10.12 -7.49 7.83
N LEU A 72 10.22 -8.51 8.67
CA LEU A 72 11.15 -9.61 8.42
C LEU A 72 12.59 -9.11 8.42
N GLY A 73 12.81 -7.91 8.94
CA GLY A 73 14.14 -7.34 8.98
C GLY A 73 14.26 -6.08 8.14
N LYS A 74 13.45 -6.01 7.08
CA LYS A 74 13.47 -4.86 6.18
C LYS A 74 12.37 -3.87 6.54
N GLU A 75 12.72 -2.59 6.58
CA GLU A 75 11.76 -1.54 6.90
C GLU A 75 10.81 -1.28 5.74
N MET A 76 9.52 -1.51 5.97
CA MET A 76 8.51 -1.29 4.94
C MET A 76 7.80 0.03 5.14
N LYS A 77 7.30 0.61 4.06
CA LYS A 77 6.59 1.88 4.11
C LYS A 77 5.11 1.69 3.80
N LEU A 78 4.31 2.71 4.11
CA LEU A 78 2.88 2.66 3.87
C LEU A 78 2.29 4.06 3.73
N TYR A 79 1.45 4.25 2.71
CA TYR A 79 0.83 5.54 2.47
C TYR A 79 -0.68 5.40 2.33
N PHE A 80 -1.40 6.46 2.70
CA PHE A 80 -2.86 6.45 2.63
C PHE A 80 -3.32 6.73 1.20
N ALA A 81 -3.67 5.67 0.47
CA ALA A 81 -4.15 5.80 -0.90
C ALA A 81 -5.06 7.01 -1.06
N GLN A 82 -5.79 7.34 0.01
CA GLN A 82 -6.70 8.48 -0.01
C GLN A 82 -6.09 9.65 -0.77
N THR A 83 -4.96 10.14 -0.28
CA THR A 83 -4.28 11.26 -0.92
C THR A 83 -5.23 12.42 -1.14
N LEU A 84 -4.70 13.53 -1.65
CA LEU A 84 -5.50 14.71 -1.92
C LEU A 84 -6.66 14.39 -2.86
N HIS A 85 -7.89 14.48 -2.35
CA HIS A 85 -9.07 14.20 -3.15
C HIS A 85 -9.38 15.36 -4.08
N ILE A 86 -10.13 15.07 -5.14
CA ILE A 86 -10.51 16.09 -6.11
C ILE A 86 -11.97 16.49 -5.97
N GLY A 87 -12.22 17.46 -5.09
CA GLY A 87 -13.59 17.92 -4.87
C GLY A 87 -13.82 19.31 -5.44
N SER A 88 -14.96 19.48 -6.12
CA SER A 88 -15.30 20.77 -6.72
C SER A 88 -15.02 21.91 -5.74
N SER A 89 -14.79 23.10 -6.29
CA SER A 89 -14.50 24.27 -5.46
C SER A 89 -15.78 25.06 -5.19
N HIS A 90 -15.64 26.12 -4.39
CA HIS A 90 -16.78 26.96 -4.05
C HIS A 90 -16.32 28.35 -3.63
N LEU A 91 -17.28 29.26 -3.41
CA LEU A 91 -16.97 30.62 -3.00
C LEU A 91 -18.16 31.26 -2.30
N ALA A 92 -17.98 32.49 -1.85
CA ALA A 92 -19.04 33.22 -1.17
C ALA A 92 -19.24 34.61 -1.76
N PRO A 93 -20.50 35.05 -1.83
CA PRO A 93 -20.86 36.36 -2.37
C PRO A 93 -20.40 37.51 -1.48
N PRO A 94 -20.41 38.73 -2.03
CA PRO A 94 -19.99 39.93 -1.30
C PRO A 94 -20.98 40.31 -0.21
N ASN A 95 -20.52 41.13 0.74
CA ASN A 95 -21.38 41.57 1.83
C ASN A 95 -20.75 42.76 2.56
N PRO A 96 -21.57 43.50 3.31
CA PRO A 96 -21.13 44.68 4.07
C PRO A 96 -20.24 44.30 5.25
N ASP A 97 -19.98 45.27 6.11
CA ASP A 97 -19.15 45.04 7.29
C ASP A 97 -19.73 43.91 8.15
N LYS A 98 -20.89 44.19 8.75
CA LYS A 98 -21.54 43.19 9.60
C LYS A 98 -22.94 43.66 10.00
N SER A 99 -23.95 43.22 9.25
CA SER A 99 -25.33 43.59 9.53
C SER A 99 -25.78 43.06 10.88
N GLY A 100 -25.58 43.86 11.93
CA GLY A 100 -25.97 43.44 13.26
C GLY A 100 -25.95 44.58 14.25
N PRO A 101 -25.84 44.25 15.55
CA PRO A 101 -25.81 45.25 16.62
C PRO A 101 -24.52 46.06 16.63
N SER A 102 -24.56 47.23 17.25
CA SER A 102 -23.39 48.10 17.32
C SER A 102 -23.00 48.37 18.78
N SER A 103 -21.78 47.98 19.14
CA SER A 103 -21.29 48.17 20.50
C SER A 103 -20.73 49.58 20.67
N GLY A 104 -20.20 49.86 21.86
CA GLY A 104 -19.63 51.16 22.14
C GLY A 104 -20.69 52.21 22.37
N GLY A 1 -20.82 7.17 -8.04
CA GLY A 1 -20.31 5.81 -8.18
C GLY A 1 -20.02 5.17 -6.84
N SER A 2 -19.27 4.07 -6.86
CA SER A 2 -18.92 3.36 -5.64
C SER A 2 -17.40 3.26 -5.49
N SER A 3 -16.94 3.16 -4.25
CA SER A 3 -15.52 3.06 -3.96
C SER A 3 -15.28 2.90 -2.47
N GLY A 4 -14.67 1.77 -2.09
CA GLY A 4 -14.39 1.50 -0.69
C GLY A 4 -13.89 2.74 0.03
N SER A 5 -12.96 3.45 -0.59
CA SER A 5 -12.38 4.65 0.01
C SER A 5 -11.54 4.30 1.24
N SER A 6 -10.89 3.14 1.17
CA SER A 6 -10.04 2.69 2.27
C SER A 6 -8.85 1.89 1.75
N GLY A 7 -8.07 2.52 0.88
CA GLY A 7 -6.91 1.86 0.31
C GLY A 7 -5.62 2.23 1.02
N LEU A 8 -4.59 1.42 0.84
CA LEU A 8 -3.30 1.68 1.47
C LEU A 8 -2.15 1.24 0.57
N ILE A 9 -1.23 2.16 0.30
CA ILE A 9 -0.09 1.86 -0.55
C ILE A 9 1.14 1.51 0.28
N ALA A 10 1.39 0.21 0.44
CA ALA A 10 2.53 -0.26 1.21
C ALA A 10 3.73 -0.55 0.31
N CYS A 11 4.85 0.12 0.57
CA CYS A 11 6.05 -0.06 -0.22
C CYS A 11 7.01 -1.02 0.47
N VAL A 12 7.20 -2.20 -0.12
CA VAL A 12 8.10 -3.21 0.43
C VAL A 12 9.48 -3.12 -0.20
N ALA A 13 10.50 -3.45 0.58
CA ALA A 13 11.88 -3.42 0.10
C ALA A 13 12.33 -4.81 -0.35
N ASN A 14 11.95 -5.83 0.40
CA ASN A 14 12.32 -7.20 0.09
C ASN A 14 11.71 -7.63 -1.25
N ASP A 15 12.52 -7.63 -2.30
CA ASP A 15 12.06 -8.03 -3.62
C ASP A 15 11.51 -9.45 -3.61
N ASP A 16 11.84 -10.20 -2.55
CA ASP A 16 11.39 -11.58 -2.42
C ASP A 16 9.88 -11.63 -2.14
N VAL A 17 9.37 -10.59 -1.50
CA VAL A 17 7.94 -10.51 -1.17
C VAL A 17 7.10 -10.57 -2.43
N PHE A 18 7.72 -10.32 -3.58
CA PHE A 18 7.03 -10.35 -4.86
C PHE A 18 7.17 -11.72 -5.53
N SER A 19 6.83 -12.77 -4.80
CA SER A 19 6.92 -14.13 -5.31
C SER A 19 5.79 -14.99 -4.78
N GLU A 20 5.59 -16.15 -5.41
CA GLU A 20 4.53 -17.06 -5.00
C GLU A 20 5.04 -18.05 -3.96
N SER A 21 6.36 -18.21 -3.90
CA SER A 21 6.98 -19.12 -2.94
C SER A 21 6.21 -19.14 -1.63
N GLU A 22 6.29 -18.03 -0.89
CA GLU A 22 5.61 -17.92 0.39
C GLU A 22 5.83 -16.53 1.00
N THR A 23 7.06 -16.05 0.92
CA THR A 23 7.41 -14.75 1.47
C THR A 23 6.27 -13.75 1.29
N ARG A 24 5.51 -13.92 0.21
CA ARG A 24 4.39 -13.04 -0.08
C ARG A 24 3.31 -13.15 1.00
N ALA A 25 2.85 -14.38 1.24
CA ALA A 25 1.83 -14.63 2.24
C ALA A 25 2.17 -13.93 3.56
N LYS A 26 3.41 -14.09 4.00
CA LYS A 26 3.86 -13.47 5.25
C LYS A 26 3.46 -12.00 5.30
N PHE A 27 3.47 -11.35 4.14
CA PHE A 27 3.11 -9.94 4.05
C PHE A 27 1.60 -9.77 3.96
N GLU A 28 0.93 -10.79 3.43
CA GLU A 28 -0.52 -10.74 3.28
C GLU A 28 -1.21 -10.89 4.64
N SER A 29 -0.91 -11.99 5.33
CA SER A 29 -1.51 -12.25 6.63
C SER A 29 -1.43 -11.02 7.53
N LEU A 30 -0.47 -10.16 7.24
CA LEU A 30 -0.28 -8.93 8.02
C LEU A 30 -1.50 -8.03 7.92
N PHE A 31 -2.08 -7.95 6.72
CA PHE A 31 -3.25 -7.12 6.50
C PHE A 31 -4.53 -7.96 6.56
N ARG A 32 -4.52 -9.10 5.89
CA ARG A 32 -5.67 -9.99 5.87
C ARG A 32 -6.13 -10.30 7.29
N THR A 33 -5.18 -10.63 8.16
CA THR A 33 -5.49 -10.95 9.55
C THR A 33 -6.60 -10.07 10.09
N TYR A 34 -6.64 -8.83 9.60
CA TYR A 34 -7.65 -7.88 10.04
C TYR A 34 -8.96 -8.09 9.30
N ASP A 35 -8.97 -7.75 8.01
CA ASP A 35 -10.16 -7.91 7.19
C ASP A 35 -10.00 -9.07 6.21
N LYS A 36 -11.10 -9.74 5.91
CA LYS A 36 -11.08 -10.87 4.98
C LYS A 36 -11.42 -10.43 3.57
N ASP A 37 -12.05 -9.26 3.45
CA ASP A 37 -12.43 -8.72 2.16
C ASP A 37 -11.37 -7.74 1.64
N THR A 38 -10.16 -7.85 2.17
CA THR A 38 -9.06 -6.98 1.77
C THR A 38 -8.38 -7.50 0.51
N THR A 39 -8.25 -6.64 -0.49
CA THR A 39 -7.61 -7.01 -1.74
C THR A 39 -6.20 -6.46 -1.82
N PHE A 40 -5.26 -7.30 -2.27
CA PHE A 40 -3.87 -6.88 -2.40
C PHE A 40 -3.47 -6.76 -3.86
N GLN A 41 -2.70 -5.71 -4.16
CA GLN A 41 -2.25 -5.48 -5.53
C GLN A 41 -0.74 -5.30 -5.60
N TYR A 42 -0.05 -6.31 -6.09
CA TYR A 42 1.41 -6.27 -6.20
C TYR A 42 1.84 -5.72 -7.55
N PHE A 43 2.70 -4.71 -7.52
CA PHE A 43 3.20 -4.10 -8.76
C PHE A 43 4.71 -4.32 -8.91
N LYS A 44 5.07 -5.32 -9.70
CA LYS A 44 6.48 -5.62 -9.93
C LYS A 44 7.18 -4.49 -10.68
N SER A 45 6.38 -3.61 -11.26
CA SER A 45 6.92 -2.47 -12.01
C SER A 45 7.42 -1.39 -11.06
N PHE A 46 6.65 -1.13 -10.01
CA PHE A 46 7.02 -0.11 -9.03
C PHE A 46 7.25 -0.75 -7.66
N LYS A 47 7.43 -2.06 -7.64
CA LYS A 47 7.67 -2.79 -6.40
C LYS A 47 6.79 -2.25 -5.28
N ARG A 48 5.53 -1.94 -5.60
CA ARG A 48 4.60 -1.42 -4.62
C ARG A 48 3.51 -2.43 -4.31
N VAL A 49 2.74 -2.17 -3.25
CA VAL A 49 1.66 -3.07 -2.85
C VAL A 49 0.44 -2.27 -2.39
N ARG A 50 -0.64 -2.38 -3.15
CA ARG A 50 -1.88 -1.68 -2.83
C ARG A 50 -2.85 -2.60 -2.09
N ILE A 51 -3.10 -2.31 -0.82
CA ILE A 51 -4.00 -3.12 -0.02
C ILE A 51 -5.31 -2.37 0.24
N ASN A 52 -6.37 -2.81 -0.43
CA ASN A 52 -7.68 -2.17 -0.28
C ASN A 52 -8.51 -2.90 0.78
N PHE A 53 -9.17 -2.14 1.63
CA PHE A 53 -10.00 -2.71 2.69
C PHE A 53 -11.48 -2.43 2.44
N SER A 54 -12.33 -2.96 3.30
CA SER A 54 -13.78 -2.79 3.17
C SER A 54 -14.25 -1.59 4.00
N ASN A 55 -13.47 -1.24 5.02
CA ASN A 55 -13.81 -0.12 5.89
C ASN A 55 -12.58 0.74 6.18
N PRO A 56 -12.79 2.05 6.28
CA PRO A 56 -11.70 3.01 6.55
C PRO A 56 -11.18 2.88 7.98
N LEU A 57 -11.77 1.98 8.75
CA LEU A 57 -11.37 1.77 10.13
C LEU A 57 -10.08 0.95 10.20
N SER A 58 -10.17 -0.31 9.79
CA SER A 58 -9.02 -1.21 9.80
C SER A 58 -7.82 -0.55 9.12
N ALA A 59 -8.06 0.04 7.96
CA ALA A 59 -6.99 0.71 7.21
C ALA A 59 -5.99 1.37 8.15
N ALA A 60 -6.50 1.97 9.22
CA ALA A 60 -5.65 2.64 10.20
C ALA A 60 -4.79 1.63 10.96
N ASP A 61 -5.46 0.74 11.69
CA ASP A 61 -4.76 -0.28 12.47
C ASP A 61 -3.68 -0.96 11.64
N ALA A 62 -3.99 -1.23 10.37
CA ALA A 62 -3.04 -1.87 9.47
C ALA A 62 -1.74 -1.09 9.41
N ARG A 63 -1.83 0.22 9.55
CA ARG A 63 -0.65 1.08 9.51
C ARG A 63 0.19 0.93 10.78
N LEU A 64 -0.41 1.25 11.92
CA LEU A 64 0.28 1.15 13.20
C LEU A 64 0.92 -0.23 13.37
N ARG A 65 0.18 -1.27 12.98
CA ARG A 65 0.67 -2.64 13.08
C ARG A 65 1.79 -2.89 12.07
N LEU A 66 1.83 -2.07 11.04
CA LEU A 66 2.84 -2.21 9.99
C LEU A 66 3.63 -0.91 9.82
N HIS A 67 4.08 -0.65 8.60
CA HIS A 67 4.83 0.56 8.30
C HIS A 67 6.31 0.37 8.63
N LYS A 68 6.95 1.44 9.09
CA LYS A 68 8.36 1.39 9.45
C LYS A 68 8.73 0.04 10.06
N THR A 69 7.76 -0.56 10.75
CA THR A 69 7.98 -1.87 11.38
C THR A 69 8.94 -2.73 10.56
N GLU A 70 9.96 -3.25 11.23
CA GLU A 70 10.96 -4.08 10.56
C GLU A 70 10.34 -5.41 10.13
N PHE A 71 9.76 -5.43 8.93
CA PHE A 71 9.14 -6.63 8.40
C PHE A 71 10.19 -7.63 7.94
N LEU A 72 10.39 -8.69 8.72
CA LEU A 72 11.37 -9.71 8.39
C LEU A 72 12.77 -9.11 8.26
N GLY A 73 12.98 -7.99 8.94
CA GLY A 73 14.27 -7.33 8.89
C GLY A 73 14.30 -6.15 7.94
N LYS A 74 13.33 -6.11 7.02
CA LYS A 74 13.24 -5.02 6.06
C LYS A 74 12.13 -4.05 6.45
N GLU A 75 12.44 -2.76 6.43
CA GLU A 75 11.48 -1.73 6.77
C GLU A 75 10.54 -1.46 5.60
N MET A 76 9.23 -1.52 5.87
CA MET A 76 8.23 -1.28 4.84
C MET A 76 7.50 0.04 5.10
N LYS A 77 7.21 0.77 4.03
CA LYS A 77 6.51 2.03 4.13
C LYS A 77 5.03 1.88 3.77
N LEU A 78 4.24 2.89 4.09
CA LEU A 78 2.81 2.87 3.79
C LEU A 78 2.28 4.28 3.56
N TYR A 79 1.39 4.42 2.58
CA TYR A 79 0.81 5.72 2.27
C TYR A 79 -0.70 5.60 2.08
N PHE A 80 -1.44 6.52 2.70
CA PHE A 80 -2.90 6.52 2.61
C PHE A 80 -3.34 6.67 1.15
N ALA A 81 -3.69 5.54 0.54
CA ALA A 81 -4.14 5.53 -0.85
C ALA A 81 -5.28 6.53 -1.06
N GLN A 82 -5.02 7.58 -1.83
CA GLN A 82 -6.03 8.59 -2.11
C GLN A 82 -6.66 8.37 -3.47
N THR A 83 -7.75 9.08 -3.74
CA THR A 83 -8.46 8.97 -5.01
C THR A 83 -7.48 8.93 -6.17
N LEU A 84 -7.79 8.12 -7.18
CA LEU A 84 -6.94 8.00 -8.36
C LEU A 84 -6.49 9.37 -8.86
N HIS A 85 -5.21 9.49 -9.16
CA HIS A 85 -4.66 10.74 -9.66
C HIS A 85 -3.41 10.50 -10.50
N ILE A 86 -3.46 10.88 -11.77
CA ILE A 86 -2.33 10.71 -12.67
C ILE A 86 -1.25 11.75 -12.42
N GLY A 87 0.00 11.33 -12.50
CA GLY A 87 1.11 12.24 -12.28
C GLY A 87 2.30 11.94 -13.17
N SER A 88 3.29 12.83 -13.17
CA SER A 88 4.48 12.66 -13.98
C SER A 88 5.61 13.54 -13.47
N SER A 89 5.33 14.82 -13.29
CA SER A 89 6.33 15.78 -12.81
C SER A 89 7.38 16.03 -13.88
N HIS A 90 8.08 17.16 -13.75
CA HIS A 90 9.13 17.52 -14.70
C HIS A 90 10.08 18.55 -14.10
N LEU A 91 11.32 18.13 -13.86
CA LEU A 91 12.34 19.01 -13.29
C LEU A 91 13.72 18.38 -13.38
N ALA A 92 14.60 19.03 -14.13
CA ALA A 92 15.96 18.54 -14.31
C ALA A 92 16.98 19.63 -14.02
N PRO A 93 18.16 19.23 -13.52
CA PRO A 93 19.25 20.16 -13.19
C PRO A 93 19.87 20.78 -14.44
N PRO A 94 20.50 21.96 -14.26
CA PRO A 94 21.15 22.68 -15.36
C PRO A 94 22.41 21.96 -15.85
N ASN A 95 22.48 21.73 -17.16
CA ASN A 95 23.62 21.07 -17.76
C ASN A 95 24.67 22.07 -18.21
N PRO A 96 25.95 21.74 -17.99
CA PRO A 96 27.07 22.61 -18.38
C PRO A 96 27.25 22.69 -19.88
N ASP A 97 28.23 23.48 -20.32
CA ASP A 97 28.50 23.65 -21.74
C ASP A 97 29.81 24.40 -21.95
N LYS A 98 30.87 23.65 -22.23
CA LYS A 98 32.18 24.24 -22.45
C LYS A 98 33.21 23.17 -22.83
N SER A 99 34.42 23.61 -23.16
CA SER A 99 35.48 22.69 -23.53
C SER A 99 35.08 21.87 -24.76
N GLY A 100 35.66 22.20 -25.91
CA GLY A 100 35.35 21.48 -27.13
C GLY A 100 36.59 21.13 -27.93
N PRO A 101 36.53 20.03 -28.69
CA PRO A 101 37.64 19.56 -29.52
C PRO A 101 37.91 20.49 -30.70
N SER A 102 39.18 20.79 -30.93
CA SER A 102 39.56 21.67 -32.03
C SER A 102 40.21 20.87 -33.16
N SER A 103 40.52 21.55 -34.26
CA SER A 103 41.14 20.90 -35.42
C SER A 103 42.65 21.03 -35.37
N GLY A 104 43.34 20.10 -36.00
CA GLY A 104 44.79 20.11 -36.02
C GLY A 104 45.37 19.44 -37.25
N GLY A 1 -22.18 0.41 4.26
CA GLY A 1 -22.47 1.25 3.11
C GLY A 1 -21.98 2.68 3.31
N SER A 2 -20.67 2.87 3.14
CA SER A 2 -20.06 4.20 3.30
C SER A 2 -18.63 4.21 2.79
N SER A 3 -18.49 4.39 1.47
CA SER A 3 -17.16 4.41 0.85
C SER A 3 -16.35 5.60 1.35
N GLY A 4 -15.05 5.57 1.11
CA GLY A 4 -14.18 6.64 1.54
C GLY A 4 -12.71 6.33 1.32
N SER A 5 -11.92 6.50 2.38
CA SER A 5 -10.47 6.23 2.29
C SER A 5 -10.11 5.00 3.10
N SER A 6 -9.96 3.87 2.41
CA SER A 6 -9.61 2.62 3.05
C SER A 6 -8.36 2.01 2.43
N GLY A 7 -8.10 2.35 1.17
CA GLY A 7 -6.93 1.84 0.48
C GLY A 7 -5.63 2.18 1.21
N LEU A 8 -4.57 1.47 0.86
CA LEU A 8 -3.27 1.70 1.49
C LEU A 8 -2.14 1.29 0.54
N ILE A 9 -1.17 2.19 0.37
CA ILE A 9 -0.03 1.93 -0.50
C ILE A 9 1.19 1.49 0.31
N ALA A 10 1.39 0.18 0.42
CA ALA A 10 2.52 -0.35 1.16
C ALA A 10 3.72 -0.59 0.24
N CYS A 11 4.84 0.04 0.58
CA CYS A 11 6.06 -0.09 -0.21
C CYS A 11 7.04 -1.05 0.46
N VAL A 12 7.27 -2.19 -0.18
CA VAL A 12 8.19 -3.20 0.35
C VAL A 12 9.55 -3.11 -0.34
N ALA A 13 10.59 -3.49 0.39
CA ALA A 13 11.95 -3.46 -0.15
C ALA A 13 12.44 -4.87 -0.48
N ASN A 14 11.84 -5.86 0.18
CA ASN A 14 12.22 -7.26 -0.04
C ASN A 14 11.63 -7.78 -1.34
N ASP A 15 12.46 -7.81 -2.39
CA ASP A 15 12.03 -8.29 -3.69
C ASP A 15 11.36 -9.65 -3.58
N ASP A 16 11.72 -10.39 -2.53
CA ASP A 16 11.14 -11.71 -2.30
C ASP A 16 9.63 -11.63 -2.14
N VAL A 17 9.18 -10.73 -1.28
CA VAL A 17 7.75 -10.56 -1.04
C VAL A 17 6.96 -10.63 -2.33
N PHE A 18 7.59 -10.23 -3.43
CA PHE A 18 6.95 -10.25 -4.74
C PHE A 18 7.11 -11.62 -5.40
N SER A 19 7.15 -12.67 -4.58
CA SER A 19 7.29 -14.02 -5.09
C SER A 19 6.10 -14.90 -4.68
N GLU A 20 5.91 -16.00 -5.39
CA GLU A 20 4.82 -16.92 -5.11
C GLU A 20 5.24 -17.96 -4.07
N SER A 21 6.55 -18.14 -3.93
CA SER A 21 7.08 -19.12 -2.99
C SER A 21 6.23 -19.16 -1.71
N GLU A 22 6.33 -18.10 -0.92
CA GLU A 22 5.57 -18.02 0.33
C GLU A 22 5.75 -16.65 0.98
N THR A 23 6.97 -16.13 0.93
CA THR A 23 7.28 -14.83 1.51
C THR A 23 6.10 -13.86 1.36
N ARG A 24 5.46 -13.91 0.21
CA ARG A 24 4.31 -13.05 -0.07
C ARG A 24 3.27 -13.14 1.04
N ALA A 25 2.78 -14.36 1.27
CA ALA A 25 1.78 -14.59 2.31
C ALA A 25 2.12 -13.82 3.58
N LYS A 26 3.35 -14.01 4.06
CA LYS A 26 3.79 -13.34 5.27
C LYS A 26 3.39 -11.87 5.27
N PHE A 27 3.55 -11.22 4.12
CA PHE A 27 3.20 -9.81 3.99
C PHE A 27 1.69 -9.63 3.93
N GLU A 28 1.01 -10.63 3.38
CA GLU A 28 -0.44 -10.58 3.26
C GLU A 28 -1.11 -10.78 4.61
N SER A 29 -0.93 -11.96 5.20
CA SER A 29 -1.51 -12.27 6.50
C SER A 29 -1.55 -11.04 7.39
N LEU A 30 -0.49 -10.23 7.31
CA LEU A 30 -0.40 -9.00 8.11
C LEU A 30 -1.67 -8.18 7.99
N PHE A 31 -2.06 -7.86 6.75
CA PHE A 31 -3.25 -7.08 6.50
C PHE A 31 -4.50 -7.94 6.59
N ARG A 32 -4.48 -9.08 5.90
CA ARG A 32 -5.62 -9.99 5.90
C ARG A 32 -6.12 -10.22 7.33
N THR A 33 -5.19 -10.43 8.25
CA THR A 33 -5.54 -10.67 9.65
C THR A 33 -6.67 -9.74 10.09
N TYR A 34 -6.62 -8.49 9.65
CA TYR A 34 -7.63 -7.51 10.01
C TYR A 34 -8.93 -7.76 9.25
N ASP A 35 -8.91 -7.51 7.94
CA ASP A 35 -10.08 -7.71 7.10
C ASP A 35 -9.88 -8.92 6.19
N LYS A 36 -10.99 -9.62 5.92
CA LYS A 36 -10.94 -10.80 5.08
C LYS A 36 -11.23 -10.44 3.61
N ASP A 37 -11.99 -9.37 3.42
CA ASP A 37 -12.33 -8.91 2.07
C ASP A 37 -11.29 -7.93 1.55
N THR A 38 -10.07 -8.05 2.05
CA THR A 38 -8.98 -7.17 1.64
C THR A 38 -8.37 -7.64 0.33
N THR A 39 -8.14 -6.70 -0.58
CA THR A 39 -7.56 -7.01 -1.89
C THR A 39 -6.10 -6.59 -1.95
N PHE A 40 -5.23 -7.52 -2.34
CA PHE A 40 -3.80 -7.23 -2.44
C PHE A 40 -3.38 -7.11 -3.91
N GLN A 41 -2.76 -5.98 -4.25
CA GLN A 41 -2.31 -5.73 -5.61
C GLN A 41 -0.80 -5.46 -5.64
N TYR A 42 -0.04 -6.42 -6.17
CA TYR A 42 1.40 -6.28 -6.26
C TYR A 42 1.80 -5.62 -7.56
N PHE A 43 2.63 -4.58 -7.46
CA PHE A 43 3.10 -3.85 -8.64
C PHE A 43 4.59 -4.06 -8.85
N LYS A 44 4.95 -5.00 -9.72
CA LYS A 44 6.35 -5.29 -10.02
C LYS A 44 7.01 -4.10 -10.69
N SER A 45 6.21 -3.25 -11.32
CA SER A 45 6.74 -2.07 -12.01
C SER A 45 7.27 -1.05 -11.01
N PHE A 46 6.53 -0.87 -9.91
CA PHE A 46 6.91 0.08 -8.88
C PHE A 46 7.14 -0.63 -7.55
N LYS A 47 7.38 -1.94 -7.61
CA LYS A 47 7.61 -2.74 -6.42
C LYS A 47 6.75 -2.23 -5.25
N ARG A 48 5.49 -1.95 -5.53
CA ARG A 48 4.57 -1.47 -4.51
C ARG A 48 3.50 -2.51 -4.20
N VAL A 49 2.67 -2.22 -3.21
CA VAL A 49 1.59 -3.12 -2.81
C VAL A 49 0.35 -2.36 -2.40
N ARG A 50 -0.70 -2.46 -3.22
CA ARG A 50 -1.96 -1.78 -2.94
C ARG A 50 -2.91 -2.69 -2.16
N ILE A 51 -3.18 -2.34 -0.92
CA ILE A 51 -4.08 -3.11 -0.08
C ILE A 51 -5.40 -2.39 0.14
N ASN A 52 -6.47 -2.89 -0.48
CA ASN A 52 -7.79 -2.30 -0.35
C ASN A 52 -8.61 -3.02 0.71
N PHE A 53 -9.09 -2.26 1.69
CA PHE A 53 -9.89 -2.81 2.77
C PHE A 53 -11.38 -2.60 2.51
N SER A 54 -12.21 -3.14 3.41
CA SER A 54 -13.65 -3.01 3.27
C SER A 54 -14.17 -1.85 4.11
N ASN A 55 -13.30 -1.29 4.95
CA ASN A 55 -13.68 -0.17 5.80
C ASN A 55 -12.47 0.73 6.09
N PRO A 56 -12.72 2.04 6.16
CA PRO A 56 -11.67 3.02 6.43
C PRO A 56 -11.14 2.94 7.85
N LEU A 57 -11.67 1.99 8.63
CA LEU A 57 -11.23 1.80 10.01
C LEU A 57 -9.98 0.93 10.07
N SER A 58 -10.11 -0.32 9.64
CA SER A 58 -8.98 -1.24 9.65
C SER A 58 -7.74 -0.61 9.02
N ALA A 59 -7.93 0.00 7.86
CA ALA A 59 -6.83 0.67 7.16
C ALA A 59 -5.89 1.35 8.13
N ALA A 60 -6.45 1.92 9.19
CA ALA A 60 -5.67 2.61 10.21
C ALA A 60 -4.82 1.63 11.01
N ASP A 61 -5.49 0.71 11.70
CA ASP A 61 -4.80 -0.29 12.52
C ASP A 61 -3.76 -1.03 11.69
N ALA A 62 -4.01 -1.15 10.40
CA ALA A 62 -3.10 -1.84 9.50
C ALA A 62 -1.76 -1.11 9.41
N ARG A 63 -1.78 0.19 9.69
CA ARG A 63 -0.57 0.99 9.64
C ARG A 63 0.23 0.85 10.93
N LEU A 64 -0.36 1.30 12.03
CA LEU A 64 0.29 1.21 13.33
C LEU A 64 0.98 -0.14 13.53
N ARG A 65 0.31 -1.20 13.06
CA ARG A 65 0.85 -2.55 13.18
C ARG A 65 1.97 -2.78 12.17
N LEU A 66 1.89 -2.10 11.03
CA LEU A 66 2.89 -2.23 9.98
C LEU A 66 3.67 -0.93 9.82
N HIS A 67 4.13 -0.68 8.60
CA HIS A 67 4.90 0.53 8.31
C HIS A 67 6.37 0.35 8.66
N LYS A 68 7.01 1.43 9.10
CA LYS A 68 8.42 1.39 9.47
C LYS A 68 8.77 0.03 10.09
N THR A 69 7.81 -0.56 10.80
CA THR A 69 8.03 -1.85 11.44
C THR A 69 8.98 -2.72 10.63
N GLU A 70 10.03 -3.22 11.29
CA GLU A 70 11.01 -4.07 10.62
C GLU A 70 10.37 -5.38 10.16
N PHE A 71 9.86 -5.39 8.94
CA PHE A 71 9.22 -6.58 8.39
C PHE A 71 10.26 -7.60 7.94
N LEU A 72 10.49 -8.60 8.77
CA LEU A 72 11.47 -9.65 8.47
C LEU A 72 12.86 -9.06 8.33
N GLY A 73 13.06 -7.88 8.91
CA GLY A 73 14.35 -7.23 8.84
C GLY A 73 14.34 -5.99 7.98
N LYS A 74 13.44 -5.96 6.99
CA LYS A 74 13.33 -4.83 6.08
C LYS A 74 12.18 -3.92 6.50
N GLU A 75 12.40 -2.61 6.40
CA GLU A 75 11.38 -1.63 6.76
C GLU A 75 10.46 -1.34 5.58
N MET A 76 9.15 -1.47 5.82
CA MET A 76 8.17 -1.22 4.77
C MET A 76 7.43 0.10 5.02
N LYS A 77 7.15 0.82 3.95
CA LYS A 77 6.45 2.10 4.05
C LYS A 77 4.96 1.93 3.72
N LEU A 78 4.17 2.94 4.08
CA LEU A 78 2.74 2.91 3.83
C LEU A 78 2.19 4.32 3.61
N TYR A 79 1.50 4.51 2.50
CA TYR A 79 0.93 5.82 2.17
C TYR A 79 -0.59 5.72 2.00
N PHE A 80 -1.30 6.62 2.67
CA PHE A 80 -2.75 6.64 2.59
C PHE A 80 -3.23 6.83 1.16
N ALA A 81 -3.72 5.75 0.55
CA ALA A 81 -4.20 5.80 -0.82
C ALA A 81 -5.30 6.84 -0.98
N GLN A 82 -5.76 7.04 -2.21
CA GLN A 82 -6.81 8.01 -2.49
C GLN A 82 -7.29 7.88 -3.94
N THR A 83 -6.37 8.03 -4.88
CA THR A 83 -6.70 7.94 -6.30
C THR A 83 -5.47 7.60 -7.13
N LEU A 84 -4.43 8.42 -7.00
CA LEU A 84 -3.20 8.21 -7.74
C LEU A 84 -2.13 9.22 -7.32
N HIS A 85 -0.88 8.76 -7.29
CA HIS A 85 0.23 9.63 -6.90
C HIS A 85 0.64 10.54 -8.05
N ILE A 86 1.32 11.63 -7.73
CA ILE A 86 1.77 12.59 -8.73
C ILE A 86 3.22 12.35 -9.10
N GLY A 87 3.48 12.18 -10.40
CA GLY A 87 4.83 11.95 -10.87
C GLY A 87 5.60 13.24 -11.06
N SER A 88 6.85 13.12 -11.49
CA SER A 88 7.71 14.29 -11.70
C SER A 88 7.90 15.05 -10.40
N SER A 89 8.99 15.82 -10.33
CA SER A 89 9.30 16.60 -9.14
C SER A 89 8.76 18.02 -9.28
N HIS A 90 9.10 18.68 -10.38
CA HIS A 90 8.66 20.04 -10.64
C HIS A 90 9.16 20.99 -9.56
N LEU A 91 10.23 21.72 -9.87
CA LEU A 91 10.81 22.66 -8.92
C LEU A 91 11.73 23.65 -9.63
N ALA A 92 12.49 23.16 -10.59
CA ALA A 92 13.41 24.00 -11.35
C ALA A 92 14.56 24.48 -10.47
N PRO A 93 15.56 23.62 -10.27
CA PRO A 93 16.74 23.94 -9.45
C PRO A 93 17.64 24.98 -10.12
N PRO A 94 18.57 25.53 -9.33
CA PRO A 94 19.51 26.54 -9.82
C PRO A 94 20.54 25.96 -10.79
N ASN A 95 20.22 26.04 -12.09
CA ASN A 95 21.11 25.52 -13.12
C ASN A 95 22.46 26.22 -13.07
N PRO A 96 23.53 25.45 -13.32
CA PRO A 96 24.90 25.98 -13.32
C PRO A 96 25.17 26.92 -14.49
N ASP A 97 26.26 27.66 -14.41
CA ASP A 97 26.63 28.60 -15.47
C ASP A 97 25.56 29.67 -15.64
N LYS A 98 25.99 30.91 -15.83
CA LYS A 98 25.07 32.03 -16.00
C LYS A 98 25.71 33.12 -16.87
N SER A 99 24.90 34.11 -17.22
CA SER A 99 25.38 35.22 -18.05
C SER A 99 26.51 35.97 -17.35
N GLY A 100 26.30 36.31 -16.09
CA GLY A 100 27.31 37.03 -15.33
C GLY A 100 27.60 38.39 -15.90
N PRO A 101 26.76 39.38 -15.54
CA PRO A 101 26.91 40.76 -16.02
C PRO A 101 28.14 41.45 -15.43
N SER A 102 29.19 41.58 -16.23
CA SER A 102 30.42 42.22 -15.78
C SER A 102 31.00 43.12 -16.88
N SER A 103 32.17 43.68 -16.61
CA SER A 103 32.83 44.57 -17.57
C SER A 103 34.14 45.10 -17.01
N GLY A 104 35.04 45.48 -17.90
CA GLY A 104 36.33 46.00 -17.47
C GLY A 104 37.46 45.01 -17.68
N GLY A 1 -21.28 -3.04 4.99
CA GLY A 1 -21.04 -1.67 5.39
C GLY A 1 -20.95 -0.73 4.20
N SER A 2 -21.22 0.55 4.43
CA SER A 2 -21.16 1.55 3.37
C SER A 2 -19.84 1.48 2.62
N SER A 3 -19.90 1.67 1.31
CA SER A 3 -18.71 1.62 0.47
C SER A 3 -18.07 3.00 0.35
N GLY A 4 -16.81 3.03 -0.06
CA GLY A 4 -16.11 4.29 -0.21
C GLY A 4 -14.61 4.11 -0.37
N SER A 5 -13.84 5.05 0.16
CA SER A 5 -12.38 4.99 0.07
C SER A 5 -11.80 4.31 1.30
N SER A 6 -10.80 3.46 1.08
CA SER A 6 -10.14 2.73 2.16
C SER A 6 -8.98 1.91 1.63
N GLY A 7 -8.11 2.53 0.85
CA GLY A 7 -6.96 1.85 0.30
C GLY A 7 -5.66 2.28 0.93
N LEU A 8 -4.61 1.48 0.75
CA LEU A 8 -3.31 1.78 1.31
C LEU A 8 -2.19 1.36 0.36
N ILE A 9 -1.13 2.17 0.31
CA ILE A 9 0.00 1.88 -0.56
C ILE A 9 1.22 1.45 0.26
N ALA A 10 1.45 0.14 0.32
CA ALA A 10 2.58 -0.40 1.07
C ALA A 10 3.78 -0.61 0.16
N CYS A 11 4.93 -0.08 0.57
CA CYS A 11 6.15 -0.20 -0.20
C CYS A 11 7.12 -1.17 0.46
N VAL A 12 7.39 -2.28 -0.22
CA VAL A 12 8.31 -3.30 0.31
C VAL A 12 9.61 -3.31 -0.47
N ALA A 13 10.72 -3.39 0.25
CA ALA A 13 12.04 -3.43 -0.39
C ALA A 13 12.46 -4.86 -0.72
N ASN A 14 11.83 -5.82 -0.05
CA ASN A 14 12.14 -7.23 -0.29
C ASN A 14 11.51 -7.71 -1.58
N ASP A 15 12.33 -7.82 -2.62
CA ASP A 15 11.85 -8.27 -3.92
C ASP A 15 11.28 -9.69 -3.83
N ASP A 16 11.57 -10.37 -2.73
CA ASP A 16 11.10 -11.73 -2.52
C ASP A 16 9.60 -11.73 -2.24
N VAL A 17 9.12 -10.69 -1.56
CA VAL A 17 7.70 -10.58 -1.22
C VAL A 17 6.85 -10.57 -2.48
N PHE A 18 7.47 -10.31 -3.62
CA PHE A 18 6.76 -10.28 -4.90
C PHE A 18 6.83 -11.63 -5.60
N SER A 19 7.04 -12.68 -4.81
CA SER A 19 7.13 -14.04 -5.36
C SER A 19 5.97 -14.90 -4.87
N GLU A 20 5.63 -15.92 -5.65
CA GLU A 20 4.54 -16.82 -5.29
C GLU A 20 5.02 -17.90 -4.33
N SER A 21 6.33 -17.99 -4.15
CA SER A 21 6.92 -18.98 -3.25
C SER A 21 6.14 -19.07 -1.95
N GLU A 22 6.21 -18.01 -1.14
CA GLU A 22 5.51 -17.98 0.13
C GLU A 22 5.73 -16.63 0.83
N THR A 23 6.96 -16.14 0.78
CA THR A 23 7.29 -14.86 1.40
C THR A 23 6.14 -13.87 1.29
N ARG A 24 5.51 -13.85 0.12
CA ARG A 24 4.39 -12.94 -0.11
C ARG A 24 3.33 -13.10 0.97
N ALA A 25 2.96 -14.34 1.27
CA ALA A 25 1.97 -14.61 2.29
C ALA A 25 2.29 -13.90 3.59
N LYS A 26 3.54 -13.98 4.01
CA LYS A 26 3.98 -13.34 5.25
C LYS A 26 3.55 -11.88 5.28
N PHE A 27 3.54 -11.24 4.12
CA PHE A 27 3.15 -9.84 4.02
C PHE A 27 1.63 -9.70 4.04
N GLU A 28 0.95 -10.64 3.38
CA GLU A 28 -0.51 -10.62 3.33
C GLU A 28 -1.11 -10.80 4.71
N SER A 29 -0.78 -11.91 5.36
CA SER A 29 -1.30 -12.20 6.70
C SER A 29 -1.38 -10.92 7.54
N LEU A 30 -0.39 -10.06 7.38
CA LEU A 30 -0.36 -8.80 8.14
C LEU A 30 -1.67 -8.05 7.98
N PHE A 31 -2.05 -7.77 6.74
CA PHE A 31 -3.30 -7.06 6.47
C PHE A 31 -4.48 -8.01 6.49
N ARG A 32 -4.38 -9.10 5.74
CA ARG A 32 -5.44 -10.09 5.67
C ARG A 32 -6.00 -10.40 7.06
N THR A 33 -5.10 -10.55 8.03
CA THR A 33 -5.49 -10.84 9.39
C THR A 33 -6.61 -9.91 9.86
N TYR A 34 -6.47 -8.63 9.56
CA TYR A 34 -7.46 -7.63 9.94
C TYR A 34 -8.79 -7.89 9.24
N ASP A 35 -8.82 -7.65 7.94
CA ASP A 35 -10.02 -7.85 7.14
C ASP A 35 -9.87 -9.07 6.24
N LYS A 36 -10.99 -9.76 6.01
CA LYS A 36 -10.98 -10.95 5.17
C LYS A 36 -11.26 -10.59 3.71
N ASP A 37 -11.82 -9.40 3.50
CA ASP A 37 -12.13 -8.92 2.15
C ASP A 37 -11.08 -7.93 1.66
N THR A 38 -9.91 -7.96 2.30
CA THR A 38 -8.83 -7.04 1.94
C THR A 38 -8.16 -7.48 0.64
N THR A 39 -8.35 -6.70 -0.41
CA THR A 39 -7.76 -7.00 -1.71
C THR A 39 -6.31 -6.56 -1.77
N PHE A 40 -5.45 -7.41 -2.32
CA PHE A 40 -4.04 -7.11 -2.43
C PHE A 40 -3.62 -6.95 -3.89
N GLN A 41 -2.88 -5.89 -4.18
CA GLN A 41 -2.43 -5.63 -5.55
C GLN A 41 -0.93 -5.33 -5.57
N TYR A 42 -0.15 -6.30 -6.03
CA TYR A 42 1.30 -6.13 -6.11
C TYR A 42 1.71 -5.47 -7.42
N PHE A 43 2.58 -4.47 -7.32
CA PHE A 43 3.05 -3.75 -8.49
C PHE A 43 4.51 -4.09 -8.80
N LYS A 44 4.71 -4.95 -9.80
CA LYS A 44 6.05 -5.37 -10.19
C LYS A 44 6.72 -4.29 -11.04
N SER A 45 6.67 -3.05 -10.57
CA SER A 45 7.28 -1.93 -11.28
C SER A 45 7.59 -0.79 -10.33
N PHE A 46 6.71 -0.58 -9.36
CA PHE A 46 6.90 0.49 -8.39
C PHE A 46 7.12 -0.08 -6.99
N LYS A 47 7.45 -1.36 -6.93
CA LYS A 47 7.69 -2.04 -5.65
C LYS A 47 6.67 -1.60 -4.61
N ARG A 48 5.42 -1.42 -5.05
CA ARG A 48 4.35 -1.01 -4.15
C ARG A 48 3.28 -2.08 -4.07
N VAL A 49 2.47 -2.02 -3.01
CA VAL A 49 1.39 -2.99 -2.82
C VAL A 49 0.09 -2.30 -2.40
N ARG A 50 -0.88 -2.29 -3.31
CA ARG A 50 -2.17 -1.67 -3.04
C ARG A 50 -3.09 -2.61 -2.27
N ILE A 51 -3.35 -2.28 -1.01
CA ILE A 51 -4.21 -3.09 -0.18
C ILE A 51 -5.55 -2.40 0.10
N ASN A 52 -6.58 -2.84 -0.60
CA ASN A 52 -7.91 -2.26 -0.44
C ASN A 52 -8.68 -2.97 0.66
N PHE A 53 -9.23 -2.19 1.59
CA PHE A 53 -9.99 -2.74 2.70
C PHE A 53 -11.50 -2.53 2.50
N SER A 54 -12.30 -3.09 3.40
CA SER A 54 -13.74 -2.96 3.31
C SER A 54 -14.24 -1.78 4.15
N ASN A 55 -13.35 -1.24 4.98
CA ASN A 55 -13.70 -0.11 5.84
C ASN A 55 -12.46 0.72 6.16
N PRO A 56 -12.69 2.02 6.42
CA PRO A 56 -11.60 2.95 6.75
C PRO A 56 -10.99 2.68 8.12
N LEU A 57 -11.75 1.97 8.96
CA LEU A 57 -11.27 1.63 10.30
C LEU A 57 -9.99 0.82 10.25
N SER A 58 -10.11 -0.43 9.80
CA SER A 58 -8.96 -1.32 9.71
C SER A 58 -7.80 -0.62 9.00
N ALA A 59 -8.10 0.08 7.92
CA ALA A 59 -7.09 0.80 7.16
C ALA A 59 -6.06 1.46 8.09
N ALA A 60 -6.54 1.99 9.20
CA ALA A 60 -5.67 2.64 10.17
C ALA A 60 -4.88 1.62 10.98
N ASP A 61 -5.59 0.80 11.74
CA ASP A 61 -4.96 -0.22 12.57
C ASP A 61 -3.81 -0.90 11.81
N ALA A 62 -4.06 -1.24 10.55
CA ALA A 62 -3.06 -1.88 9.72
C ALA A 62 -1.77 -1.07 9.69
N ARG A 63 -1.89 0.22 9.36
CA ARG A 63 -0.73 1.10 9.30
C ARG A 63 0.08 1.04 10.59
N LEU A 64 -0.58 1.30 11.71
CA LEU A 64 0.07 1.27 13.02
C LEU A 64 0.71 -0.09 13.27
N ARG A 65 0.05 -1.14 12.80
CA ARG A 65 0.55 -2.50 12.98
C ARG A 65 1.63 -2.83 11.95
N LEU A 66 1.89 -1.87 11.06
CA LEU A 66 2.90 -2.06 10.01
C LEU A 66 3.70 -0.78 9.80
N HIS A 67 4.12 -0.56 8.56
CA HIS A 67 4.90 0.63 8.22
C HIS A 67 6.38 0.42 8.52
N LYS A 68 7.04 1.48 8.96
CA LYS A 68 8.46 1.41 9.29
C LYS A 68 8.81 0.07 9.91
N THR A 69 7.85 -0.54 10.60
CA THR A 69 8.05 -1.83 11.24
C THR A 69 9.02 -2.69 10.44
N GLU A 70 10.08 -3.15 11.09
CA GLU A 70 11.08 -3.98 10.44
C GLU A 70 10.47 -5.30 9.96
N PHE A 71 10.01 -5.29 8.71
CA PHE A 71 9.39 -6.49 8.13
C PHE A 71 10.46 -7.52 7.76
N LEU A 72 10.60 -8.54 8.59
CA LEU A 72 11.58 -9.59 8.34
C LEU A 72 12.99 -9.03 8.30
N GLY A 73 13.17 -7.86 8.94
CA GLY A 73 14.49 -7.24 8.97
C GLY A 73 14.57 -6.01 8.07
N LYS A 74 13.67 -5.95 7.09
CA LYS A 74 13.65 -4.83 6.15
C LYS A 74 12.51 -3.87 6.49
N GLU A 75 12.85 -2.61 6.73
CA GLU A 75 11.86 -1.59 7.05
C GLU A 75 10.93 -1.35 5.87
N MET A 76 9.63 -1.53 6.10
CA MET A 76 8.63 -1.32 5.06
C MET A 76 7.93 0.03 5.23
N LYS A 77 7.41 0.57 4.13
CA LYS A 77 6.72 1.85 4.16
C LYS A 77 5.25 1.68 3.79
N LEU A 78 4.44 2.67 4.15
CA LEU A 78 3.01 2.63 3.85
C LEU A 78 2.44 4.04 3.72
N TYR A 79 1.60 4.23 2.71
CA TYR A 79 0.99 5.54 2.46
C TYR A 79 -0.53 5.42 2.40
N PHE A 80 -1.22 6.47 2.82
CA PHE A 80 -2.68 6.49 2.81
C PHE A 80 -3.21 6.67 1.40
N ALA A 81 -3.74 5.60 0.82
CA ALA A 81 -4.28 5.64 -0.53
C ALA A 81 -5.57 6.45 -0.58
N GLN A 82 -5.45 7.73 -0.93
CA GLN A 82 -6.61 8.61 -1.01
C GLN A 82 -6.88 9.02 -2.45
N THR A 83 -5.87 9.59 -3.10
CA THR A 83 -5.99 10.04 -4.47
C THR A 83 -4.96 9.36 -5.38
N LEU A 84 -5.13 9.51 -6.68
CA LEU A 84 -4.21 8.91 -7.64
C LEU A 84 -4.11 9.77 -8.90
N HIS A 85 -4.59 11.00 -8.81
CA HIS A 85 -4.55 11.92 -9.95
C HIS A 85 -5.33 13.20 -9.64
N ILE A 86 -5.15 13.72 -8.43
CA ILE A 86 -5.83 14.94 -8.02
C ILE A 86 -4.92 15.83 -7.19
N GLY A 87 -4.51 16.95 -7.76
CA GLY A 87 -3.64 17.87 -7.06
C GLY A 87 -3.70 19.27 -7.63
N SER A 88 -2.68 20.07 -7.33
CA SER A 88 -2.62 21.45 -7.81
C SER A 88 -1.36 22.15 -7.31
N SER A 89 -0.24 21.43 -7.31
CA SER A 89 1.03 21.97 -6.84
C SER A 89 2.05 22.02 -7.97
N HIS A 90 2.97 22.98 -7.90
CA HIS A 90 4.01 23.12 -8.91
C HIS A 90 4.90 21.89 -8.96
N LEU A 91 4.40 20.81 -9.55
CA LEU A 91 5.15 19.57 -9.67
C LEU A 91 5.20 19.10 -11.11
N ALA A 92 6.41 19.05 -11.67
CA ALA A 92 6.60 18.61 -13.04
C ALA A 92 5.75 17.37 -13.35
N PRO A 93 5.20 17.32 -14.56
CA PRO A 93 4.35 16.20 -15.00
C PRO A 93 5.15 14.92 -15.19
N PRO A 94 4.45 13.79 -15.35
CA PRO A 94 5.07 12.48 -15.55
C PRO A 94 5.73 12.36 -16.93
N ASN A 95 5.08 12.91 -17.94
CA ASN A 95 5.61 12.86 -19.31
C ASN A 95 6.10 11.46 -19.65
N PRO A 96 5.17 10.58 -20.04
CA PRO A 96 5.48 9.21 -20.41
C PRO A 96 6.26 9.11 -21.72
N ASP A 97 6.68 7.90 -22.07
CA ASP A 97 7.43 7.68 -23.31
C ASP A 97 6.73 6.66 -24.19
N LYS A 98 7.18 6.56 -25.43
CA LYS A 98 6.60 5.62 -26.39
C LYS A 98 6.94 4.18 -26.01
N SER A 99 8.23 3.90 -25.88
CA SER A 99 8.69 2.56 -25.52
C SER A 99 8.03 1.51 -26.41
N GLY A 100 8.38 0.25 -26.19
CA GLY A 100 7.82 -0.83 -26.98
C GLY A 100 8.55 -2.14 -26.76
N PRO A 101 7.79 -3.25 -26.77
CA PRO A 101 8.35 -4.60 -26.57
C PRO A 101 9.19 -5.05 -27.76
N SER A 102 9.74 -6.26 -27.65
CA SER A 102 10.56 -6.82 -28.72
C SER A 102 11.03 -8.22 -28.36
N SER A 103 11.63 -8.90 -29.34
CA SER A 103 12.13 -10.25 -29.13
C SER A 103 10.98 -11.24 -29.03
N GLY A 104 11.25 -12.50 -29.42
CA GLY A 104 10.22 -13.52 -29.37
C GLY A 104 9.80 -13.99 -30.75
N GLY A 1 -21.67 -1.32 -4.21
CA GLY A 1 -21.33 -0.67 -2.95
C GLY A 1 -19.97 0.00 -2.99
N SER A 2 -19.95 1.26 -3.44
CA SER A 2 -18.71 2.02 -3.54
C SER A 2 -17.71 1.31 -4.46
N SER A 3 -16.58 1.97 -4.71
CA SER A 3 -15.55 1.41 -5.57
C SER A 3 -14.23 2.15 -5.39
N GLY A 4 -13.42 1.67 -4.43
CA GLY A 4 -12.15 2.30 -4.17
C GLY A 4 -12.16 3.15 -2.92
N SER A 5 -12.36 2.51 -1.77
CA SER A 5 -12.40 3.22 -0.49
C SER A 5 -11.61 2.47 0.57
N SER A 6 -10.88 3.22 1.39
CA SER A 6 -10.06 2.63 2.45
C SER A 6 -8.91 1.82 1.86
N GLY A 7 -8.08 2.48 1.05
CA GLY A 7 -6.95 1.80 0.45
C GLY A 7 -5.63 2.21 1.06
N LEU A 8 -4.60 1.40 0.82
CA LEU A 8 -3.27 1.68 1.36
C LEU A 8 -2.18 1.29 0.37
N ILE A 9 -1.09 2.03 0.38
CA ILE A 9 0.03 1.76 -0.52
C ILE A 9 1.29 1.37 0.26
N ALA A 10 1.51 0.07 0.40
CA ALA A 10 2.67 -0.43 1.12
C ALA A 10 3.89 -0.48 0.21
N CYS A 11 4.98 0.17 0.64
CA CYS A 11 6.21 0.20 -0.13
C CYS A 11 7.24 -0.76 0.45
N VAL A 12 7.46 -1.88 -0.24
CA VAL A 12 8.41 -2.88 0.21
C VAL A 12 9.69 -2.81 -0.60
N ALA A 13 10.77 -3.35 -0.04
CA ALA A 13 12.07 -3.35 -0.71
C ALA A 13 12.55 -4.78 -0.97
N ASN A 14 11.83 -5.75 -0.42
CA ASN A 14 12.19 -7.15 -0.58
C ASN A 14 11.57 -7.72 -1.86
N ASP A 15 12.37 -7.79 -2.91
CA ASP A 15 11.91 -8.32 -4.19
C ASP A 15 11.22 -9.67 -4.01
N ASP A 16 11.50 -10.31 -2.88
CA ASP A 16 10.91 -11.62 -2.58
C ASP A 16 9.42 -11.49 -2.27
N VAL A 17 9.08 -10.46 -1.50
CA VAL A 17 7.69 -10.22 -1.13
C VAL A 17 6.77 -10.34 -2.34
N PHE A 18 7.32 -10.10 -3.52
CA PHE A 18 6.54 -10.18 -4.76
C PHE A 18 6.52 -11.61 -5.29
N SER A 19 6.45 -12.57 -4.38
CA SER A 19 6.42 -13.98 -4.76
C SER A 19 5.44 -14.76 -3.89
N GLU A 20 4.34 -15.19 -4.50
CA GLU A 20 3.31 -15.94 -3.78
C GLU A 20 3.92 -17.19 -3.14
N SER A 21 5.13 -17.54 -3.56
CA SER A 21 5.80 -18.72 -3.02
C SER A 21 5.51 -18.89 -1.54
N GLU A 22 5.95 -17.93 -0.74
CA GLU A 22 5.73 -17.97 0.71
C GLU A 22 5.84 -16.58 1.32
N THR A 23 7.00 -15.95 1.15
CA THR A 23 7.24 -14.62 1.69
C THR A 23 5.97 -13.77 1.62
N ARG A 24 5.42 -13.64 0.42
CA ARG A 24 4.21 -12.86 0.22
C ARG A 24 3.22 -13.08 1.36
N ALA A 25 2.89 -14.34 1.61
CA ALA A 25 1.95 -14.69 2.68
C ALA A 25 2.30 -13.95 3.96
N LYS A 26 3.58 -13.87 4.27
CA LYS A 26 4.03 -13.18 5.49
C LYS A 26 3.64 -11.72 5.46
N PHE A 27 3.53 -11.16 4.26
CA PHE A 27 3.15 -9.76 4.10
C PHE A 27 1.64 -9.61 3.97
N GLU A 28 1.00 -10.62 3.39
CA GLU A 28 -0.45 -10.61 3.21
C GLU A 28 -1.17 -10.86 4.52
N SER A 29 -0.86 -11.99 5.15
CA SER A 29 -1.49 -12.36 6.42
C SER A 29 -1.55 -11.15 7.35
N LEU A 30 -0.54 -10.30 7.30
CA LEU A 30 -0.49 -9.11 8.14
C LEU A 30 -1.78 -8.33 8.05
N PHE A 31 -2.14 -7.91 6.84
CA PHE A 31 -3.37 -7.15 6.61
C PHE A 31 -4.59 -8.06 6.67
N ARG A 32 -4.54 -9.16 5.91
CA ARG A 32 -5.64 -10.10 5.87
C ARG A 32 -6.18 -10.37 7.28
N THR A 33 -5.29 -10.65 8.21
CA THR A 33 -5.67 -10.92 9.58
C THR A 33 -6.80 -10.01 10.03
N TYR A 34 -6.70 -8.73 9.68
CA TYR A 34 -7.70 -7.74 10.05
C TYR A 34 -8.99 -7.97 9.26
N ASP A 35 -8.95 -7.68 7.96
CA ASP A 35 -10.11 -7.86 7.09
C ASP A 35 -9.93 -9.06 6.18
N LYS A 36 -11.03 -9.72 5.85
CA LYS A 36 -11.00 -10.89 4.98
C LYS A 36 -11.26 -10.49 3.53
N ASP A 37 -11.95 -9.38 3.33
CA ASP A 37 -12.26 -8.90 1.99
C ASP A 37 -11.22 -7.88 1.53
N THR A 38 -10.00 -8.01 2.06
CA THR A 38 -8.92 -7.10 1.70
C THR A 38 -8.25 -7.52 0.39
N THR A 39 -8.33 -6.66 -0.61
CA THR A 39 -7.74 -6.94 -1.91
C THR A 39 -6.31 -6.44 -1.99
N PHE A 40 -5.41 -7.29 -2.47
CA PHE A 40 -4.00 -6.93 -2.59
C PHE A 40 -3.60 -6.78 -4.06
N GLN A 41 -2.93 -5.68 -4.38
CA GLN A 41 -2.49 -5.42 -5.75
C GLN A 41 -0.99 -5.17 -5.79
N TYR A 42 -0.25 -6.15 -6.28
CA TYR A 42 1.21 -6.03 -6.39
C TYR A 42 1.62 -5.52 -7.77
N PHE A 43 2.51 -4.55 -7.78
CA PHE A 43 2.99 -3.98 -9.04
C PHE A 43 4.46 -4.31 -9.27
N LYS A 44 4.73 -5.06 -10.32
CA LYS A 44 6.10 -5.46 -10.65
C LYS A 44 6.77 -4.42 -11.54
N SER A 45 6.36 -3.15 -11.37
CA SER A 45 6.92 -2.07 -12.16
C SER A 45 7.21 -0.86 -11.27
N PHE A 46 6.36 -0.64 -10.28
CA PHE A 46 6.52 0.49 -9.36
C PHE A 46 6.73 -0.01 -7.93
N LYS A 47 7.15 -1.26 -7.79
CA LYS A 47 7.38 -1.86 -6.48
C LYS A 47 6.38 -1.33 -5.47
N ARG A 48 5.11 -1.27 -5.86
CA ARG A 48 4.05 -0.79 -4.98
C ARG A 48 3.03 -1.89 -4.71
N VAL A 49 2.32 -1.76 -3.60
CA VAL A 49 1.30 -2.75 -3.21
C VAL A 49 0.02 -2.06 -2.75
N ARG A 50 -0.98 -2.03 -3.63
CA ARG A 50 -2.26 -1.41 -3.30
C ARG A 50 -3.16 -2.38 -2.55
N ILE A 51 -3.36 -2.12 -1.27
CA ILE A 51 -4.20 -2.96 -0.43
C ILE A 51 -5.51 -2.28 -0.09
N ASN A 52 -6.62 -2.77 -0.64
CA ASN A 52 -7.93 -2.20 -0.38
C ASN A 52 -8.65 -2.96 0.72
N PHE A 53 -9.18 -2.22 1.69
CA PHE A 53 -9.90 -2.83 2.80
C PHE A 53 -11.41 -2.62 2.66
N SER A 54 -12.18 -3.40 3.41
CA SER A 54 -13.63 -3.30 3.36
C SER A 54 -14.13 -2.15 4.23
N ASN A 55 -13.24 -1.64 5.09
CA ASN A 55 -13.59 -0.54 5.97
C ASN A 55 -12.37 0.33 6.26
N PRO A 56 -12.61 1.62 6.50
CA PRO A 56 -11.54 2.59 6.80
C PRO A 56 -10.92 2.35 8.17
N LEU A 57 -11.65 1.66 9.03
CA LEU A 57 -11.17 1.36 10.37
C LEU A 57 -9.88 0.54 10.33
N SER A 58 -9.93 -0.58 9.62
CA SER A 58 -8.77 -1.46 9.51
C SER A 58 -7.61 -0.73 8.83
N ALA A 59 -7.91 -0.02 7.75
CA ALA A 59 -6.90 0.73 7.02
C ALA A 59 -5.96 1.45 7.97
N ALA A 60 -6.45 1.76 9.17
CA ALA A 60 -5.65 2.45 10.16
C ALA A 60 -4.86 1.46 11.01
N ASP A 61 -5.57 0.61 11.74
CA ASP A 61 -4.93 -0.38 12.60
C ASP A 61 -3.85 -1.14 11.84
N ALA A 62 -3.95 -1.14 10.51
CA ALA A 62 -2.99 -1.83 9.67
C ALA A 62 -1.66 -1.06 9.63
N ARG A 63 -1.74 0.26 9.67
CA ARG A 63 -0.55 1.11 9.63
C ARG A 63 0.27 0.94 10.90
N LEU A 64 -0.36 1.20 12.04
CA LEU A 64 0.32 1.09 13.33
C LEU A 64 0.93 -0.29 13.50
N ARG A 65 0.24 -1.31 13.00
CA ARG A 65 0.73 -2.68 13.10
C ARG A 65 1.82 -2.94 12.06
N LEU A 66 1.94 -2.05 11.08
CA LEU A 66 2.94 -2.18 10.04
C LEU A 66 3.69 -0.86 9.84
N HIS A 67 4.14 -0.63 8.61
CA HIS A 67 4.86 0.60 8.28
C HIS A 67 6.34 0.45 8.63
N LYS A 68 6.96 1.55 9.04
CA LYS A 68 8.37 1.54 9.41
C LYS A 68 8.77 0.22 10.04
N THR A 69 7.83 -0.39 10.77
CA THR A 69 8.08 -1.66 11.42
C THR A 69 9.03 -2.53 10.60
N GLU A 70 10.07 -3.05 11.26
CA GLU A 70 11.05 -3.89 10.60
C GLU A 70 10.43 -5.21 10.16
N PHE A 71 9.92 -5.25 8.93
CA PHE A 71 9.29 -6.45 8.38
C PHE A 71 10.35 -7.44 7.90
N LEU A 72 10.55 -8.50 8.67
CA LEU A 72 11.54 -9.53 8.32
C LEU A 72 12.95 -8.95 8.34
N GLY A 73 13.09 -7.76 8.91
CA GLY A 73 14.40 -7.13 8.99
C GLY A 73 14.47 -5.86 8.15
N LYS A 74 13.60 -5.75 7.15
CA LYS A 74 13.57 -4.59 6.28
C LYS A 74 12.41 -3.67 6.63
N GLU A 75 12.70 -2.39 6.78
CA GLU A 75 11.68 -1.40 7.12
C GLU A 75 10.72 -1.20 5.95
N MET A 76 9.44 -1.43 6.20
CA MET A 76 8.41 -1.28 5.18
C MET A 76 7.71 0.08 5.30
N LYS A 77 7.27 0.62 4.18
CA LYS A 77 6.59 1.91 4.16
C LYS A 77 5.13 1.74 3.79
N LEU A 78 4.34 2.80 4.01
CA LEU A 78 2.92 2.77 3.69
C LEU A 78 2.37 4.18 3.47
N TYR A 79 1.56 4.34 2.43
CA TYR A 79 0.98 5.63 2.12
C TYR A 79 -0.52 5.52 1.88
N PHE A 80 -1.28 6.43 2.48
CA PHE A 80 -2.74 6.43 2.33
C PHE A 80 -3.14 6.74 0.90
N ALA A 81 -3.75 5.77 0.24
CA ALA A 81 -4.20 5.94 -1.14
C ALA A 81 -5.24 7.03 -1.26
N GLN A 82 -6.21 7.03 -0.34
CA GLN A 82 -7.27 8.03 -0.33
C GLN A 82 -6.69 9.44 -0.29
N THR A 83 -7.52 10.42 -0.59
CA THR A 83 -7.09 11.82 -0.59
C THR A 83 -5.61 11.94 -0.95
N LEU A 84 -5.31 11.81 -2.24
CA LEU A 84 -3.94 11.91 -2.72
C LEU A 84 -3.15 12.95 -1.91
N HIS A 85 -3.76 14.11 -1.71
CA HIS A 85 -3.13 15.18 -0.95
C HIS A 85 -2.09 15.91 -1.81
N ILE A 86 -1.26 15.14 -2.50
CA ILE A 86 -0.22 15.71 -3.35
C ILE A 86 -0.71 17.00 -4.01
N GLY A 87 -1.96 17.00 -4.46
CA GLY A 87 -2.51 18.18 -5.09
C GLY A 87 -3.49 17.83 -6.21
N SER A 88 -3.04 17.98 -7.45
CA SER A 88 -3.89 17.68 -8.60
C SER A 88 -5.05 18.68 -8.69
N SER A 89 -6.03 18.52 -7.80
CA SER A 89 -7.19 19.39 -7.79
C SER A 89 -7.98 19.28 -9.08
N HIS A 90 -8.70 18.18 -9.22
CA HIS A 90 -9.52 17.93 -10.41
C HIS A 90 -10.35 16.66 -10.25
N LEU A 91 -11.67 16.83 -10.27
CA LEU A 91 -12.58 15.70 -10.13
C LEU A 91 -13.83 15.89 -10.99
N ALA A 92 -14.47 17.05 -10.84
CA ALA A 92 -15.67 17.36 -11.60
C ALA A 92 -16.12 18.80 -11.33
N PRO A 93 -16.96 19.33 -12.24
CA PRO A 93 -17.49 20.68 -12.14
C PRO A 93 -18.48 20.83 -10.98
N PRO A 94 -18.58 22.06 -10.44
CA PRO A 94 -19.49 22.36 -9.33
C PRO A 94 -20.95 22.32 -9.75
N ASN A 95 -21.83 22.81 -8.88
CA ASN A 95 -23.26 22.83 -9.16
C ASN A 95 -23.73 21.47 -9.69
N PRO A 96 -23.91 20.51 -8.77
CA PRO A 96 -24.36 19.16 -9.11
C PRO A 96 -25.81 19.14 -9.58
N ASP A 97 -26.32 17.93 -9.85
CA ASP A 97 -27.70 17.78 -10.30
C ASP A 97 -28.54 17.09 -9.23
N LYS A 98 -29.85 17.14 -9.39
CA LYS A 98 -30.77 16.52 -8.44
C LYS A 98 -31.65 15.47 -9.13
N SER A 99 -32.20 14.56 -8.34
CA SER A 99 -33.05 13.50 -8.87
C SER A 99 -34.08 13.07 -7.84
N GLY A 100 -35.12 12.38 -8.31
CA GLY A 100 -36.17 11.92 -7.42
C GLY A 100 -37.00 10.80 -8.02
N PRO A 101 -37.32 9.79 -7.20
CA PRO A 101 -38.12 8.64 -7.64
C PRO A 101 -39.58 9.01 -7.94
N SER A 102 -40.39 8.00 -8.21
CA SER A 102 -41.80 8.22 -8.51
C SER A 102 -42.54 6.90 -8.65
N SER A 103 -43.87 6.96 -8.60
CA SER A 103 -44.70 5.77 -8.70
C SER A 103 -46.15 6.14 -8.95
N GLY A 104 -46.99 5.12 -9.14
CA GLY A 104 -48.40 5.36 -9.39
C GLY A 104 -48.64 6.17 -10.65
N GLY A 1 -16.15 -0.89 -13.92
CA GLY A 1 -16.36 -0.52 -12.55
C GLY A 1 -15.14 0.13 -11.93
N SER A 2 -15.26 1.39 -11.56
CA SER A 2 -14.15 2.14 -10.96
C SER A 2 -14.10 1.93 -9.45
N SER A 3 -13.02 1.35 -8.97
CA SER A 3 -12.86 1.09 -7.54
C SER A 3 -11.78 1.98 -6.94
N GLY A 4 -11.92 2.30 -5.66
CA GLY A 4 -10.95 3.15 -5.00
C GLY A 4 -11.48 3.73 -3.70
N SER A 5 -11.02 3.18 -2.58
CA SER A 5 -11.45 3.65 -1.26
C SER A 5 -10.82 2.82 -0.15
N SER A 6 -10.69 3.41 1.03
CA SER A 6 -10.10 2.72 2.16
C SER A 6 -8.92 1.85 1.73
N GLY A 7 -8.05 2.43 0.91
CA GLY A 7 -6.89 1.69 0.43
C GLY A 7 -5.60 2.16 1.08
N LEU A 8 -4.52 1.43 0.81
CA LEU A 8 -3.22 1.78 1.38
C LEU A 8 -2.09 1.31 0.48
N ILE A 9 -1.11 2.19 0.24
CA ILE A 9 0.02 1.86 -0.61
C ILE A 9 1.24 1.47 0.23
N ALA A 10 1.44 0.17 0.39
CA ALA A 10 2.56 -0.34 1.17
C ALA A 10 3.80 -0.53 0.27
N CYS A 11 4.85 0.23 0.56
CA CYS A 11 6.09 0.15 -0.21
C CYS A 11 7.08 -0.79 0.46
N VAL A 12 7.24 -1.98 -0.10
CA VAL A 12 8.16 -2.98 0.44
C VAL A 12 9.54 -2.84 -0.19
N ALA A 13 10.56 -3.25 0.56
CA ALA A 13 11.94 -3.18 0.07
C ALA A 13 12.50 -4.57 -0.20
N ASN A 14 11.83 -5.59 0.33
CA ASN A 14 12.26 -6.97 0.14
C ASN A 14 11.74 -7.52 -1.18
N ASP A 15 12.63 -7.61 -2.16
CA ASP A 15 12.27 -8.13 -3.48
C ASP A 15 11.73 -9.56 -3.38
N ASP A 16 11.94 -10.17 -2.22
CA ASP A 16 11.48 -11.54 -1.99
C ASP A 16 9.96 -11.58 -1.82
N VAL A 17 9.40 -10.49 -1.31
CA VAL A 17 7.96 -10.41 -1.09
C VAL A 17 7.20 -10.52 -2.40
N PHE A 18 7.92 -10.35 -3.51
CA PHE A 18 7.30 -10.43 -4.83
C PHE A 18 7.55 -11.79 -5.47
N SER A 19 7.61 -12.83 -4.62
CA SER A 19 7.85 -14.18 -5.10
C SER A 19 6.71 -15.12 -4.67
N GLU A 20 6.52 -16.19 -5.42
CA GLU A 20 5.47 -17.15 -5.13
C GLU A 20 5.92 -18.13 -4.04
N SER A 21 7.21 -18.09 -3.72
CA SER A 21 7.77 -18.97 -2.70
C SER A 21 6.84 -19.07 -1.49
N GLU A 22 6.76 -18.01 -0.72
CA GLU A 22 5.90 -17.97 0.46
C GLU A 22 5.97 -16.61 1.15
N THR A 23 7.12 -15.97 1.05
CA THR A 23 7.32 -14.66 1.67
C THR A 23 6.10 -13.77 1.46
N ARG A 24 5.61 -13.72 0.24
CA ARG A 24 4.45 -12.90 -0.09
C ARG A 24 3.32 -13.15 0.90
N ALA A 25 3.06 -14.42 1.20
CA ALA A 25 2.01 -14.79 2.14
C ALA A 25 2.23 -14.14 3.50
N LYS A 26 3.50 -14.08 3.91
CA LYS A 26 3.85 -13.48 5.20
C LYS A 26 3.45 -12.01 5.25
N PHE A 27 3.51 -11.34 4.11
CA PHE A 27 3.14 -9.93 4.02
C PHE A 27 1.62 -9.76 4.06
N GLU A 28 0.91 -10.61 3.32
CA GLU A 28 -0.54 -10.55 3.27
C GLU A 28 -1.14 -10.87 4.63
N SER A 29 -0.85 -12.06 5.15
CA SER A 29 -1.36 -12.49 6.44
C SER A 29 -1.44 -11.32 7.41
N LEU A 30 -0.49 -10.39 7.29
CA LEU A 30 -0.46 -9.22 8.16
C LEU A 30 -1.75 -8.42 8.06
N PHE A 31 -2.10 -8.04 6.84
CA PHE A 31 -3.32 -7.27 6.61
C PHE A 31 -4.55 -8.17 6.64
N ARG A 32 -4.52 -9.25 5.85
CA ARG A 32 -5.62 -10.19 5.79
C ARG A 32 -6.17 -10.48 7.19
N THR A 33 -5.27 -10.69 8.14
CA THR A 33 -5.66 -10.97 9.52
C THR A 33 -6.76 -10.02 9.98
N TYR A 34 -6.60 -8.74 9.66
CA TYR A 34 -7.59 -7.73 10.05
C TYR A 34 -8.90 -7.94 9.30
N ASP A 35 -8.90 -7.63 8.02
CA ASP A 35 -10.09 -7.78 7.19
C ASP A 35 -9.95 -8.98 6.25
N LYS A 36 -11.04 -9.72 6.09
CA LYS A 36 -11.05 -10.89 5.21
C LYS A 36 -11.43 -10.50 3.79
N ASP A 37 -11.97 -9.31 3.63
CA ASP A 37 -12.39 -8.82 2.32
C ASP A 37 -11.37 -7.81 1.78
N THR A 38 -10.12 -7.94 2.21
CA THR A 38 -9.06 -7.05 1.76
C THR A 38 -8.45 -7.54 0.45
N THR A 39 -8.17 -6.59 -0.45
CA THR A 39 -7.58 -6.93 -1.74
C THR A 39 -6.12 -6.49 -1.80
N PHE A 40 -5.26 -7.39 -2.28
CA PHE A 40 -3.84 -7.10 -2.38
C PHE A 40 -3.42 -6.99 -3.85
N GLN A 41 -2.84 -5.85 -4.20
CA GLN A 41 -2.39 -5.62 -5.58
C GLN A 41 -0.90 -5.35 -5.62
N TYR A 42 -0.13 -6.32 -6.12
CA TYR A 42 1.31 -6.18 -6.22
C TYR A 42 1.73 -5.63 -7.58
N PHE A 43 2.49 -4.55 -7.57
CA PHE A 43 2.95 -3.92 -8.81
C PHE A 43 4.47 -4.01 -8.93
N LYS A 44 4.94 -5.02 -9.66
CA LYS A 44 6.37 -5.21 -9.86
C LYS A 44 6.96 -4.09 -10.71
N SER A 45 6.10 -3.38 -11.42
CA SER A 45 6.54 -2.28 -12.27
C SER A 45 6.89 -1.05 -11.43
N PHE A 46 6.17 -0.86 -10.34
CA PHE A 46 6.40 0.27 -9.45
C PHE A 46 6.68 -0.20 -8.03
N LYS A 47 7.06 -1.47 -7.90
CA LYS A 47 7.37 -2.04 -6.59
C LYS A 47 6.46 -1.48 -5.51
N ARG A 48 5.16 -1.49 -5.77
CA ARG A 48 4.17 -0.97 -4.83
C ARG A 48 3.13 -2.03 -4.50
N VAL A 49 2.49 -1.88 -3.34
CA VAL A 49 1.47 -2.82 -2.90
C VAL A 49 0.19 -2.10 -2.51
N ARG A 50 -0.86 -2.27 -3.32
CA ARG A 50 -2.14 -1.63 -3.06
C ARG A 50 -3.05 -2.56 -2.25
N ILE A 51 -3.27 -2.19 -0.99
CA ILE A 51 -4.12 -3.00 -0.11
C ILE A 51 -5.45 -2.28 0.15
N ASN A 52 -6.52 -2.77 -0.47
CA ASN A 52 -7.84 -2.19 -0.30
C ASN A 52 -8.60 -2.89 0.82
N PHE A 53 -9.03 -2.12 1.81
CA PHE A 53 -9.78 -2.67 2.95
C PHE A 53 -11.28 -2.52 2.73
N SER A 54 -12.06 -3.17 3.59
CA SER A 54 -13.52 -3.11 3.49
C SER A 54 -14.05 -1.88 4.21
N ASN A 55 -13.25 -1.32 5.12
CA ASN A 55 -13.65 -0.14 5.86
C ASN A 55 -12.44 0.74 6.17
N PRO A 56 -12.68 2.06 6.26
CA PRO A 56 -11.62 3.04 6.54
C PRO A 56 -11.11 2.93 7.97
N LEU A 57 -11.73 2.07 8.76
CA LEU A 57 -11.33 1.88 10.16
C LEU A 57 -10.02 1.10 10.24
N SER A 58 -10.06 -0.16 9.84
CA SER A 58 -8.87 -1.01 9.87
C SER A 58 -7.72 -0.36 9.11
N ALA A 59 -8.03 0.21 7.95
CA ALA A 59 -7.03 0.86 7.12
C ALA A 59 -6.03 1.63 7.99
N ALA A 60 -6.49 2.10 9.13
CA ALA A 60 -5.64 2.86 10.05
C ALA A 60 -4.76 1.93 10.87
N ASP A 61 -5.38 0.94 11.52
CA ASP A 61 -4.64 -0.02 12.33
C ASP A 61 -3.56 -0.71 11.53
N ALA A 62 -3.94 -1.24 10.36
CA ALA A 62 -2.99 -1.92 9.49
C ALA A 62 -1.64 -1.21 9.46
N ARG A 63 -1.69 0.13 9.56
CA ARG A 63 -0.48 0.93 9.53
C ARG A 63 0.20 0.93 10.90
N LEU A 64 -0.53 1.38 11.92
CA LEU A 64 -0.01 1.43 13.27
C LEU A 64 0.70 0.12 13.64
N ARG A 65 0.20 -0.98 13.10
CA ARG A 65 0.78 -2.29 13.36
C ARG A 65 1.97 -2.55 12.43
N LEU A 66 1.87 -2.07 11.21
CA LEU A 66 2.94 -2.25 10.23
C LEU A 66 3.74 -0.96 10.05
N HIS A 67 4.19 -0.71 8.82
CA HIS A 67 4.96 0.49 8.53
C HIS A 67 6.44 0.25 8.80
N LYS A 68 7.13 1.30 9.25
CA LYS A 68 8.56 1.21 9.54
C LYS A 68 8.91 -0.16 10.10
N THR A 69 7.97 -0.76 10.84
CA THR A 69 8.18 -2.08 11.43
C THR A 69 9.07 -2.94 10.53
N GLU A 70 10.19 -3.39 11.08
CA GLU A 70 11.12 -4.22 10.34
C GLU A 70 10.48 -5.56 9.97
N PHE A 71 9.88 -5.62 8.79
CA PHE A 71 9.22 -6.83 8.32
C PHE A 71 10.21 -7.73 7.56
N LEU A 72 10.34 -8.96 8.02
CA LEU A 72 11.25 -9.92 7.38
C LEU A 72 12.67 -9.35 7.31
N GLY A 73 12.95 -8.40 8.18
CA GLY A 73 14.28 -7.79 8.20
C GLY A 73 14.34 -6.50 7.42
N LYS A 74 13.34 -6.28 6.58
CA LYS A 74 13.29 -5.06 5.76
C LYS A 74 12.18 -4.13 6.25
N GLU A 75 12.39 -2.83 6.08
CA GLU A 75 11.41 -1.84 6.49
C GLU A 75 10.36 -1.62 5.41
N MET A 76 9.09 -1.70 5.80
CA MET A 76 7.99 -1.51 4.86
C MET A 76 7.24 -0.22 5.17
N LYS A 77 7.09 0.63 4.15
CA LYS A 77 6.38 1.89 4.31
C LYS A 77 4.92 1.76 3.87
N LEU A 78 4.10 2.72 4.29
CA LEU A 78 2.68 2.71 3.95
C LEU A 78 2.17 4.13 3.75
N TYR A 79 1.47 4.35 2.63
CA TYR A 79 0.92 5.67 2.32
C TYR A 79 -0.59 5.59 2.12
N PHE A 80 -1.28 6.65 2.51
CA PHE A 80 -2.73 6.71 2.38
C PHE A 80 -3.14 6.90 0.91
N ALA A 81 -3.65 5.83 0.31
CA ALA A 81 -4.08 5.88 -1.09
C ALA A 81 -4.98 7.07 -1.34
N GLN A 82 -6.14 7.09 -0.68
CA GLN A 82 -7.09 8.18 -0.84
C GLN A 82 -7.88 8.03 -2.14
N THR A 83 -7.16 7.90 -3.25
CA THR A 83 -7.79 7.75 -4.56
C THR A 83 -6.77 7.45 -5.64
N LEU A 84 -7.20 6.79 -6.71
CA LEU A 84 -6.31 6.45 -7.81
C LEU A 84 -5.26 7.54 -8.02
N HIS A 85 -4.02 7.24 -7.64
CA HIS A 85 -2.93 8.19 -7.80
C HIS A 85 -2.95 8.82 -9.18
N ILE A 86 -2.34 10.00 -9.30
CA ILE A 86 -2.29 10.71 -10.57
C ILE A 86 -0.89 11.23 -10.85
N GLY A 87 -0.49 11.17 -12.13
CA GLY A 87 0.83 11.63 -12.51
C GLY A 87 0.79 12.93 -13.29
N SER A 88 1.53 13.93 -12.81
CA SER A 88 1.56 15.23 -13.47
C SER A 88 2.09 15.10 -14.90
N SER A 89 1.24 15.42 -15.87
CA SER A 89 1.61 15.34 -17.28
C SER A 89 1.79 13.89 -17.71
N HIS A 90 0.85 13.41 -18.53
CA HIS A 90 0.91 12.03 -19.02
C HIS A 90 2.31 11.68 -19.52
N LEU A 91 2.91 12.61 -20.27
CA LEU A 91 4.25 12.40 -20.81
C LEU A 91 5.27 12.21 -19.68
N ALA A 92 5.38 10.99 -19.19
CA ALA A 92 6.32 10.68 -18.11
C ALA A 92 6.47 9.17 -17.94
N PRO A 93 7.19 8.53 -18.87
CA PRO A 93 7.42 7.08 -18.83
C PRO A 93 8.35 6.67 -17.69
N PRO A 94 8.13 5.46 -17.16
CA PRO A 94 8.94 4.93 -16.06
C PRO A 94 10.36 4.59 -16.50
N ASN A 95 11.19 4.17 -15.55
CA ASN A 95 12.58 3.82 -15.84
C ASN A 95 13.00 2.59 -15.04
N PRO A 96 13.81 1.74 -15.67
CA PRO A 96 14.31 0.50 -15.03
C PRO A 96 15.31 0.79 -13.93
N ASP A 97 15.87 -0.27 -13.35
CA ASP A 97 16.85 -0.13 -12.27
C ASP A 97 18.15 -0.84 -12.64
N LYS A 98 18.04 -2.08 -13.06
CA LYS A 98 19.21 -2.87 -13.44
C LYS A 98 20.02 -3.29 -12.21
N SER A 99 20.97 -4.18 -12.41
CA SER A 99 21.80 -4.67 -11.31
C SER A 99 22.64 -3.54 -10.73
N GLY A 100 22.78 -3.52 -9.41
CA GLY A 100 23.57 -2.50 -8.75
C GLY A 100 24.44 -3.05 -7.64
N PRO A 101 23.96 -2.96 -6.40
CA PRO A 101 24.69 -3.45 -5.23
C PRO A 101 24.76 -4.97 -5.18
N SER A 102 25.43 -5.50 -4.16
CA SER A 102 25.58 -6.94 -4.01
C SER A 102 24.70 -7.46 -2.87
N SER A 103 24.46 -8.77 -2.87
CA SER A 103 23.64 -9.38 -1.84
C SER A 103 23.81 -10.91 -1.85
N GLY A 104 23.74 -11.50 -3.04
CA GLY A 104 23.89 -12.93 -3.16
C GLY A 104 25.23 -13.43 -2.65
N GLY A 1 -22.05 -4.85 -0.03
CA GLY A 1 -21.76 -4.18 -1.28
C GLY A 1 -21.86 -2.67 -1.17
N SER A 2 -20.71 -2.01 -1.05
CA SER A 2 -20.67 -0.55 -0.93
C SER A 2 -19.33 -0.01 -1.39
N SER A 3 -19.38 1.06 -2.18
CA SER A 3 -18.16 1.68 -2.70
C SER A 3 -17.32 2.27 -1.56
N GLY A 4 -16.23 1.59 -1.24
CA GLY A 4 -15.36 2.06 -0.17
C GLY A 4 -14.19 2.87 -0.69
N SER A 5 -13.36 3.35 0.23
CA SER A 5 -12.20 4.15 -0.15
C SER A 5 -11.11 4.06 0.92
N SER A 6 -10.96 2.87 1.50
CA SER A 6 -9.95 2.65 2.53
C SER A 6 -8.77 1.87 1.98
N GLY A 7 -8.06 2.47 1.03
CA GLY A 7 -6.91 1.82 0.42
C GLY A 7 -5.62 2.16 1.15
N LEU A 8 -4.55 1.44 0.81
CA LEU A 8 -3.25 1.67 1.43
C LEU A 8 -2.13 1.19 0.52
N ILE A 9 -1.15 2.05 0.29
CA ILE A 9 -0.02 1.72 -0.57
C ILE A 9 1.18 1.26 0.27
N ALA A 10 1.38 -0.05 0.33
CA ALA A 10 2.49 -0.62 1.09
C ALA A 10 3.74 -0.75 0.23
N CYS A 11 4.77 0.03 0.57
CA CYS A 11 6.01 0.00 -0.18
C CYS A 11 7.00 -0.97 0.46
N VAL A 12 7.17 -2.13 -0.18
CA VAL A 12 8.09 -3.15 0.33
C VAL A 12 9.42 -3.10 -0.42
N ALA A 13 10.50 -3.24 0.33
CA ALA A 13 11.84 -3.21 -0.26
C ALA A 13 12.39 -4.63 -0.42
N ASN A 14 11.71 -5.60 0.17
CA ASN A 14 12.14 -6.99 0.10
C ASN A 14 11.63 -7.64 -1.19
N ASP A 15 12.50 -7.77 -2.18
CA ASP A 15 12.13 -8.37 -3.45
C ASP A 15 11.49 -9.75 -3.24
N ASP A 16 11.77 -10.35 -2.09
CA ASP A 16 11.22 -11.66 -1.76
C ASP A 16 9.70 -11.61 -1.70
N VAL A 17 9.17 -10.65 -0.95
CA VAL A 17 7.73 -10.50 -0.80
C VAL A 17 7.03 -10.67 -2.15
N PHE A 18 7.75 -10.39 -3.23
CA PHE A 18 7.19 -10.52 -4.58
C PHE A 18 7.44 -11.91 -5.14
N SER A 19 7.56 -12.89 -4.25
CA SER A 19 7.80 -14.27 -4.66
C SER A 19 6.61 -15.16 -4.33
N GLU A 20 6.50 -16.28 -5.03
CA GLU A 20 5.40 -17.21 -4.82
C GLU A 20 5.74 -18.21 -3.72
N SER A 21 7.03 -18.36 -3.43
CA SER A 21 7.49 -19.29 -2.41
C SER A 21 6.56 -19.27 -1.21
N GLU A 22 6.57 -18.16 -0.48
CA GLU A 22 5.72 -18.01 0.70
C GLU A 22 5.90 -16.64 1.34
N THR A 23 7.12 -16.10 1.24
CA THR A 23 7.42 -14.79 1.81
C THR A 23 6.28 -13.81 1.56
N ARG A 24 5.70 -13.87 0.36
CA ARG A 24 4.61 -12.98 0.01
C ARG A 24 3.49 -13.04 1.05
N ALA A 25 2.96 -14.24 1.27
CA ALA A 25 1.89 -14.43 2.24
C ALA A 25 2.17 -13.66 3.52
N LYS A 26 3.29 -13.95 4.15
CA LYS A 26 3.68 -13.28 5.39
C LYS A 26 3.23 -11.82 5.38
N PHE A 27 3.38 -11.17 4.23
CA PHE A 27 3.00 -9.77 4.09
C PHE A 27 1.48 -9.63 4.06
N GLU A 28 0.83 -10.39 3.19
CA GLU A 28 -0.62 -10.35 3.06
C GLU A 28 -1.29 -10.62 4.41
N SER A 29 -0.87 -11.71 5.06
CA SER A 29 -1.43 -12.08 6.35
C SER A 29 -1.48 -10.89 7.29
N LEU A 30 -0.38 -10.13 7.34
CA LEU A 30 -0.29 -8.96 8.21
C LEU A 30 -1.50 -8.05 8.01
N PHE A 31 -2.08 -8.09 6.81
CA PHE A 31 -3.25 -7.27 6.49
C PHE A 31 -4.53 -8.06 6.66
N ARG A 32 -4.60 -9.21 5.99
CA ARG A 32 -5.78 -10.07 6.06
C ARG A 32 -6.18 -10.33 7.51
N THR A 33 -5.18 -10.45 8.37
CA THR A 33 -5.42 -10.71 9.79
C THR A 33 -6.59 -9.87 10.30
N TYR A 34 -6.78 -8.70 9.71
CA TYR A 34 -7.86 -7.81 10.11
C TYR A 34 -9.10 -8.03 9.26
N ASP A 35 -9.03 -7.65 7.99
CA ASP A 35 -10.16 -7.82 7.08
C ASP A 35 -9.91 -8.98 6.13
N LYS A 36 -10.98 -9.64 5.72
CA LYS A 36 -10.88 -10.77 4.80
C LYS A 36 -11.13 -10.34 3.36
N ASP A 37 -11.94 -9.30 3.20
CA ASP A 37 -12.26 -8.78 1.87
C ASP A 37 -11.21 -7.78 1.41
N THR A 38 -9.98 -7.96 1.89
CA THR A 38 -8.88 -7.08 1.54
C THR A 38 -8.22 -7.50 0.23
N THR A 39 -8.18 -6.59 -0.73
CA THR A 39 -7.59 -6.87 -2.03
C THR A 39 -6.12 -6.44 -2.07
N PHE A 40 -5.27 -7.32 -2.58
CA PHE A 40 -3.85 -7.02 -2.68
C PHE A 40 -3.40 -6.95 -4.14
N GLN A 41 -2.79 -5.81 -4.50
CA GLN A 41 -2.33 -5.61 -5.85
C GLN A 41 -0.82 -5.37 -5.89
N TYR A 42 -0.08 -6.38 -6.34
CA TYR A 42 1.37 -6.29 -6.42
C TYR A 42 1.81 -5.68 -7.75
N PHE A 43 2.65 -4.66 -7.68
CA PHE A 43 3.16 -4.00 -8.88
C PHE A 43 4.67 -4.16 -9.01
N LYS A 44 5.08 -5.16 -9.79
CA LYS A 44 6.49 -5.44 -10.00
C LYS A 44 7.17 -4.27 -10.70
N SER A 45 6.39 -3.47 -11.41
CA SER A 45 6.91 -2.32 -12.13
C SER A 45 7.33 -1.22 -11.16
N PHE A 46 6.56 -1.04 -10.10
CA PHE A 46 6.86 -0.03 -9.09
C PHE A 46 7.13 -0.66 -7.74
N LYS A 47 7.44 -1.96 -7.74
CA LYS A 47 7.71 -2.68 -6.51
C LYS A 47 6.82 -2.19 -5.37
N ARG A 48 5.56 -1.92 -5.69
CA ARG A 48 4.61 -1.45 -4.69
C ARG A 48 3.53 -2.48 -4.43
N VAL A 49 2.74 -2.25 -3.39
CA VAL A 49 1.67 -3.18 -3.03
C VAL A 49 0.42 -2.42 -2.58
N ARG A 50 -0.58 -2.36 -3.45
CA ARG A 50 -1.82 -1.66 -3.15
C ARG A 50 -2.79 -2.59 -2.41
N ILE A 51 -3.08 -2.26 -1.16
CA ILE A 51 -4.00 -3.06 -0.36
C ILE A 51 -5.29 -2.30 -0.07
N ASN A 52 -6.40 -2.80 -0.60
CA ASN A 52 -7.69 -2.17 -0.41
C ASN A 52 -8.51 -2.91 0.66
N PHE A 53 -9.14 -2.14 1.55
CA PHE A 53 -9.94 -2.73 2.61
C PHE A 53 -11.43 -2.42 2.41
N SER A 54 -12.25 -2.82 3.37
CA SER A 54 -13.68 -2.59 3.30
C SER A 54 -14.10 -1.40 4.16
N ASN A 55 -13.19 -0.99 5.04
CA ASN A 55 -13.47 0.14 5.93
C ASN A 55 -12.18 0.90 6.26
N PRO A 56 -12.31 2.21 6.51
CA PRO A 56 -11.17 3.07 6.84
C PRO A 56 -10.59 2.76 8.21
N LEU A 57 -11.44 2.29 9.12
CA LEU A 57 -11.01 1.96 10.48
C LEU A 57 -9.78 1.05 10.44
N SER A 58 -9.96 -0.17 9.94
CA SER A 58 -8.88 -1.14 9.85
C SER A 58 -7.66 -0.52 9.17
N ALA A 59 -7.87 0.04 7.98
CA ALA A 59 -6.79 0.65 7.22
C ALA A 59 -5.81 1.37 8.15
N ALA A 60 -6.33 1.91 9.25
CA ALA A 60 -5.50 2.62 10.21
C ALA A 60 -4.71 1.65 11.07
N ASP A 61 -5.43 0.82 11.83
CA ASP A 61 -4.79 -0.16 12.71
C ASP A 61 -3.71 -0.93 11.96
N ALA A 62 -3.96 -1.22 10.68
CA ALA A 62 -3.02 -1.95 9.86
C ALA A 62 -1.69 -1.19 9.73
N ARG A 63 -1.79 0.14 9.66
CA ARG A 63 -0.61 0.98 9.54
C ARG A 63 0.24 0.92 10.80
N LEU A 64 -0.38 1.19 11.94
CA LEU A 64 0.30 1.16 13.22
C LEU A 64 0.97 -0.19 13.46
N ARG A 65 0.26 -1.26 13.12
CA ARG A 65 0.77 -2.61 13.29
C ARG A 65 1.86 -2.91 12.28
N LEU A 66 1.99 -2.05 11.27
CA LEU A 66 3.00 -2.22 10.23
C LEU A 66 3.76 -0.91 9.99
N HIS A 67 4.17 -0.70 8.74
CA HIS A 67 4.91 0.50 8.38
C HIS A 67 6.39 0.34 8.67
N LYS A 68 7.03 1.43 9.11
CA LYS A 68 8.46 1.41 9.42
C LYS A 68 8.87 0.05 10.00
N THR A 69 7.95 -0.58 10.73
CA THR A 69 8.22 -1.88 11.33
C THR A 69 9.14 -2.72 10.46
N GLU A 70 10.24 -3.17 11.03
CA GLU A 70 11.21 -3.98 10.30
C GLU A 70 10.60 -5.32 9.89
N PHE A 71 9.99 -5.34 8.71
CA PHE A 71 9.36 -6.55 8.20
C PHE A 71 10.39 -7.47 7.55
N LEU A 72 10.56 -8.66 8.14
CA LEU A 72 11.52 -9.63 7.61
C LEU A 72 12.91 -9.02 7.52
N GLY A 73 13.23 -8.14 8.47
CA GLY A 73 14.54 -7.51 8.48
C GLY A 73 14.56 -6.23 7.67
N LYS A 74 13.58 -6.05 6.80
CA LYS A 74 13.50 -4.87 5.96
C LYS A 74 12.34 -3.97 6.39
N GLU A 75 12.53 -2.67 6.26
CA GLU A 75 11.50 -1.70 6.64
C GLU A 75 10.56 -1.43 5.47
N MET A 76 9.25 -1.50 5.74
CA MET A 76 8.25 -1.26 4.72
C MET A 76 7.47 0.02 5.00
N LYS A 77 7.16 0.77 3.95
CA LYS A 77 6.41 2.02 4.09
C LYS A 77 4.94 1.81 3.77
N LEU A 78 4.12 2.80 4.12
CA LEU A 78 2.69 2.72 3.87
C LEU A 78 2.10 4.11 3.66
N TYR A 79 1.29 4.26 2.60
CA TYR A 79 0.67 5.54 2.29
C TYR A 79 -0.84 5.39 2.18
N PHE A 80 -1.56 6.47 2.45
CA PHE A 80 -3.02 6.46 2.37
C PHE A 80 -3.50 6.76 0.95
N ALA A 81 -4.04 5.75 0.30
CA ALA A 81 -4.54 5.90 -1.06
C ALA A 81 -5.80 6.75 -1.09
N GLN A 82 -6.33 6.97 -2.30
CA GLN A 82 -7.54 7.77 -2.47
C GLN A 82 -7.89 7.92 -3.94
N THR A 83 -9.17 7.73 -4.26
CA THR A 83 -9.63 7.84 -5.64
C THR A 83 -10.05 9.28 -5.97
N LEU A 84 -9.26 9.94 -6.81
CA LEU A 84 -9.54 11.30 -7.20
C LEU A 84 -9.61 12.22 -5.98
N HIS A 85 -9.84 13.51 -6.23
CA HIS A 85 -9.94 14.49 -5.15
C HIS A 85 -11.38 14.67 -4.70
N ILE A 86 -11.58 15.41 -3.62
CA ILE A 86 -12.92 15.66 -3.09
C ILE A 86 -13.21 17.15 -3.01
N GLY A 87 -12.14 17.96 -2.90
CA GLY A 87 -12.30 19.39 -2.81
C GLY A 87 -10.98 20.12 -2.90
N SER A 88 -10.09 19.64 -3.75
CA SER A 88 -8.78 20.26 -3.92
C SER A 88 -8.72 21.06 -5.21
N SER A 89 -8.52 22.37 -5.07
CA SER A 89 -8.45 23.26 -6.23
C SER A 89 -7.78 24.58 -5.86
N HIS A 90 -7.07 25.17 -6.82
CA HIS A 90 -6.39 26.43 -6.59
C HIS A 90 -7.31 27.61 -6.86
N LEU A 91 -7.88 27.64 -8.06
CA LEU A 91 -8.79 28.72 -8.45
C LEU A 91 -10.14 28.58 -7.74
N ALA A 92 -10.94 29.63 -7.78
CA ALA A 92 -12.25 29.63 -7.14
C ALA A 92 -12.83 31.03 -7.06
N PRO A 93 -12.14 31.91 -6.30
CA PRO A 93 -12.57 33.29 -6.12
C PRO A 93 -12.42 34.12 -7.39
N PRO A 94 -13.23 35.19 -7.50
CA PRO A 94 -13.21 36.08 -8.67
C PRO A 94 -11.93 36.92 -8.72
N ASN A 95 -11.88 37.83 -9.70
CA ASN A 95 -10.72 38.69 -9.86
C ASN A 95 -11.14 40.15 -9.94
N PRO A 96 -10.17 41.06 -9.74
CA PRO A 96 -10.41 42.50 -9.78
C PRO A 96 -10.73 43.00 -11.20
N ASP A 97 -11.45 44.11 -11.28
CA ASP A 97 -11.82 44.69 -12.56
C ASP A 97 -11.56 46.19 -12.58
N LYS A 98 -11.58 46.78 -13.77
CA LYS A 98 -11.35 48.21 -13.92
C LYS A 98 -12.66 48.96 -14.13
N SER A 99 -12.72 50.18 -13.60
CA SER A 99 -13.92 51.01 -13.72
C SER A 99 -13.56 52.49 -13.78
N GLY A 100 -14.49 53.29 -14.28
CA GLY A 100 -14.25 54.72 -14.38
C GLY A 100 -15.50 55.54 -14.13
N PRO A 101 -15.33 56.72 -13.51
CA PRO A 101 -16.44 57.62 -13.19
C PRO A 101 -17.05 58.25 -14.44
N SER A 102 -18.00 59.16 -14.23
CA SER A 102 -18.66 59.83 -15.33
C SER A 102 -19.22 61.18 -14.90
N SER A 103 -19.98 61.18 -13.81
CA SER A 103 -20.57 62.41 -13.28
C SER A 103 -19.59 63.56 -13.38
N GLY A 104 -20.12 64.78 -13.44
CA GLY A 104 -19.27 65.96 -13.53
C GLY A 104 -18.96 66.33 -14.96
N GLY A 1 -21.79 5.41 -6.71
CA GLY A 1 -22.13 4.11 -7.29
C GLY A 1 -21.61 2.96 -6.44
N SER A 2 -20.66 2.22 -6.98
CA SER A 2 -20.08 1.08 -6.27
C SER A 2 -18.58 1.28 -6.04
N SER A 3 -18.24 1.89 -4.91
CA SER A 3 -16.85 2.14 -4.57
C SER A 3 -16.72 2.69 -3.16
N GLY A 4 -15.51 2.61 -2.60
CA GLY A 4 -15.29 3.09 -1.26
C GLY A 4 -13.85 3.55 -1.03
N SER A 5 -13.67 4.56 -0.19
CA SER A 5 -12.35 5.09 0.10
C SER A 5 -11.74 4.40 1.32
N SER A 6 -10.80 3.50 1.06
CA SER A 6 -10.14 2.77 2.14
C SER A 6 -9.00 1.90 1.59
N GLY A 7 -8.00 2.56 1.00
CA GLY A 7 -6.87 1.83 0.45
C GLY A 7 -5.55 2.26 1.06
N LEU A 8 -4.56 1.37 1.00
CA LEU A 8 -3.25 1.67 1.56
C LEU A 8 -2.15 1.16 0.63
N ILE A 9 -1.14 2.00 0.40
CA ILE A 9 -0.02 1.65 -0.46
C ILE A 9 1.20 1.26 0.36
N ALA A 10 1.43 -0.04 0.50
CA ALA A 10 2.57 -0.54 1.26
C ALA A 10 3.80 -0.69 0.37
N CYS A 11 4.83 0.09 0.65
CA CYS A 11 6.06 0.05 -0.13
C CYS A 11 7.05 -0.93 0.48
N VAL A 12 7.27 -2.05 -0.20
CA VAL A 12 8.20 -3.07 0.28
C VAL A 12 9.56 -2.94 -0.39
N ALA A 13 10.59 -3.44 0.27
CA ALA A 13 11.96 -3.38 -0.25
C ALA A 13 12.47 -4.77 -0.62
N ASN A 14 11.91 -5.79 0.04
CA ASN A 14 12.32 -7.16 -0.21
C ASN A 14 11.73 -7.68 -1.51
N ASP A 15 12.53 -7.67 -2.57
CA ASP A 15 12.08 -8.14 -3.88
C ASP A 15 11.46 -9.53 -3.78
N ASP A 16 11.89 -10.28 -2.77
CA ASP A 16 11.37 -11.64 -2.55
C ASP A 16 9.86 -11.62 -2.36
N VAL A 17 9.39 -10.72 -1.51
CA VAL A 17 7.96 -10.59 -1.24
C VAL A 17 7.15 -10.70 -2.52
N PHE A 18 7.72 -10.24 -3.62
CA PHE A 18 7.05 -10.29 -4.92
C PHE A 18 7.21 -11.66 -5.57
N SER A 19 7.14 -12.70 -4.75
CA SER A 19 7.29 -14.06 -5.25
C SER A 19 6.11 -14.94 -4.82
N GLU A 20 5.90 -16.03 -5.55
CA GLU A 20 4.79 -16.94 -5.23
C GLU A 20 5.22 -17.96 -4.19
N SER A 21 6.53 -18.12 -4.02
CA SER A 21 7.07 -19.08 -3.06
C SER A 21 6.21 -19.12 -1.80
N GLU A 22 6.26 -18.04 -1.01
CA GLU A 22 5.49 -17.96 0.22
C GLU A 22 5.69 -16.60 0.89
N THR A 23 6.94 -16.13 0.92
CA THR A 23 7.27 -14.86 1.53
C THR A 23 6.16 -13.84 1.31
N ARG A 24 5.47 -13.97 0.18
CA ARG A 24 4.38 -13.05 -0.16
C ARG A 24 3.25 -13.15 0.87
N ALA A 25 2.84 -14.38 1.17
CA ALA A 25 1.77 -14.61 2.14
C ALA A 25 2.07 -13.92 3.46
N LYS A 26 3.33 -13.99 3.88
CA LYS A 26 3.75 -13.38 5.14
C LYS A 26 3.34 -11.91 5.19
N PHE A 27 3.51 -11.21 4.07
CA PHE A 27 3.15 -9.80 4.00
C PHE A 27 1.64 -9.63 3.84
N GLU A 28 0.97 -10.69 3.40
CA GLU A 28 -0.48 -10.65 3.21
C GLU A 28 -1.20 -10.82 4.54
N SER A 29 -0.87 -11.88 5.27
CA SER A 29 -1.48 -12.16 6.55
C SER A 29 -1.41 -10.93 7.46
N LEU A 30 -0.39 -10.11 7.26
CA LEU A 30 -0.21 -8.90 8.06
C LEU A 30 -1.43 -8.01 7.98
N PHE A 31 -2.02 -7.91 6.80
CA PHE A 31 -3.21 -7.09 6.59
C PHE A 31 -4.48 -7.94 6.62
N ARG A 32 -4.46 -9.03 5.87
CA ARG A 32 -5.61 -9.92 5.80
C ARG A 32 -6.14 -10.23 7.19
N THR A 33 -5.22 -10.57 8.11
CA THR A 33 -5.60 -10.89 9.48
C THR A 33 -6.71 -9.97 9.98
N TYR A 34 -6.62 -8.70 9.62
CA TYR A 34 -7.61 -7.71 10.03
C TYR A 34 -8.94 -7.94 9.31
N ASP A 35 -8.97 -7.65 8.02
CA ASP A 35 -10.17 -7.83 7.22
C ASP A 35 -10.03 -9.02 6.28
N LYS A 36 -11.16 -9.69 6.00
CA LYS A 36 -11.16 -10.85 5.12
C LYS A 36 -11.49 -10.44 3.69
N ASP A 37 -11.88 -9.18 3.52
CA ASP A 37 -12.23 -8.66 2.19
C ASP A 37 -11.16 -7.69 1.69
N THR A 38 -9.93 -7.88 2.16
CA THR A 38 -8.83 -7.01 1.76
C THR A 38 -8.16 -7.52 0.48
N THR A 39 -8.07 -6.65 -0.52
CA THR A 39 -7.46 -7.01 -1.79
C THR A 39 -6.02 -6.50 -1.87
N PHE A 40 -5.10 -7.38 -2.25
CA PHE A 40 -3.70 -7.01 -2.36
C PHE A 40 -3.28 -6.91 -3.83
N GLN A 41 -2.73 -5.77 -4.19
CA GLN A 41 -2.29 -5.53 -5.57
C GLN A 41 -0.78 -5.36 -5.64
N TYR A 42 -0.09 -6.34 -6.19
CA TYR A 42 1.36 -6.29 -6.32
C TYR A 42 1.78 -5.77 -7.68
N PHE A 43 2.54 -4.68 -7.69
CA PHE A 43 3.00 -4.07 -8.92
C PHE A 43 4.50 -4.28 -9.10
N LYS A 44 4.87 -5.31 -9.85
CA LYS A 44 6.27 -5.62 -10.09
C LYS A 44 6.92 -4.53 -10.95
N SER A 45 6.10 -3.63 -11.48
CA SER A 45 6.60 -2.55 -12.32
C SER A 45 6.98 -1.34 -11.47
N PHE A 46 6.64 -1.39 -10.19
CA PHE A 46 6.95 -0.31 -9.26
C PHE A 46 7.13 -0.83 -7.84
N LYS A 47 7.38 -2.13 -7.73
CA LYS A 47 7.58 -2.77 -6.44
C LYS A 47 6.69 -2.12 -5.37
N ARG A 48 5.41 -1.97 -5.69
CA ARG A 48 4.45 -1.37 -4.77
C ARG A 48 3.33 -2.35 -4.43
N VAL A 49 2.69 -2.14 -3.29
CA VAL A 49 1.59 -3.00 -2.86
C VAL A 49 0.35 -2.18 -2.52
N ARG A 50 -0.75 -2.47 -3.19
CA ARG A 50 -2.00 -1.76 -2.97
C ARG A 50 -2.98 -2.64 -2.19
N ILE A 51 -3.14 -2.34 -0.90
CA ILE A 51 -4.04 -3.10 -0.04
C ILE A 51 -5.33 -2.33 0.21
N ASN A 52 -6.42 -2.75 -0.44
CA ASN A 52 -7.71 -2.10 -0.27
C ASN A 52 -8.58 -2.85 0.72
N PHE A 53 -9.11 -2.12 1.70
CA PHE A 53 -9.98 -2.73 2.71
C PHE A 53 -11.45 -2.43 2.43
N SER A 54 -12.32 -2.91 3.31
CA SER A 54 -13.75 -2.70 3.15
C SER A 54 -14.24 -1.54 4.02
N ASN A 55 -13.44 -1.19 5.02
CA ASN A 55 -13.79 -0.10 5.93
C ASN A 55 -12.56 0.77 6.22
N PRO A 56 -12.80 2.09 6.35
CA PRO A 56 -11.73 3.06 6.62
C PRO A 56 -11.17 2.91 8.04
N LEU A 57 -11.72 1.97 8.80
CA LEU A 57 -11.28 1.72 10.16
C LEU A 57 -10.01 0.88 10.19
N SER A 58 -10.13 -0.38 9.78
CA SER A 58 -8.99 -1.29 9.76
C SER A 58 -7.79 -0.63 9.09
N ALA A 59 -8.01 -0.07 7.91
CA ALA A 59 -6.95 0.60 7.16
C ALA A 59 -5.97 1.30 8.10
N ALA A 60 -6.52 1.90 9.16
CA ALA A 60 -5.69 2.60 10.13
C ALA A 60 -4.88 1.63 10.97
N ASP A 61 -5.57 0.79 11.72
CA ASP A 61 -4.90 -0.20 12.57
C ASP A 61 -3.79 -0.91 11.81
N ALA A 62 -3.98 -1.08 10.50
CA ALA A 62 -2.99 -1.74 9.66
C ALA A 62 -1.69 -0.95 9.62
N ARG A 63 -1.82 0.38 9.63
CA ARG A 63 -0.65 1.26 9.59
C ARG A 63 0.15 1.17 10.89
N LEU A 64 -0.54 1.32 12.01
CA LEU A 64 0.10 1.26 13.31
C LEU A 64 0.72 -0.11 13.56
N ARG A 65 0.08 -1.15 13.03
CA ARG A 65 0.56 -2.51 13.18
C ARG A 65 1.63 -2.83 12.13
N LEU A 66 1.89 -1.87 11.25
CA LEU A 66 2.88 -2.04 10.20
C LEU A 66 3.67 -0.76 9.98
N HIS A 67 4.10 -0.53 8.73
CA HIS A 67 4.86 0.65 8.39
C HIS A 67 6.35 0.46 8.67
N LYS A 68 7.00 1.51 9.13
CA LYS A 68 8.43 1.45 9.44
C LYS A 68 8.80 0.10 10.03
N THR A 69 7.85 -0.51 10.72
CA THR A 69 8.08 -1.82 11.33
C THR A 69 9.05 -2.65 10.52
N GLU A 70 10.09 -3.15 11.17
CA GLU A 70 11.10 -3.97 10.50
C GLU A 70 10.51 -5.30 10.05
N PHE A 71 9.96 -5.31 8.85
CA PHE A 71 9.35 -6.53 8.29
C PHE A 71 10.43 -7.50 7.83
N LEU A 72 10.62 -8.57 8.61
CA LEU A 72 11.62 -9.58 8.29
C LEU A 72 13.01 -8.96 8.17
N GLY A 73 13.20 -7.82 8.84
CA GLY A 73 14.48 -7.15 8.80
C GLY A 73 14.48 -5.95 7.88
N LYS A 74 13.52 -5.90 6.97
CA LYS A 74 13.40 -4.79 6.02
C LYS A 74 12.31 -3.81 6.46
N GLU A 75 12.58 -2.52 6.32
CA GLU A 75 11.62 -1.50 6.70
C GLU A 75 10.62 -1.25 5.57
N MET A 76 9.34 -1.44 5.88
CA MET A 76 8.28 -1.24 4.90
C MET A 76 7.54 0.07 5.17
N LYS A 77 7.17 0.76 4.09
CA LYS A 77 6.46 2.02 4.19
C LYS A 77 4.99 1.86 3.81
N LEU A 78 4.19 2.87 4.14
CA LEU A 78 2.76 2.83 3.83
C LEU A 78 2.23 4.23 3.55
N TYR A 79 1.47 4.37 2.46
CA TYR A 79 0.90 5.65 2.09
C TYR A 79 -0.59 5.52 1.79
N PHE A 80 -1.39 6.37 2.43
CA PHE A 80 -2.84 6.34 2.24
C PHE A 80 -3.19 6.61 0.78
N ALA A 81 -3.52 5.55 0.05
CA ALA A 81 -3.89 5.66 -1.35
C ALA A 81 -4.97 6.71 -1.56
N GLN A 82 -4.57 7.86 -2.10
CA GLN A 82 -5.51 8.95 -2.35
C GLN A 82 -6.37 8.66 -3.57
N THR A 83 -5.71 8.40 -4.70
CA THR A 83 -6.41 8.11 -5.95
C THR A 83 -5.45 7.62 -7.02
N LEU A 84 -5.92 6.70 -7.86
CA LEU A 84 -5.10 6.16 -8.93
C LEU A 84 -4.78 7.22 -9.97
N HIS A 85 -3.71 7.01 -10.72
CA HIS A 85 -3.29 7.95 -11.76
C HIS A 85 -2.88 7.22 -13.03
N ILE A 86 -2.00 6.23 -12.88
CA ILE A 86 -1.52 5.45 -14.02
C ILE A 86 -0.81 6.34 -15.03
N GLY A 87 0.29 5.82 -15.57
CA GLY A 87 1.05 6.57 -16.55
C GLY A 87 0.25 6.90 -17.80
N SER A 88 0.93 7.36 -18.83
CA SER A 88 0.28 7.71 -20.09
C SER A 88 1.24 7.61 -21.26
N SER A 89 2.40 8.25 -21.11
CA SER A 89 3.41 8.24 -22.17
C SER A 89 3.76 6.81 -22.57
N HIS A 90 3.13 6.34 -23.65
CA HIS A 90 3.36 4.99 -24.14
C HIS A 90 2.81 4.84 -25.57
N LEU A 91 3.07 3.67 -26.16
CA LEU A 91 2.61 3.40 -27.52
C LEU A 91 1.21 3.97 -27.74
N ALA A 92 0.93 4.36 -28.98
CA ALA A 92 -0.37 4.92 -29.33
C ALA A 92 -1.49 3.96 -28.95
N PRO A 93 -2.63 4.53 -28.49
CA PRO A 93 -3.80 3.75 -28.08
C PRO A 93 -4.49 3.09 -29.26
N PRO A 94 -5.34 2.09 -28.97
CA PRO A 94 -6.09 1.36 -30.00
C PRO A 94 -7.16 2.21 -30.65
N ASN A 95 -7.90 1.62 -31.59
CA ASN A 95 -8.96 2.32 -32.30
C ASN A 95 -10.24 2.33 -31.47
N PRO A 96 -11.03 3.41 -31.62
CA PRO A 96 -12.29 3.58 -30.90
C PRO A 96 -13.37 2.61 -31.39
N ASP A 97 -14.57 2.77 -30.88
CA ASP A 97 -15.69 1.91 -31.27
C ASP A 97 -17.03 2.60 -31.00
N LYS A 98 -17.30 2.88 -29.73
CA LYS A 98 -18.54 3.54 -29.33
C LYS A 98 -18.28 4.97 -28.88
N SER A 99 -19.31 5.81 -28.95
CA SER A 99 -19.19 7.21 -28.56
C SER A 99 -20.48 7.96 -28.85
N GLY A 100 -21.17 8.36 -27.77
CA GLY A 100 -22.41 9.09 -27.93
C GLY A 100 -22.78 9.87 -26.68
N PRO A 101 -23.38 11.06 -26.88
CA PRO A 101 -23.80 11.93 -25.77
C PRO A 101 -24.97 11.35 -24.99
N SER A 102 -25.42 12.10 -23.98
CA SER A 102 -26.54 11.65 -23.15
C SER A 102 -27.23 12.85 -22.50
N SER A 103 -28.56 12.81 -22.47
CA SER A 103 -29.35 13.89 -21.88
C SER A 103 -30.63 13.35 -21.27
N GLY A 104 -31.13 14.05 -20.25
CA GLY A 104 -32.35 13.63 -19.58
C GLY A 104 -32.41 12.13 -19.40
N GLY A 1 -25.44 2.47 2.84
CA GLY A 1 -25.35 3.28 1.63
C GLY A 1 -24.23 4.29 1.70
N SER A 2 -23.50 4.43 0.59
CA SER A 2 -22.38 5.37 0.53
C SER A 2 -21.32 5.03 1.57
N SER A 3 -20.06 5.25 1.22
CA SER A 3 -18.95 4.96 2.11
C SER A 3 -17.65 5.57 1.58
N GLY A 4 -16.68 5.72 2.48
CA GLY A 4 -15.41 6.30 2.09
C GLY A 4 -14.38 5.24 1.74
N SER A 5 -13.55 5.52 0.74
CA SER A 5 -12.52 4.57 0.32
C SER A 5 -11.61 4.20 1.49
N SER A 6 -11.04 3.00 1.42
CA SER A 6 -10.15 2.51 2.47
C SER A 6 -8.94 1.80 1.87
N GLY A 7 -8.21 2.51 1.03
CA GLY A 7 -7.03 1.92 0.40
C GLY A 7 -5.75 2.30 1.11
N LEU A 8 -4.67 1.57 0.81
CA LEU A 8 -3.38 1.83 1.43
C LEU A 8 -2.24 1.40 0.51
N ILE A 9 -1.26 2.28 0.34
CA ILE A 9 -0.11 1.99 -0.52
C ILE A 9 1.06 1.48 0.31
N ALA A 10 1.24 0.15 0.31
CA ALA A 10 2.32 -0.47 1.05
C ALA A 10 3.54 -0.67 0.16
N CYS A 11 4.63 0.03 0.49
CA CYS A 11 5.86 -0.07 -0.28
C CYS A 11 6.85 -1.03 0.39
N VAL A 12 7.03 -2.20 -0.22
CA VAL A 12 7.94 -3.21 0.31
C VAL A 12 9.31 -3.12 -0.35
N ALA A 13 10.35 -3.38 0.43
CA ALA A 13 11.72 -3.33 -0.08
C ALA A 13 12.25 -4.73 -0.36
N ASN A 14 11.64 -5.73 0.29
CA ASN A 14 12.06 -7.12 0.12
C ASN A 14 11.50 -7.70 -1.18
N ASP A 15 12.34 -7.76 -2.21
CA ASP A 15 11.94 -8.29 -3.50
C ASP A 15 11.33 -9.68 -3.35
N ASP A 16 11.79 -10.42 -2.34
CA ASP A 16 11.30 -11.77 -2.09
C ASP A 16 9.78 -11.78 -1.94
N VAL A 17 9.26 -10.81 -1.18
CA VAL A 17 7.82 -10.71 -0.97
C VAL A 17 7.06 -10.86 -2.28
N PHE A 18 7.71 -10.50 -3.38
CA PHE A 18 7.08 -10.59 -4.69
C PHE A 18 7.36 -11.95 -5.34
N SER A 19 7.19 -13.01 -4.54
CA SER A 19 7.43 -14.37 -5.03
C SER A 19 6.32 -15.31 -4.59
N GLU A 20 6.17 -16.42 -5.30
CA GLU A 20 5.14 -17.39 -5.00
C GLU A 20 5.60 -18.33 -3.88
N SER A 21 6.90 -18.34 -3.62
CA SER A 21 7.47 -19.19 -2.59
C SER A 21 6.57 -19.24 -1.36
N GLU A 22 6.55 -18.15 -0.61
CA GLU A 22 5.74 -18.05 0.60
C GLU A 22 5.84 -16.67 1.22
N THR A 23 7.03 -16.09 1.18
CA THR A 23 7.27 -14.77 1.75
C THR A 23 6.05 -13.87 1.56
N ARG A 24 5.46 -13.93 0.37
CA ARG A 24 4.29 -13.11 0.06
C ARG A 24 3.26 -13.21 1.17
N ALA A 25 2.81 -14.43 1.45
CA ALA A 25 1.82 -14.67 2.49
C ALA A 25 2.14 -13.87 3.75
N LYS A 26 3.36 -14.06 4.26
CA LYS A 26 3.80 -13.36 5.46
C LYS A 26 3.36 -11.90 5.44
N PHE A 27 3.49 -11.26 4.28
CA PHE A 27 3.11 -9.87 4.13
C PHE A 27 1.59 -9.73 4.14
N GLU A 28 0.91 -10.58 3.40
CA GLU A 28 -0.55 -10.55 3.33
C GLU A 28 -1.17 -10.75 4.71
N SER A 29 -0.86 -11.88 5.32
CA SER A 29 -1.39 -12.21 6.65
C SER A 29 -1.46 -10.96 7.51
N LEU A 30 -0.39 -10.16 7.49
CA LEU A 30 -0.33 -8.94 8.28
C LEU A 30 -1.59 -8.11 8.09
N PHE A 31 -2.01 -7.97 6.84
CA PHE A 31 -3.22 -7.19 6.52
C PHE A 31 -4.46 -8.07 6.58
N ARG A 32 -4.46 -9.14 5.79
CA ARG A 32 -5.58 -10.06 5.74
C ARG A 32 -6.06 -10.40 7.15
N THR A 33 -5.12 -10.79 8.01
CA THR A 33 -5.44 -11.16 9.38
C THR A 33 -6.53 -10.25 9.95
N TYR A 34 -6.60 -9.02 9.44
CA TYR A 34 -7.59 -8.06 9.89
C TYR A 34 -8.91 -8.23 9.15
N ASP A 35 -8.90 -7.87 7.86
CA ASP A 35 -10.09 -7.98 7.03
C ASP A 35 -9.95 -9.12 6.02
N LYS A 36 -11.04 -9.82 5.77
CA LYS A 36 -11.03 -10.94 4.83
C LYS A 36 -11.39 -10.46 3.43
N ASP A 37 -11.96 -9.27 3.33
CA ASP A 37 -12.35 -8.70 2.04
C ASP A 37 -11.31 -7.69 1.57
N THR A 38 -10.06 -7.90 1.97
CA THR A 38 -8.98 -7.00 1.59
C THR A 38 -8.32 -7.46 0.28
N THR A 39 -8.20 -6.53 -0.67
CA THR A 39 -7.58 -6.85 -1.96
C THR A 39 -6.12 -6.43 -1.97
N PHE A 40 -5.27 -7.31 -2.51
CA PHE A 40 -3.84 -7.02 -2.59
C PHE A 40 -3.40 -6.90 -4.04
N GLN A 41 -2.75 -5.78 -4.36
CA GLN A 41 -2.27 -5.53 -5.71
C GLN A 41 -0.76 -5.28 -5.72
N TYR A 42 -0.01 -6.26 -6.21
CA TYR A 42 1.44 -6.13 -6.27
C TYR A 42 1.88 -5.52 -7.60
N PHE A 43 2.64 -4.43 -7.51
CA PHE A 43 3.13 -3.75 -8.70
C PHE A 43 4.65 -3.86 -8.81
N LYS A 44 5.10 -4.81 -9.63
CA LYS A 44 6.53 -5.02 -9.84
C LYS A 44 7.17 -3.81 -10.49
N SER A 45 6.39 -3.07 -11.27
CA SER A 45 6.88 -1.89 -11.96
C SER A 45 7.28 -0.80 -10.96
N PHE A 46 6.49 -0.66 -9.90
CA PHE A 46 6.75 0.34 -8.88
C PHE A 46 7.02 -0.32 -7.53
N LYS A 47 7.37 -1.61 -7.57
CA LYS A 47 7.65 -2.36 -6.35
C LYS A 47 6.75 -1.90 -5.20
N ARG A 48 5.47 -1.71 -5.50
CA ARG A 48 4.51 -1.28 -4.50
C ARG A 48 3.45 -2.35 -4.26
N VAL A 49 2.59 -2.12 -3.27
CA VAL A 49 1.53 -3.06 -2.94
C VAL A 49 0.26 -2.34 -2.50
N ARG A 50 -0.73 -2.31 -3.38
CA ARG A 50 -2.00 -1.65 -3.09
C ARG A 50 -2.92 -2.56 -2.29
N ILE A 51 -3.17 -2.21 -1.03
CA ILE A 51 -4.03 -3.00 -0.16
C ILE A 51 -5.34 -2.27 0.11
N ASN A 52 -6.41 -2.72 -0.53
CA ASN A 52 -7.72 -2.12 -0.36
C ASN A 52 -8.53 -2.86 0.70
N PHE A 53 -9.07 -2.11 1.66
CA PHE A 53 -9.87 -2.71 2.73
C PHE A 53 -11.36 -2.45 2.51
N SER A 54 -12.19 -3.01 3.39
CA SER A 54 -13.63 -2.84 3.30
C SER A 54 -14.11 -1.71 4.20
N ASN A 55 -13.28 -1.37 5.19
CA ASN A 55 -13.62 -0.31 6.13
C ASN A 55 -12.41 0.56 6.43
N PRO A 56 -12.64 1.86 6.62
CA PRO A 56 -11.57 2.83 6.92
C PRO A 56 -10.99 2.63 8.32
N LEU A 57 -11.71 1.89 9.16
CA LEU A 57 -11.26 1.63 10.52
C LEU A 57 -9.98 0.80 10.52
N SER A 58 -10.07 -0.42 10.00
CA SER A 58 -8.92 -1.31 9.94
C SER A 58 -7.75 -0.65 9.22
N ALA A 59 -8.03 -0.04 8.07
CA ALA A 59 -7.01 0.63 7.29
C ALA A 59 -5.97 1.28 8.19
N ALA A 60 -6.41 1.78 9.34
CA ALA A 60 -5.51 2.42 10.30
C ALA A 60 -4.67 1.39 11.03
N ASP A 61 -5.33 0.46 11.70
CA ASP A 61 -4.64 -0.58 12.45
C ASP A 61 -3.65 -1.32 11.55
N ALA A 62 -3.87 -1.25 10.25
CA ALA A 62 -3.00 -1.90 9.28
C ALA A 62 -1.68 -1.14 9.12
N ARG A 63 -1.74 0.17 9.36
CA ARG A 63 -0.55 1.02 9.23
C ARG A 63 0.18 1.13 10.56
N LEU A 64 -0.57 1.14 11.66
CA LEU A 64 0.01 1.25 12.99
C LEU A 64 0.79 -0.02 13.35
N ARG A 65 0.25 -1.17 12.95
CA ARG A 65 0.89 -2.45 13.23
C ARG A 65 1.99 -2.74 12.21
N LEU A 66 2.00 -1.97 11.12
CA LEU A 66 2.99 -2.15 10.08
C LEU A 66 3.79 -0.86 9.87
N HIS A 67 4.23 -0.63 8.64
CA HIS A 67 5.00 0.56 8.31
C HIS A 67 6.48 0.34 8.61
N LYS A 68 7.16 1.40 9.07
CA LYS A 68 8.56 1.33 9.40
C LYS A 68 8.93 -0.04 9.98
N THR A 69 7.96 -0.65 10.67
CA THR A 69 8.18 -1.95 11.29
C THR A 69 9.14 -2.79 10.46
N GLU A 70 10.15 -3.36 11.12
CA GLU A 70 11.14 -4.19 10.45
C GLU A 70 10.54 -5.52 10.01
N PHE A 71 9.97 -5.53 8.81
CA PHE A 71 9.36 -6.75 8.27
C PHE A 71 10.38 -7.60 7.53
N LEU A 72 10.64 -8.79 8.05
CA LEU A 72 11.60 -9.71 7.44
C LEU A 72 12.97 -9.04 7.29
N GLY A 73 13.31 -8.19 8.26
CA GLY A 73 14.59 -7.50 8.22
C GLY A 73 14.63 -6.41 7.17
N LYS A 74 13.46 -6.05 6.65
CA LYS A 74 13.37 -5.02 5.62
C LYS A 74 12.28 -4.01 5.98
N GLU A 75 12.70 -2.78 6.29
CA GLU A 75 11.75 -1.73 6.64
C GLU A 75 10.77 -1.48 5.51
N MET A 76 9.47 -1.54 5.82
CA MET A 76 8.44 -1.32 4.82
C MET A 76 7.75 0.04 5.04
N LYS A 77 7.38 0.69 3.95
CA LYS A 77 6.71 1.98 4.03
C LYS A 77 5.24 1.86 3.67
N LEU A 78 4.45 2.86 4.04
CA LEU A 78 3.02 2.86 3.75
C LEU A 78 2.52 4.28 3.55
N TYR A 79 1.54 4.44 2.65
CA TYR A 79 0.97 5.74 2.37
C TYR A 79 -0.56 5.66 2.22
N PHE A 80 -1.26 6.58 2.86
CA PHE A 80 -2.72 6.60 2.81
C PHE A 80 -3.20 6.87 1.39
N ALA A 81 -3.55 5.80 0.68
CA ALA A 81 -4.02 5.90 -0.69
C ALA A 81 -4.97 7.10 -0.85
N GLN A 82 -4.74 7.89 -1.89
CA GLN A 82 -5.55 9.07 -2.15
C GLN A 82 -5.63 9.37 -3.64
N THR A 83 -6.69 10.06 -4.06
CA THR A 83 -6.87 10.41 -5.46
C THR A 83 -5.71 11.26 -5.97
N LEU A 84 -5.21 10.93 -7.15
CA LEU A 84 -4.11 11.66 -7.75
C LEU A 84 -2.78 11.31 -7.08
N HIS A 85 -2.77 11.38 -5.75
CA HIS A 85 -1.56 11.07 -4.98
C HIS A 85 -0.47 12.10 -5.24
N ILE A 86 -0.51 13.20 -4.50
CA ILE A 86 0.48 14.26 -4.66
C ILE A 86 1.89 13.70 -4.61
N GLY A 87 2.77 14.23 -5.45
CA GLY A 87 4.15 13.78 -5.48
C GLY A 87 4.68 13.63 -6.89
N SER A 88 5.36 14.67 -7.37
CA SER A 88 5.92 14.65 -8.72
C SER A 88 7.12 13.72 -8.81
N SER A 89 6.88 12.47 -9.22
CA SER A 89 7.93 11.48 -9.34
C SER A 89 7.56 10.41 -10.35
N HIS A 90 7.89 10.65 -11.61
CA HIS A 90 7.60 9.70 -12.69
C HIS A 90 8.78 8.78 -12.94
N LEU A 91 8.57 7.76 -13.76
CA LEU A 91 9.62 6.80 -14.08
C LEU A 91 9.13 5.80 -15.13
N ALA A 92 10.00 5.49 -16.09
CA ALA A 92 9.66 4.55 -17.15
C ALA A 92 10.66 3.40 -17.20
N PRO A 93 10.48 2.41 -16.31
CA PRO A 93 11.36 1.24 -16.24
C PRO A 93 11.21 0.33 -17.44
N PRO A 94 12.20 -0.56 -17.64
CA PRO A 94 12.20 -1.52 -18.75
C PRO A 94 11.12 -2.59 -18.60
N ASN A 95 10.84 -3.30 -19.69
CA ASN A 95 9.84 -4.36 -19.67
C ASN A 95 10.49 -5.73 -19.76
N PRO A 96 10.91 -6.26 -18.60
CA PRO A 96 11.55 -7.57 -18.52
C PRO A 96 10.59 -8.71 -18.80
N ASP A 97 11.11 -9.80 -19.35
CA ASP A 97 10.29 -10.96 -19.68
C ASP A 97 10.52 -12.07 -18.66
N LYS A 98 11.75 -12.55 -18.57
CA LYS A 98 12.09 -13.62 -17.64
C LYS A 98 11.47 -14.95 -18.07
N SER A 99 12.09 -16.04 -17.63
CA SER A 99 11.59 -17.37 -17.98
C SER A 99 12.44 -18.45 -17.31
N GLY A 100 11.94 -19.68 -17.32
CA GLY A 100 12.65 -20.79 -16.72
C GLY A 100 11.88 -22.09 -16.79
N PRO A 101 12.61 -23.21 -16.94
CA PRO A 101 11.99 -24.55 -17.02
C PRO A 101 11.40 -24.99 -15.69
N SER A 102 10.79 -26.17 -15.69
CA SER A 102 10.17 -26.70 -14.48
C SER A 102 9.86 -28.20 -14.64
N SER A 103 9.44 -28.82 -13.55
CA SER A 103 9.12 -30.25 -13.57
C SER A 103 10.39 -31.09 -13.73
N GLY A 104 10.31 -32.35 -13.28
CA GLY A 104 11.46 -33.23 -13.38
C GLY A 104 11.92 -33.72 -12.01
N GLY A 1 -22.17 5.19 2.92
CA GLY A 1 -21.52 5.83 1.79
C GLY A 1 -21.19 4.85 0.69
N SER A 2 -20.06 5.07 0.02
CA SER A 2 -19.64 4.20 -1.07
C SER A 2 -18.12 4.01 -1.05
N SER A 3 -17.66 3.03 -0.30
CA SER A 3 -16.23 2.75 -0.19
C SER A 3 -15.42 4.03 -0.25
N GLY A 4 -15.17 4.62 0.91
CA GLY A 4 -14.39 5.85 0.96
C GLY A 4 -12.90 5.60 0.85
N SER A 5 -12.14 6.15 1.80
CA SER A 5 -10.69 5.99 1.79
C SER A 5 -10.27 4.82 2.68
N SER A 6 -10.00 3.68 2.05
CA SER A 6 -9.60 2.49 2.79
C SER A 6 -8.31 1.91 2.20
N GLY A 7 -8.12 2.09 0.90
CA GLY A 7 -6.93 1.58 0.23
C GLY A 7 -5.66 2.03 0.90
N LEU A 8 -4.57 1.32 0.66
CA LEU A 8 -3.28 1.65 1.25
C LEU A 8 -2.13 1.29 0.30
N ILE A 9 -1.11 2.13 0.27
CA ILE A 9 0.04 1.88 -0.58
C ILE A 9 1.27 1.49 0.24
N ALA A 10 1.52 0.18 0.33
CA ALA A 10 2.66 -0.32 1.08
C ALA A 10 3.88 -0.47 0.19
N CYS A 11 5.01 0.04 0.66
CA CYS A 11 6.26 -0.04 -0.09
C CYS A 11 7.23 -1.03 0.55
N VAL A 12 7.51 -2.12 -0.17
CA VAL A 12 8.42 -3.14 0.33
C VAL A 12 9.75 -3.12 -0.43
N ALA A 13 10.82 -3.41 0.28
CA ALA A 13 12.15 -3.43 -0.34
C ALA A 13 12.57 -4.85 -0.71
N ASN A 14 11.98 -5.83 -0.03
CA ASN A 14 12.28 -7.23 -0.29
C ASN A 14 11.63 -7.69 -1.60
N ASP A 15 12.44 -7.84 -2.64
CA ASP A 15 11.94 -8.28 -3.94
C ASP A 15 11.32 -9.67 -3.85
N ASP A 16 11.62 -10.37 -2.76
CA ASP A 16 11.11 -11.72 -2.54
C ASP A 16 9.62 -11.68 -2.21
N VAL A 17 9.17 -10.53 -1.71
CA VAL A 17 7.76 -10.37 -1.33
C VAL A 17 6.86 -10.45 -2.56
N PHE A 18 7.44 -10.18 -3.73
CA PHE A 18 6.69 -10.21 -4.98
C PHE A 18 6.72 -11.61 -5.59
N SER A 19 6.49 -12.62 -4.75
CA SER A 19 6.50 -14.01 -5.21
C SER A 19 5.55 -14.87 -4.38
N GLU A 20 4.85 -15.77 -5.03
CA GLU A 20 3.91 -16.66 -4.36
C GLU A 20 4.65 -17.75 -3.58
N SER A 21 5.95 -17.82 -3.78
CA SER A 21 6.77 -18.82 -3.10
C SER A 21 6.27 -19.06 -1.68
N GLU A 22 6.10 -17.98 -0.93
CA GLU A 22 5.63 -18.08 0.45
C GLU A 22 5.77 -16.74 1.16
N THR A 23 6.87 -16.04 0.90
CA THR A 23 7.12 -14.74 1.52
C THR A 23 5.88 -13.88 1.50
N ARG A 24 5.30 -13.69 0.31
CA ARG A 24 4.10 -12.88 0.17
C ARG A 24 3.13 -13.14 1.30
N ALA A 25 2.76 -14.41 1.49
CA ALA A 25 1.84 -14.79 2.55
C ALA A 25 2.17 -14.08 3.86
N LYS A 26 3.46 -14.00 4.17
CA LYS A 26 3.90 -13.34 5.39
C LYS A 26 3.52 -11.86 5.39
N PHE A 27 3.59 -11.25 4.21
CA PHE A 27 3.25 -9.83 4.07
C PHE A 27 1.73 -9.63 4.10
N GLU A 28 1.01 -10.53 3.45
CA GLU A 28 -0.45 -10.45 3.40
C GLU A 28 -1.06 -10.75 4.76
N SER A 29 -0.79 -11.95 5.27
CA SER A 29 -1.31 -12.37 6.56
C SER A 29 -1.38 -11.18 7.53
N LEU A 30 -0.43 -10.27 7.40
CA LEU A 30 -0.38 -9.09 8.25
C LEU A 30 -1.66 -8.27 8.13
N PHE A 31 -2.06 -7.98 6.90
CA PHE A 31 -3.27 -7.21 6.65
C PHE A 31 -4.51 -8.11 6.70
N ARG A 32 -4.41 -9.28 6.08
CA ARG A 32 -5.51 -10.23 6.05
C ARG A 32 -6.08 -10.44 7.45
N THR A 33 -5.20 -10.72 8.40
CA THR A 33 -5.62 -10.95 9.77
C THR A 33 -6.74 -9.99 10.18
N TYR A 34 -6.58 -8.72 9.85
CA TYR A 34 -7.58 -7.71 10.17
C TYR A 34 -8.87 -7.95 9.40
N ASP A 35 -8.82 -7.71 8.09
CA ASP A 35 -9.98 -7.90 7.23
C ASP A 35 -9.81 -9.14 6.35
N LYS A 36 -10.91 -9.83 6.11
CA LYS A 36 -10.88 -11.04 5.28
C LYS A 36 -11.14 -10.70 3.82
N ASP A 37 -11.93 -9.65 3.58
CA ASP A 37 -12.26 -9.22 2.23
C ASP A 37 -11.25 -8.19 1.73
N THR A 38 -10.05 -8.24 2.27
CA THR A 38 -8.99 -7.30 1.89
C THR A 38 -8.32 -7.74 0.59
N THR A 39 -8.37 -6.88 -0.41
CA THR A 39 -7.76 -7.17 -1.71
C THR A 39 -6.37 -6.56 -1.81
N PHE A 40 -5.44 -7.31 -2.38
CA PHE A 40 -4.07 -6.84 -2.54
C PHE A 40 -3.72 -6.70 -4.02
N GLN A 41 -2.93 -5.67 -4.35
CA GLN A 41 -2.52 -5.43 -5.72
C GLN A 41 -1.05 -5.06 -5.79
N TYR A 42 -0.23 -5.99 -6.26
CA TYR A 42 1.21 -5.76 -6.38
C TYR A 42 1.57 -5.18 -7.73
N PHE A 43 2.57 -4.32 -7.76
CA PHE A 43 3.01 -3.69 -9.00
C PHE A 43 4.44 -4.09 -9.34
N LYS A 44 4.58 -5.03 -10.27
CA LYS A 44 5.89 -5.51 -10.70
C LYS A 44 6.56 -4.51 -11.63
N SER A 45 6.60 -3.25 -11.21
CA SER A 45 7.22 -2.19 -12.01
C SER A 45 7.59 -1.00 -11.15
N PHE A 46 6.74 -0.67 -10.19
CA PHE A 46 6.99 0.45 -9.29
C PHE A 46 7.27 -0.04 -7.87
N LYS A 47 7.41 -1.35 -7.73
CA LYS A 47 7.70 -1.95 -6.43
C LYS A 47 6.71 -1.45 -5.38
N ARG A 48 5.43 -1.42 -5.74
CA ARG A 48 4.39 -0.96 -4.82
C ARG A 48 3.32 -2.03 -4.62
N VAL A 49 2.48 -1.84 -3.61
CA VAL A 49 1.41 -2.79 -3.32
C VAL A 49 0.20 -2.09 -2.73
N ARG A 50 -0.88 -2.04 -3.51
CA ARG A 50 -2.11 -1.40 -3.07
C ARG A 50 -3.03 -2.40 -2.38
N ILE A 51 -3.35 -2.12 -1.12
CA ILE A 51 -4.22 -3.01 -0.35
C ILE A 51 -5.56 -2.34 -0.05
N ASN A 52 -6.62 -2.86 -0.64
CA ASN A 52 -7.97 -2.32 -0.44
C ASN A 52 -8.69 -3.06 0.67
N PHE A 53 -9.31 -2.30 1.58
CA PHE A 53 -10.04 -2.88 2.70
C PHE A 53 -11.54 -2.67 2.54
N SER A 54 -12.32 -3.30 3.40
CA SER A 54 -13.77 -3.19 3.35
C SER A 54 -14.26 -2.05 4.24
N ASN A 55 -13.32 -1.39 4.92
CA ASN A 55 -13.65 -0.28 5.80
C ASN A 55 -12.41 0.56 6.09
N PRO A 56 -12.63 1.88 6.25
CA PRO A 56 -11.53 2.82 6.54
C PRO A 56 -10.97 2.65 7.95
N LEU A 57 -11.55 1.71 8.70
CA LEU A 57 -11.12 1.44 10.06
C LEU A 57 -9.85 0.59 10.07
N SER A 58 -9.93 -0.59 9.46
CA SER A 58 -8.79 -1.50 9.41
C SER A 58 -7.59 -0.82 8.76
N ALA A 59 -7.84 -0.09 7.68
CA ALA A 59 -6.77 0.61 6.97
C ALA A 59 -5.87 1.36 7.94
N ALA A 60 -6.46 1.89 9.02
CA ALA A 60 -5.70 2.63 10.01
C ALA A 60 -4.85 1.68 10.86
N ASP A 61 -5.51 0.80 11.61
CA ASP A 61 -4.81 -0.15 12.46
C ASP A 61 -3.70 -0.86 11.69
N ALA A 62 -3.97 -1.18 10.43
CA ALA A 62 -3.00 -1.85 9.59
C ALA A 62 -1.68 -1.10 9.57
N ARG A 63 -1.75 0.23 9.55
CA ARG A 63 -0.55 1.05 9.52
C ARG A 63 0.21 0.95 10.84
N LEU A 64 -0.46 1.30 11.94
CA LEU A 64 0.16 1.25 13.26
C LEU A 64 0.79 -0.12 13.51
N ARG A 65 0.07 -1.18 13.13
CA ARG A 65 0.56 -2.54 13.31
C ARG A 65 1.70 -2.84 12.33
N LEU A 66 1.77 -2.07 11.25
CA LEU A 66 2.81 -2.26 10.25
C LEU A 66 3.62 -0.97 10.06
N HIS A 67 4.05 -0.73 8.83
CA HIS A 67 4.83 0.45 8.51
C HIS A 67 6.31 0.23 8.81
N LYS A 68 6.99 1.29 9.27
CA LYS A 68 8.40 1.20 9.59
C LYS A 68 8.75 -0.16 10.18
N THR A 69 7.80 -0.75 10.89
CA THR A 69 8.00 -2.05 11.50
C THR A 69 8.92 -2.93 10.65
N GLU A 70 10.01 -3.39 11.25
CA GLU A 70 10.97 -4.23 10.55
C GLU A 70 10.34 -5.55 10.15
N PHE A 71 9.88 -5.62 8.90
CA PHE A 71 9.26 -6.84 8.38
C PHE A 71 10.30 -7.80 7.83
N LEU A 72 10.47 -8.92 8.52
CA LEU A 72 11.45 -9.93 8.12
C LEU A 72 12.85 -9.33 8.01
N GLY A 73 13.08 -8.27 8.78
CA GLY A 73 14.39 -7.62 8.77
C GLY A 73 14.42 -6.41 7.86
N LYS A 74 13.41 -6.28 7.00
CA LYS A 74 13.33 -5.16 6.08
C LYS A 74 12.23 -4.19 6.50
N GLU A 75 12.52 -2.90 6.44
CA GLU A 75 11.55 -1.88 6.80
C GLU A 75 10.58 -1.61 5.66
N MET A 76 9.28 -1.64 5.96
CA MET A 76 8.26 -1.39 4.95
C MET A 76 7.51 -0.09 5.23
N LYS A 77 7.21 0.65 4.17
CA LYS A 77 6.49 1.92 4.31
C LYS A 77 5.04 1.77 3.91
N LEU A 78 4.23 2.75 4.27
CA LEU A 78 2.80 2.73 3.94
C LEU A 78 2.27 4.14 3.74
N TYR A 79 1.63 4.36 2.60
CA TYR A 79 1.06 5.67 2.28
C TYR A 79 -0.44 5.58 2.02
N PHE A 80 -1.20 6.46 2.66
CA PHE A 80 -2.64 6.48 2.50
C PHE A 80 -3.03 6.69 1.03
N ALA A 81 -3.66 5.69 0.44
CA ALA A 81 -4.09 5.77 -0.95
C ALA A 81 -4.94 7.01 -1.20
N GLN A 82 -4.78 7.60 -2.38
CA GLN A 82 -5.54 8.80 -2.73
C GLN A 82 -5.56 9.80 -1.58
N THR A 83 -4.53 10.65 -1.53
CA THR A 83 -4.42 11.65 -0.49
C THR A 83 -3.63 12.87 -0.98
N LEU A 84 -4.35 13.93 -1.32
CA LEU A 84 -3.73 15.16 -1.80
C LEU A 84 -2.85 14.88 -3.01
N HIS A 85 -3.44 14.93 -4.21
CA HIS A 85 -2.70 14.68 -5.43
C HIS A 85 -3.26 15.53 -6.57
N ILE A 86 -4.58 15.51 -6.73
CA ILE A 86 -5.24 16.27 -7.79
C ILE A 86 -5.59 17.68 -7.31
N GLY A 87 -4.75 18.65 -7.68
CA GLY A 87 -4.99 20.02 -7.28
C GLY A 87 -3.79 20.91 -7.52
N SER A 88 -3.34 20.96 -8.77
CA SER A 88 -2.18 21.78 -9.12
C SER A 88 -2.51 22.71 -10.28
N SER A 89 -2.98 22.14 -11.38
CA SER A 89 -3.33 22.92 -12.56
C SER A 89 -3.97 22.05 -13.63
N HIS A 90 -5.22 22.34 -13.97
CA HIS A 90 -5.95 21.57 -14.97
C HIS A 90 -6.53 22.49 -16.04
N LEU A 91 -6.29 22.16 -17.30
CA LEU A 91 -6.79 22.96 -18.42
C LEU A 91 -6.78 22.15 -19.71
N ALA A 92 -5.65 21.49 -19.98
CA ALA A 92 -5.51 20.68 -21.18
C ALA A 92 -4.24 19.85 -21.14
N PRO A 93 -4.33 18.65 -20.55
CA PRO A 93 -3.18 17.73 -20.43
C PRO A 93 -2.76 17.15 -21.78
N PRO A 94 -1.60 16.48 -21.80
CA PRO A 94 -1.07 15.85 -23.01
C PRO A 94 -1.89 14.66 -23.46
N ASN A 95 -2.14 13.73 -22.53
CA ASN A 95 -2.92 12.55 -22.84
C ASN A 95 -2.93 11.59 -21.65
N PRO A 96 -4.10 10.98 -21.39
CA PRO A 96 -4.28 10.04 -20.28
C PRO A 96 -3.53 8.73 -20.50
N ASP A 97 -3.58 8.23 -21.73
CA ASP A 97 -2.91 6.98 -22.08
C ASP A 97 -1.46 7.00 -21.60
N LYS A 98 -1.04 5.92 -20.97
CA LYS A 98 0.33 5.80 -20.46
C LYS A 98 0.71 4.34 -20.26
N SER A 99 2.01 4.07 -20.33
CA SER A 99 2.51 2.70 -20.16
C SER A 99 4.03 2.67 -20.23
N GLY A 100 4.65 1.95 -19.29
CA GLY A 100 6.10 1.86 -19.26
C GLY A 100 6.66 2.02 -17.87
N PRO A 101 8.00 2.13 -17.77
CA PRO A 101 8.69 2.29 -16.50
C PRO A 101 8.45 3.66 -15.87
N SER A 102 9.12 3.93 -14.76
CA SER A 102 8.97 5.21 -14.07
C SER A 102 9.83 6.29 -14.72
N SER A 103 9.18 7.15 -15.50
CA SER A 103 9.89 8.23 -16.19
C SER A 103 11.07 7.69 -16.98
N GLY A 104 12.23 7.60 -16.32
CA GLY A 104 13.42 7.11 -16.98
C GLY A 104 14.48 6.65 -15.99
N GLY A 1 -17.55 5.78 -9.92
CA GLY A 1 -17.37 6.39 -8.62
C GLY A 1 -17.65 5.42 -7.48
N SER A 2 -16.72 4.50 -7.25
CA SER A 2 -16.87 3.51 -6.20
C SER A 2 -16.83 4.16 -4.83
N SER A 3 -17.86 3.91 -4.02
CA SER A 3 -17.95 4.49 -2.68
C SER A 3 -17.30 3.56 -1.65
N GLY A 4 -15.98 3.69 -1.50
CA GLY A 4 -15.26 2.86 -0.55
C GLY A 4 -14.23 3.65 0.22
N SER A 5 -13.23 4.17 -0.47
CA SER A 5 -12.17 4.95 0.17
C SER A 5 -11.61 4.20 1.37
N SER A 6 -10.52 3.46 1.14
CA SER A 6 -9.88 2.69 2.21
C SER A 6 -8.73 1.86 1.66
N GLY A 7 -7.89 2.49 0.83
CA GLY A 7 -6.76 1.80 0.26
C GLY A 7 -5.44 2.21 0.88
N LEU A 8 -4.49 1.30 0.92
CA LEU A 8 -3.17 1.58 1.49
C LEU A 8 -2.07 1.14 0.55
N ILE A 9 -1.12 2.04 0.31
CA ILE A 9 0.01 1.75 -0.57
C ILE A 9 1.25 1.37 0.23
N ALA A 10 1.48 0.07 0.37
CA ALA A 10 2.64 -0.42 1.11
C ALA A 10 3.84 -0.56 0.20
N CYS A 11 4.98 -0.01 0.64
CA CYS A 11 6.21 -0.07 -0.13
C CYS A 11 7.25 -0.95 0.56
N VAL A 12 7.61 -2.05 -0.08
CA VAL A 12 8.59 -2.97 0.46
C VAL A 12 9.90 -2.92 -0.32
N ALA A 13 10.98 -3.34 0.33
CA ALA A 13 12.30 -3.34 -0.30
C ALA A 13 12.70 -4.75 -0.73
N ASN A 14 12.01 -5.74 -0.18
CA ASN A 14 12.30 -7.14 -0.50
C ASN A 14 11.52 -7.59 -1.73
N ASP A 15 12.19 -7.60 -2.87
CA ASP A 15 11.57 -8.01 -4.13
C ASP A 15 10.96 -9.40 -4.00
N ASP A 16 11.41 -10.15 -3.00
CA ASP A 16 10.91 -11.49 -2.77
C ASP A 16 9.44 -11.46 -2.34
N VAL A 17 9.05 -10.37 -1.69
CA VAL A 17 7.68 -10.22 -1.22
C VAL A 17 6.69 -10.26 -2.39
N PHE A 18 7.20 -10.08 -3.59
CA PHE A 18 6.37 -10.09 -4.79
C PHE A 18 6.25 -11.50 -5.35
N SER A 19 7.29 -12.31 -5.13
CA SER A 19 7.30 -13.69 -5.62
C SER A 19 6.13 -14.48 -5.05
N GLU A 20 5.68 -15.48 -5.80
CA GLU A 20 4.57 -16.31 -5.36
C GLU A 20 5.05 -17.45 -4.45
N SER A 21 6.37 -17.53 -4.29
CA SER A 21 6.96 -18.57 -3.45
C SER A 21 6.17 -18.75 -2.15
N GLU A 22 6.29 -17.77 -1.26
CA GLU A 22 5.59 -17.81 0.02
C GLU A 22 5.77 -16.50 0.77
N THR A 23 6.98 -15.95 0.71
CA THR A 23 7.28 -14.70 1.40
C THR A 23 6.11 -13.72 1.32
N ARG A 24 5.40 -13.75 0.19
CA ARG A 24 4.25 -12.87 -0.01
C ARG A 24 3.25 -13.02 1.12
N ALA A 25 2.93 -14.26 1.46
CA ALA A 25 1.97 -14.54 2.53
C ALA A 25 2.33 -13.76 3.80
N LYS A 26 3.60 -13.78 4.16
CA LYS A 26 4.07 -13.08 5.35
C LYS A 26 3.66 -11.61 5.31
N PHE A 27 3.48 -11.08 4.09
CA PHE A 27 3.10 -9.69 3.91
C PHE A 27 1.57 -9.55 3.90
N GLU A 28 0.90 -10.50 3.27
CA GLU A 28 -0.55 -10.48 3.19
C GLU A 28 -1.19 -10.81 4.53
N SER A 29 -0.92 -12.01 5.03
CA SER A 29 -1.47 -12.45 6.31
C SER A 29 -1.53 -11.29 7.30
N LEU A 30 -0.50 -10.44 7.27
CA LEU A 30 -0.45 -9.28 8.17
C LEU A 30 -1.74 -8.48 8.10
N PHE A 31 -2.03 -7.93 6.92
CA PHE A 31 -3.24 -7.14 6.73
C PHE A 31 -4.49 -8.02 6.81
N ARG A 32 -4.52 -9.06 6.00
CA ARG A 32 -5.66 -9.98 5.98
C ARG A 32 -6.15 -10.26 7.40
N THR A 33 -5.21 -10.48 8.31
CA THR A 33 -5.54 -10.77 9.70
C THR A 33 -6.69 -9.89 10.18
N TYR A 34 -6.64 -8.61 9.83
CA TYR A 34 -7.68 -7.66 10.22
C TYR A 34 -8.98 -7.93 9.48
N ASP A 35 -8.98 -7.65 8.18
CA ASP A 35 -10.16 -7.86 7.35
C ASP A 35 -9.97 -9.06 6.44
N LYS A 36 -11.04 -9.83 6.24
CA LYS A 36 -10.99 -11.01 5.38
C LYS A 36 -11.40 -10.67 3.95
N ASP A 37 -11.73 -9.40 3.72
CA ASP A 37 -12.14 -8.94 2.40
C ASP A 37 -11.13 -7.94 1.85
N THR A 38 -9.92 -7.95 2.41
CA THR A 38 -8.86 -7.04 1.97
C THR A 38 -8.18 -7.57 0.71
N THR A 39 -8.23 -6.77 -0.35
CA THR A 39 -7.61 -7.15 -1.62
C THR A 39 -6.22 -6.57 -1.75
N PHE A 40 -5.30 -7.36 -2.28
CA PHE A 40 -3.92 -6.91 -2.48
C PHE A 40 -3.55 -6.87 -3.95
N GLN A 41 -2.83 -5.83 -4.34
CA GLN A 41 -2.41 -5.66 -5.73
C GLN A 41 -0.94 -5.30 -5.82
N TYR A 42 -0.11 -6.25 -6.24
CA TYR A 42 1.32 -6.03 -6.37
C TYR A 42 1.67 -5.51 -7.76
N PHE A 43 2.52 -4.50 -7.81
CA PHE A 43 2.95 -3.90 -9.07
C PHE A 43 4.43 -4.13 -9.32
N LYS A 44 4.74 -5.12 -10.14
CA LYS A 44 6.14 -5.44 -10.46
C LYS A 44 6.79 -4.30 -11.23
N SER A 45 5.97 -3.38 -11.73
CA SER A 45 6.48 -2.24 -12.49
C SER A 45 6.88 -1.10 -11.57
N PHE A 46 6.13 -0.93 -10.49
CA PHE A 46 6.41 0.12 -9.52
C PHE A 46 6.78 -0.47 -8.16
N LYS A 47 7.09 -1.76 -8.14
CA LYS A 47 7.46 -2.45 -6.92
C LYS A 47 6.65 -1.92 -5.72
N ARG A 48 5.34 -1.82 -5.91
CA ARG A 48 4.46 -1.34 -4.86
C ARG A 48 3.41 -2.38 -4.50
N VAL A 49 2.68 -2.13 -3.41
CA VAL A 49 1.64 -3.06 -2.95
C VAL A 49 0.39 -2.31 -2.53
N ARG A 50 -0.65 -2.38 -3.35
CA ARG A 50 -1.91 -1.71 -3.05
C ARG A 50 -2.86 -2.64 -2.30
N ILE A 51 -3.13 -2.30 -1.04
CA ILE A 51 -4.02 -3.10 -0.21
C ILE A 51 -5.33 -2.37 0.06
N ASN A 52 -6.41 -2.83 -0.57
CA ASN A 52 -7.72 -2.21 -0.38
C ASN A 52 -8.52 -2.94 0.69
N PHE A 53 -9.14 -2.18 1.59
CA PHE A 53 -9.94 -2.77 2.66
C PHE A 53 -11.42 -2.52 2.42
N SER A 54 -12.25 -2.97 3.36
CA SER A 54 -13.69 -2.80 3.25
C SER A 54 -14.16 -1.60 4.08
N ASN A 55 -13.41 -1.29 5.14
CA ASN A 55 -13.75 -0.17 6.00
C ASN A 55 -12.55 0.75 6.22
N PRO A 56 -12.81 2.05 6.30
CA PRO A 56 -11.76 3.05 6.51
C PRO A 56 -11.14 2.98 7.90
N LEU A 57 -11.63 2.04 8.70
CA LEU A 57 -11.13 1.86 10.06
C LEU A 57 -9.88 0.97 10.07
N SER A 58 -10.06 -0.29 9.72
CA SER A 58 -8.95 -1.23 9.69
C SER A 58 -7.72 -0.61 9.03
N ALA A 59 -7.92 0.01 7.87
CA ALA A 59 -6.83 0.65 7.14
C ALA A 59 -5.91 1.40 8.09
N ALA A 60 -6.49 2.01 9.11
CA ALA A 60 -5.72 2.76 10.10
C ALA A 60 -4.87 1.84 10.96
N ASP A 61 -5.51 0.88 11.61
CA ASP A 61 -4.81 -0.08 12.46
C ASP A 61 -3.75 -0.84 11.68
N ALA A 62 -4.00 -1.01 10.38
CA ALA A 62 -3.05 -1.71 9.51
C ALA A 62 -1.74 -0.95 9.40
N ARG A 63 -1.79 0.36 9.62
CA ARG A 63 -0.61 1.20 9.55
C ARG A 63 0.16 1.18 10.86
N LEU A 64 -0.58 1.19 11.97
CA LEU A 64 0.04 1.19 13.29
C LEU A 64 0.75 -0.14 13.55
N ARG A 65 0.14 -1.23 13.12
CA ARG A 65 0.72 -2.56 13.30
C ARG A 65 1.80 -2.83 12.26
N LEU A 66 1.91 -1.94 11.28
CA LEU A 66 2.90 -2.08 10.22
C LEU A 66 3.66 -0.77 10.01
N HIS A 67 4.10 -0.55 8.78
CA HIS A 67 4.84 0.67 8.44
C HIS A 67 6.32 0.51 8.79
N LYS A 68 6.95 1.61 9.19
CA LYS A 68 8.36 1.59 9.55
C LYS A 68 8.75 0.26 10.18
N THR A 69 7.82 -0.35 10.92
CA THR A 69 8.06 -1.62 11.57
C THR A 69 8.99 -2.50 10.72
N GLU A 70 10.01 -3.07 11.36
CA GLU A 70 10.95 -3.93 10.67
C GLU A 70 10.28 -5.22 10.21
N PHE A 71 9.79 -5.21 8.97
CA PHE A 71 9.13 -6.38 8.41
C PHE A 71 10.14 -7.42 7.93
N LEU A 72 10.24 -8.52 8.66
CA LEU A 72 11.16 -9.59 8.30
C LEU A 72 12.61 -9.09 8.36
N GLY A 73 12.82 -8.02 9.12
CA GLY A 73 14.16 -7.47 9.25
C GLY A 73 14.33 -6.17 8.47
N LYS A 74 13.53 -6.01 7.42
CA LYS A 74 13.60 -4.81 6.59
C LYS A 74 12.44 -3.87 6.91
N GLU A 75 12.73 -2.58 6.93
CA GLU A 75 11.72 -1.57 7.23
C GLU A 75 10.84 -1.32 6.01
N MET A 76 9.53 -1.44 6.19
CA MET A 76 8.58 -1.22 5.11
C MET A 76 7.77 0.05 5.34
N LYS A 77 7.38 0.71 4.25
CA LYS A 77 6.61 1.94 4.33
C LYS A 77 5.15 1.70 3.91
N LEU A 78 4.28 2.64 4.25
CA LEU A 78 2.87 2.52 3.92
C LEU A 78 2.25 3.90 3.73
N TYR A 79 1.39 4.04 2.72
CA TYR A 79 0.73 5.30 2.44
C TYR A 79 -0.78 5.11 2.35
N PHE A 80 -1.50 6.23 2.35
CA PHE A 80 -2.96 6.19 2.28
C PHE A 80 -3.44 6.34 0.84
N ALA A 81 -2.66 5.80 -0.09
CA ALA A 81 -3.00 5.88 -1.51
C ALA A 81 -3.46 7.29 -1.89
N GLN A 82 -2.50 8.14 -2.24
CA GLN A 82 -2.81 9.52 -2.62
C GLN A 82 -1.73 10.07 -3.55
N THR A 83 -2.14 10.92 -4.49
CA THR A 83 -1.22 11.52 -5.43
C THR A 83 0.03 12.06 -4.73
N LEU A 84 1.17 11.93 -5.39
CA LEU A 84 2.43 12.41 -4.83
C LEU A 84 2.37 13.91 -4.55
N HIS A 85 2.18 14.28 -3.30
CA HIS A 85 2.11 15.68 -2.90
C HIS A 85 3.32 16.07 -2.05
N ILE A 86 4.44 16.34 -2.70
CA ILE A 86 5.66 16.73 -2.00
C ILE A 86 6.31 17.94 -2.65
N GLY A 87 6.10 19.11 -2.05
CA GLY A 87 6.68 20.33 -2.59
C GLY A 87 7.65 20.99 -1.62
N SER A 88 8.78 21.45 -2.15
CA SER A 88 9.79 22.10 -1.33
C SER A 88 10.87 22.74 -2.20
N SER A 89 11.39 23.87 -1.75
CA SER A 89 12.43 24.60 -2.49
C SER A 89 13.82 24.17 -2.03
N HIS A 90 14.69 23.85 -2.99
CA HIS A 90 16.04 23.43 -2.69
C HIS A 90 16.97 23.70 -3.87
N LEU A 91 18.27 23.63 -3.61
CA LEU A 91 19.27 23.88 -4.65
C LEU A 91 20.57 23.15 -4.34
N ALA A 92 21.14 23.43 -3.18
CA ALA A 92 22.39 22.79 -2.76
C ALA A 92 23.47 22.96 -3.82
N PRO A 93 24.04 24.17 -3.92
CA PRO A 93 25.10 24.47 -4.89
C PRO A 93 26.41 23.77 -4.57
N PRO A 94 27.24 23.56 -5.60
CA PRO A 94 28.54 22.89 -5.45
C PRO A 94 29.54 23.76 -4.69
N ASN A 95 30.38 23.11 -3.89
CA ASN A 95 31.38 23.81 -3.10
C ASN A 95 32.35 24.56 -4.01
N PRO A 96 32.80 25.75 -3.56
CA PRO A 96 33.73 26.58 -4.32
C PRO A 96 35.12 25.98 -4.39
N ASP A 97 35.42 25.30 -5.49
CA ASP A 97 36.73 24.68 -5.67
C ASP A 97 37.05 24.53 -7.15
N LYS A 98 38.10 25.22 -7.60
CA LYS A 98 38.52 25.16 -9.00
C LYS A 98 39.99 25.57 -9.15
N SER A 99 40.66 24.98 -10.12
CA SER A 99 42.06 25.28 -10.37
C SER A 99 42.54 24.63 -11.66
N GLY A 100 43.52 25.26 -12.32
CA GLY A 100 44.05 24.72 -13.55
C GLY A 100 44.03 23.21 -13.59
N PRO A 101 42.98 22.64 -14.20
CA PRO A 101 42.81 21.19 -14.32
C PRO A 101 43.82 20.57 -15.27
N SER A 102 44.21 19.34 -14.99
CA SER A 102 45.18 18.62 -15.82
C SER A 102 44.97 17.12 -15.74
N SER A 103 45.85 16.37 -16.40
CA SER A 103 45.75 14.91 -16.41
C SER A 103 45.89 14.35 -15.00
N GLY A 104 45.33 13.17 -14.77
CA GLY A 104 45.41 12.54 -13.46
C GLY A 104 46.82 12.14 -13.10
N GLY A 1 -23.97 2.48 -1.99
CA GLY A 1 -23.31 2.15 -3.24
C GLY A 1 -21.81 2.14 -3.12
N SER A 2 -21.31 1.45 -2.09
CA SER A 2 -19.87 1.36 -1.85
C SER A 2 -19.27 2.75 -1.62
N SER A 3 -18.95 3.05 -0.36
CA SER A 3 -18.38 4.33 -0.01
C SER A 3 -17.06 4.15 0.74
N GLY A 4 -16.06 4.95 0.38
CA GLY A 4 -14.76 4.86 1.02
C GLY A 4 -13.90 3.75 0.44
N SER A 5 -12.75 4.14 -0.10
CA SER A 5 -11.83 3.17 -0.70
C SER A 5 -11.10 2.37 0.38
N SER A 6 -10.59 3.08 1.39
CA SER A 6 -9.87 2.46 2.48
C SER A 6 -8.69 1.63 1.96
N GLY A 7 -7.86 2.26 1.13
CA GLY A 7 -6.71 1.59 0.57
C GLY A 7 -5.39 2.12 1.11
N LEU A 8 -4.36 1.29 1.06
CA LEU A 8 -3.04 1.68 1.55
C LEU A 8 -1.94 1.18 0.63
N ILE A 9 -0.98 2.04 0.33
CA ILE A 9 0.12 1.68 -0.54
C ILE A 9 1.35 1.25 0.28
N ALA A 10 1.54 -0.06 0.40
CA ALA A 10 2.67 -0.60 1.15
C ALA A 10 3.92 -0.66 0.29
N CYS A 11 4.95 0.07 0.69
CA CYS A 11 6.21 0.11 -0.06
C CYS A 11 7.19 -0.92 0.50
N VAL A 12 7.41 -1.99 -0.26
CA VAL A 12 8.33 -3.04 0.15
C VAL A 12 9.61 -3.03 -0.67
N ALA A 13 10.71 -3.46 -0.07
CA ALA A 13 11.99 -3.50 -0.77
C ALA A 13 12.44 -4.93 -1.01
N ASN A 14 11.60 -5.89 -0.61
CA ASN A 14 11.92 -7.30 -0.79
C ASN A 14 11.22 -7.86 -2.03
N ASP A 15 11.97 -7.98 -3.12
CA ASP A 15 11.43 -8.50 -4.37
C ASP A 15 10.72 -9.83 -4.14
N ASP A 16 11.24 -10.62 -3.20
CA ASP A 16 10.65 -11.92 -2.89
C ASP A 16 9.18 -11.77 -2.51
N VAL A 17 8.86 -10.66 -1.85
CA VAL A 17 7.48 -10.40 -1.43
C VAL A 17 6.54 -10.40 -2.62
N PHE A 18 7.09 -10.24 -3.81
CA PHE A 18 6.28 -10.23 -5.03
C PHE A 18 6.16 -11.63 -5.63
N SER A 19 7.18 -12.46 -5.39
CA SER A 19 7.19 -13.83 -5.90
C SER A 19 6.10 -14.66 -5.24
N GLU A 20 5.70 -15.73 -5.90
CA GLU A 20 4.66 -16.61 -5.38
C GLU A 20 5.25 -17.64 -4.42
N SER A 21 6.58 -17.66 -4.33
CA SER A 21 7.28 -18.60 -3.46
C SER A 21 6.51 -18.81 -2.16
N GLU A 22 6.49 -17.78 -1.31
CA GLU A 22 5.79 -17.85 -0.04
C GLU A 22 5.87 -16.52 0.70
N THR A 23 7.06 -15.92 0.68
CA THR A 23 7.27 -14.64 1.36
C THR A 23 6.06 -13.72 1.20
N ARG A 24 5.44 -13.79 0.03
CA ARG A 24 4.27 -12.95 -0.26
C ARG A 24 3.23 -13.10 0.85
N ALA A 25 2.91 -14.34 1.20
CA ALA A 25 1.92 -14.61 2.24
C ALA A 25 2.30 -13.92 3.55
N LYS A 26 3.58 -14.00 3.91
CA LYS A 26 4.07 -13.38 5.13
C LYS A 26 3.67 -11.91 5.19
N PHE A 27 3.50 -11.30 4.02
CA PHE A 27 3.12 -9.89 3.94
C PHE A 27 1.60 -9.74 3.95
N GLU A 28 0.92 -10.63 3.24
CA GLU A 28 -0.54 -10.58 3.16
C GLU A 28 -1.16 -10.72 4.54
N SER A 29 -0.92 -11.85 5.20
CA SER A 29 -1.46 -12.10 6.52
C SER A 29 -1.41 -10.83 7.38
N LEU A 30 -0.30 -10.11 7.29
CA LEU A 30 -0.14 -8.88 8.06
C LEU A 30 -1.43 -8.08 8.09
N PHE A 31 -2.03 -7.86 6.92
CA PHE A 31 -3.28 -7.12 6.83
C PHE A 31 -4.47 -8.06 6.85
N ARG A 32 -4.41 -9.13 6.05
CA ARG A 32 -5.49 -10.10 5.99
C ARG A 32 -5.99 -10.46 7.38
N THR A 33 -5.10 -10.40 8.36
CA THR A 33 -5.44 -10.71 9.74
C THR A 33 -6.65 -9.91 10.20
N TYR A 34 -6.66 -8.62 9.85
CA TYR A 34 -7.75 -7.74 10.24
C TYR A 34 -8.99 -8.02 9.40
N ASP A 35 -8.92 -7.72 8.12
CA ASP A 35 -10.03 -7.95 7.21
C ASP A 35 -9.76 -9.14 6.30
N LYS A 36 -10.80 -9.92 6.04
CA LYS A 36 -10.68 -11.10 5.17
C LYS A 36 -11.02 -10.75 3.73
N ASP A 37 -11.67 -9.60 3.54
CA ASP A 37 -12.05 -9.16 2.21
C ASP A 37 -11.07 -8.12 1.68
N THR A 38 -9.85 -8.15 2.18
CA THR A 38 -8.82 -7.22 1.77
C THR A 38 -8.15 -7.68 0.47
N THR A 39 -8.22 -6.85 -0.57
CA THR A 39 -7.63 -7.17 -1.85
C THR A 39 -6.20 -6.64 -1.95
N PHE A 40 -5.30 -7.47 -2.44
CA PHE A 40 -3.89 -7.09 -2.58
C PHE A 40 -3.51 -6.98 -4.05
N GLN A 41 -2.85 -5.88 -4.41
CA GLN A 41 -2.42 -5.65 -5.78
C GLN A 41 -0.93 -5.29 -5.84
N TYR A 42 -0.12 -6.24 -6.28
CA TYR A 42 1.32 -6.03 -6.39
C TYR A 42 1.70 -5.53 -7.78
N PHE A 43 2.43 -4.42 -7.81
CA PHE A 43 2.86 -3.84 -9.09
C PHE A 43 4.36 -3.97 -9.26
N LYS A 44 4.77 -5.01 -9.99
CA LYS A 44 6.19 -5.26 -10.24
C LYS A 44 6.81 -4.11 -11.01
N SER A 45 5.97 -3.26 -11.60
CA SER A 45 6.44 -2.12 -12.38
C SER A 45 6.89 -0.99 -11.46
N PHE A 46 6.08 -0.69 -10.46
CA PHE A 46 6.39 0.37 -9.51
C PHE A 46 6.77 -0.21 -8.15
N LYS A 47 7.07 -1.50 -8.13
CA LYS A 47 7.46 -2.18 -6.90
C LYS A 47 6.60 -1.71 -5.73
N ARG A 48 5.36 -1.35 -6.02
CA ARG A 48 4.44 -0.88 -4.99
C ARG A 48 3.39 -1.94 -4.67
N VAL A 49 2.69 -1.75 -3.56
CA VAL A 49 1.65 -2.70 -3.15
C VAL A 49 0.38 -1.97 -2.74
N ARG A 50 -0.70 -2.20 -3.50
CA ARG A 50 -1.97 -1.56 -3.21
C ARG A 50 -2.91 -2.52 -2.48
N ILE A 51 -3.26 -2.17 -1.25
CA ILE A 51 -4.14 -2.99 -0.44
C ILE A 51 -5.48 -2.29 -0.19
N ASN A 52 -6.55 -2.87 -0.73
CA ASN A 52 -7.88 -2.31 -0.56
C ASN A 52 -8.65 -3.03 0.55
N PHE A 53 -9.03 -2.29 1.58
CA PHE A 53 -9.78 -2.87 2.69
C PHE A 53 -11.28 -2.68 2.50
N SER A 54 -12.07 -3.35 3.34
CA SER A 54 -13.52 -3.27 3.27
C SER A 54 -14.04 -2.14 4.14
N ASN A 55 -13.17 -1.59 4.97
CA ASN A 55 -13.55 -0.49 5.86
C ASN A 55 -12.36 0.42 6.14
N PRO A 56 -12.64 1.73 6.28
CA PRO A 56 -11.60 2.73 6.54
C PRO A 56 -11.03 2.61 7.95
N LEU A 57 -11.74 1.91 8.81
CA LEU A 57 -11.30 1.72 10.20
C LEU A 57 -10.00 0.91 10.24
N SER A 58 -10.07 -0.34 9.78
CA SER A 58 -8.90 -1.20 9.78
C SER A 58 -7.72 -0.54 9.07
N ALA A 59 -7.97 -0.03 7.86
CA ALA A 59 -6.93 0.63 7.08
C ALA A 59 -6.02 1.46 7.98
N ALA A 60 -6.61 2.08 9.00
CA ALA A 60 -5.86 2.90 9.94
C ALA A 60 -4.95 2.06 10.82
N ASP A 61 -5.55 1.19 11.61
CA ASP A 61 -4.79 0.31 12.49
C ASP A 61 -3.70 -0.44 11.72
N ALA A 62 -4.10 -1.10 10.65
CA ALA A 62 -3.17 -1.86 9.82
C ALA A 62 -1.85 -1.11 9.66
N ARG A 63 -1.92 0.21 9.77
CA ARG A 63 -0.72 1.04 9.62
C ARG A 63 -0.01 1.20 10.97
N LEU A 64 -0.75 1.67 11.98
CA LEU A 64 -0.19 1.86 13.30
C LEU A 64 0.50 0.59 13.80
N ARG A 65 0.01 -0.56 13.35
CA ARG A 65 0.57 -1.84 13.74
C ARG A 65 1.73 -2.23 12.82
N LEU A 66 1.61 -1.88 11.54
CA LEU A 66 2.65 -2.19 10.57
C LEU A 66 3.51 -0.96 10.28
N HIS A 67 3.93 -0.83 9.03
CA HIS A 67 4.76 0.30 8.61
C HIS A 67 6.24 0.02 8.89
N LYS A 68 6.98 1.06 9.26
CA LYS A 68 8.40 0.92 9.55
C LYS A 68 8.71 -0.43 10.17
N THR A 69 7.75 -0.94 10.95
CA THR A 69 7.91 -2.23 11.61
C THR A 69 8.65 -3.22 10.72
N GLU A 70 9.77 -3.74 11.22
CA GLU A 70 10.57 -4.69 10.47
C GLU A 70 9.75 -5.93 10.11
N PHE A 71 9.25 -5.97 8.88
CA PHE A 71 8.45 -7.09 8.40
C PHE A 71 9.33 -8.29 8.08
N LEU A 72 9.86 -8.32 6.87
CA LEU A 72 10.72 -9.41 6.43
C LEU A 72 12.18 -9.07 6.64
N GLY A 73 12.48 -8.44 7.78
CA GLY A 73 13.85 -8.08 8.08
C GLY A 73 14.18 -6.67 7.64
N LYS A 74 13.40 -6.14 6.71
CA LYS A 74 13.62 -4.79 6.19
C LYS A 74 12.47 -3.87 6.60
N GLU A 75 12.76 -2.58 6.67
CA GLU A 75 11.76 -1.59 7.05
C GLU A 75 10.74 -1.39 5.92
N MET A 76 9.48 -1.68 6.22
CA MET A 76 8.41 -1.53 5.23
C MET A 76 7.69 -0.20 5.41
N LYS A 77 7.20 0.36 4.30
CA LYS A 77 6.48 1.63 4.34
C LYS A 77 5.02 1.43 3.97
N LEU A 78 4.18 2.40 4.35
CA LEU A 78 2.76 2.33 4.06
C LEU A 78 2.18 3.73 3.88
N TYR A 79 1.47 3.93 2.77
CA TYR A 79 0.86 5.23 2.49
C TYR A 79 -0.64 5.09 2.30
N PHE A 80 -1.32 6.22 2.17
CA PHE A 80 -2.77 6.24 1.98
C PHE A 80 -3.13 6.45 0.52
N ALA A 81 -3.63 5.40 -0.13
CA ALA A 81 -4.02 5.48 -1.53
C ALA A 81 -5.24 6.37 -1.72
N GLN A 82 -5.08 7.43 -2.51
CA GLN A 82 -6.18 8.35 -2.77
C GLN A 82 -6.21 8.75 -4.25
N THR A 83 -5.08 9.26 -4.74
CA THR A 83 -4.99 9.68 -6.14
C THR A 83 -3.95 8.85 -6.89
N LEU A 84 -3.89 9.04 -8.20
CA LEU A 84 -2.95 8.32 -9.04
C LEU A 84 -1.58 9.00 -9.03
N HIS A 85 -1.58 10.31 -9.27
CA HIS A 85 -0.34 11.08 -9.29
C HIS A 85 0.59 10.58 -10.38
N ILE A 86 0.51 11.19 -11.55
CA ILE A 86 1.35 10.80 -12.68
C ILE A 86 2.18 11.97 -13.17
N GLY A 87 3.03 11.71 -14.16
CA GLY A 87 3.88 12.76 -14.71
C GLY A 87 4.86 12.24 -15.73
N SER A 88 5.79 11.41 -15.29
CA SER A 88 6.80 10.84 -16.18
C SER A 88 7.64 11.94 -16.84
N SER A 89 8.92 11.67 -17.00
CA SER A 89 9.83 12.64 -17.61
C SER A 89 9.20 13.29 -18.83
N HIS A 90 9.69 14.47 -19.19
CA HIS A 90 9.17 15.19 -20.34
C HIS A 90 9.19 14.32 -21.59
N LEU A 91 10.35 13.75 -21.91
CA LEU A 91 10.50 12.89 -23.06
C LEU A 91 11.86 12.22 -23.08
N ALA A 92 12.91 13.03 -22.94
CA ALA A 92 14.27 12.53 -22.94
C ALA A 92 14.58 11.79 -24.24
N PRO A 93 14.92 12.55 -25.29
CA PRO A 93 15.25 12.00 -26.61
C PRO A 93 16.58 11.25 -26.61
N PRO A 94 16.69 10.22 -27.46
CA PRO A 94 17.90 9.41 -27.57
C PRO A 94 19.05 10.17 -28.21
N ASN A 95 20.26 10.00 -27.65
CA ASN A 95 21.43 10.67 -28.17
C ASN A 95 22.06 9.88 -29.32
N PRO A 96 22.53 10.60 -30.35
CA PRO A 96 23.16 10.00 -31.52
C PRO A 96 24.52 9.38 -31.20
N ASP A 97 25.09 8.67 -32.16
CA ASP A 97 26.39 8.04 -31.98
C ASP A 97 27.00 7.67 -33.33
N LYS A 98 27.82 8.57 -33.86
CA LYS A 98 28.47 8.34 -35.15
C LYS A 98 29.06 6.94 -35.21
N SER A 99 28.82 6.26 -36.33
CA SER A 99 29.33 4.90 -36.52
C SER A 99 29.38 4.55 -38.00
N GLY A 100 30.14 3.50 -38.33
CA GLY A 100 30.26 3.07 -39.72
C GLY A 100 31.33 2.02 -39.90
N PRO A 101 31.17 1.19 -40.94
CA PRO A 101 32.12 0.11 -41.25
C PRO A 101 33.46 0.65 -41.76
N SER A 102 34.34 -0.25 -42.18
CA SER A 102 35.65 0.13 -42.69
C SER A 102 36.04 -0.74 -43.87
N SER A 103 37.11 -0.35 -44.57
CA SER A 103 37.59 -1.09 -45.72
C SER A 103 38.94 -0.55 -46.19
N GLY A 104 39.71 -1.41 -46.86
CA GLY A 104 41.01 -1.00 -47.35
C GLY A 104 41.92 -0.52 -46.25
#